data_8BEJ
#
_entry.id   8BEJ
#
_cell.length_a   1.00
_cell.length_b   1.00
_cell.length_c   1.00
_cell.angle_alpha   90.00
_cell.angle_beta   90.00
_cell.angle_gamma   90.00
#
_symmetry.space_group_name_H-M   'P 1'
#
loop_
_entity.id
_entity.type
_entity.pdbx_description
1 polymer 'Gamma-aminobutyric acid receptor subunit alpha-5'
2 non-polymer 2-acetamido-2-deoxy-beta-D-glucopyranose
#
_entity_poly.entity_id   1
_entity_poly.type   'polypeptide(L)'
_entity_poly.pdbx_seq_one_letter_code
;QMPTSSVKDETNDNITIFTRILDGLLDGYDNRLRPGLGERITQVRTDMYVNSFGPVSDTEMEYTIDIFFAQTWKDERLRF
KGPMQRLPLNNLLASKIWTPDTFFHNGKKSFAHWMTTPNRMLRIWNDGRVLYTLRLTISAECPMDLEDFPMDEQNCPLKF
GSYAYPNSEVVYVWTNGSTKSVVVAEDGSRLNQYHLMGQTVGTENISTSTGEYTIMTAHFHLKRKIGYFVIQTYLPCIMT
VILSQVSFWLNRESVAARTVFGVTTVLTMTTLSISARNSLPKVAYATAMDWFIAVCYAFVFSALLEFAFVNYITKSQPAR
AAKIDKMSRIVFPILFGTFNLVYWATYLNGTTETSQVAPA
;
_entity_poly.pdbx_strand_id   A,B,C,D,E
#
# COMPACT_ATOMS: atom_id res chain seq x y z
N ASN A 14 9.87 42.25 -34.74
CA ASN A 14 11.00 42.26 -33.82
C ASN A 14 11.11 40.94 -33.06
N ILE A 15 10.08 40.11 -33.18
CA ILE A 15 10.06 38.81 -32.52
C ILE A 15 10.42 37.73 -33.54
N THR A 16 10.08 37.98 -34.81
CA THR A 16 10.41 37.01 -35.85
C THR A 16 11.90 36.73 -35.92
N ILE A 17 12.73 37.69 -35.49
CA ILE A 17 14.18 37.48 -35.50
C ILE A 17 14.53 36.27 -34.65
N PHE A 18 13.88 36.13 -33.49
CA PHE A 18 14.15 34.97 -32.63
C PHE A 18 13.80 33.67 -33.34
N THR A 19 12.65 33.65 -34.02
CA THR A 19 12.21 32.42 -34.67
C THR A 19 13.19 31.98 -35.76
N ARG A 20 13.69 32.93 -36.55
CA ARG A 20 14.62 32.57 -37.62
C ARG A 20 15.89 31.95 -37.07
N ILE A 21 16.40 32.49 -35.97
CA ILE A 21 17.65 31.97 -35.40
C ILE A 21 17.46 30.52 -34.96
N LEU A 22 16.34 30.22 -34.29
CA LEU A 22 16.11 28.85 -33.84
C LEU A 22 16.07 27.89 -35.00
N ASP A 23 15.41 28.27 -36.09
CA ASP A 23 15.37 27.41 -37.28
C ASP A 23 16.77 27.20 -37.83
N GLY A 24 17.59 28.25 -37.84
CA GLY A 24 18.95 28.10 -38.32
C GLY A 24 19.77 27.14 -37.48
N LEU A 25 19.60 27.20 -36.16
CA LEU A 25 20.34 26.30 -35.28
C LEU A 25 19.99 24.84 -35.58
N LEU A 26 18.70 24.55 -35.73
CA LEU A 26 18.27 23.19 -36.04
C LEU A 26 18.53 22.80 -37.49
N ASP A 27 18.85 23.77 -38.36
CA ASP A 27 19.12 23.46 -39.75
C ASP A 27 20.41 22.64 -39.85
N GLY A 28 20.27 21.37 -40.24
CA GLY A 28 21.43 20.52 -40.35
C GLY A 28 22.02 20.07 -39.04
N TYR A 29 21.24 20.09 -37.96
CA TYR A 29 21.69 19.68 -36.64
C TYR A 29 21.20 18.28 -36.34
N ASP A 30 22.14 17.40 -35.96
CA ASP A 30 21.82 16.02 -35.63
C ASP A 30 21.96 15.85 -34.12
N ASN A 31 20.87 15.45 -33.46
CA ASN A 31 20.86 15.25 -32.02
C ASN A 31 21.45 13.91 -31.61
N ARG A 32 21.70 13.01 -32.56
CA ARG A 32 22.26 11.70 -32.24
C ARG A 32 23.78 11.74 -32.07
N LEU A 33 24.41 12.87 -32.35
CA LEU A 33 25.86 13.01 -32.24
C LEU A 33 26.20 14.02 -31.16
N ARG A 34 27.04 13.61 -30.21
CA ARG A 34 27.45 14.51 -29.15
C ARG A 34 28.30 15.64 -29.72
N PRO A 35 28.29 16.81 -29.10
CA PRO A 35 29.10 17.93 -29.60
C PRO A 35 30.58 17.61 -29.53
N GLY A 36 31.33 18.15 -30.50
CA GLY A 36 32.76 17.93 -30.54
C GLY A 36 33.14 16.47 -30.69
N LEU A 37 32.35 15.72 -31.46
CA LEU A 37 32.63 14.30 -31.66
C LEU A 37 33.88 14.13 -32.53
N GLY A 38 34.76 13.23 -32.11
CA GLY A 38 35.98 12.98 -32.86
C GLY A 38 36.93 14.14 -32.93
N GLU A 39 36.77 15.13 -32.04
CA GLU A 39 37.63 16.30 -32.03
C GLU A 39 38.19 16.56 -30.63
N ARG A 40 37.44 16.18 -29.61
CA ARG A 40 37.82 16.41 -28.22
C ARG A 40 36.87 15.60 -27.34
N ILE A 41 36.98 15.78 -26.03
CA ILE A 41 36.12 15.11 -25.06
C ILE A 41 35.11 16.12 -24.54
N THR A 42 33.83 15.76 -24.58
CA THR A 42 32.78 16.65 -24.12
C THR A 42 32.85 16.78 -22.60
N GLN A 43 32.85 18.03 -22.13
CA GLN A 43 32.94 18.33 -20.71
C GLN A 43 31.58 18.81 -20.21
N VAL A 44 31.11 18.22 -19.12
CA VAL A 44 29.81 18.54 -18.54
C VAL A 44 30.01 18.99 -17.10
N ARG A 45 29.40 20.11 -16.75
CA ARG A 45 29.42 20.64 -15.39
C ARG A 45 28.04 20.45 -14.77
N THR A 46 28.01 19.89 -13.56
CA THR A 46 26.77 19.56 -12.88
C THR A 46 26.67 20.35 -11.58
N ASP A 47 25.53 21.01 -11.38
CA ASP A 47 25.22 21.69 -10.14
C ASP A 47 23.83 21.28 -9.70
N MET A 48 23.67 21.00 -8.41
CA MET A 48 22.44 20.45 -7.87
C MET A 48 21.85 21.40 -6.84
N TYR A 49 20.53 21.60 -6.91
CA TYR A 49 19.80 22.39 -5.94
C TYR A 49 18.68 21.52 -5.40
N VAL A 50 18.75 21.17 -4.13
CA VAL A 50 17.78 20.28 -3.51
C VAL A 50 16.55 21.09 -3.13
N ASN A 51 15.46 20.90 -3.88
CA ASN A 51 14.21 21.59 -3.54
C ASN A 51 13.69 21.13 -2.19
N SER A 52 13.76 19.82 -1.91
CA SER A 52 13.30 19.28 -0.65
C SER A 52 13.85 17.87 -0.49
N PHE A 53 14.39 17.58 0.69
CA PHE A 53 14.90 16.25 1.01
C PHE A 53 13.76 15.45 1.62
N GLY A 54 13.19 14.55 0.83
CA GLY A 54 12.02 13.81 1.23
C GLY A 54 12.28 12.87 2.39
N PRO A 55 11.24 12.16 2.83
CA PRO A 55 11.40 11.26 3.97
C PRO A 55 12.31 10.09 3.63
N VAL A 56 12.94 9.56 4.68
CA VAL A 56 13.84 8.42 4.56
C VAL A 56 13.11 7.21 5.13
N SER A 57 12.82 6.23 4.27
CA SER A 57 12.14 5.01 4.69
C SER A 57 13.18 4.02 5.18
N ASP A 58 13.31 3.90 6.50
CA ASP A 58 14.29 2.97 7.06
C ASP A 58 13.96 1.54 6.68
N THR A 59 12.68 1.17 6.72
CA THR A 59 12.28 -0.19 6.40
C THR A 59 12.68 -0.55 4.96
N GLU A 60 12.46 0.36 4.03
CA GLU A 60 12.79 0.14 2.63
C GLU A 60 14.23 0.51 2.30
N MET A 61 14.98 1.05 3.26
CA MET A 61 16.39 1.39 3.05
C MET A 61 16.56 2.32 1.84
N GLU A 62 15.69 3.33 1.76
CA GLU A 62 15.72 4.27 0.66
C GLU A 62 15.26 5.62 1.18
N TYR A 63 15.30 6.62 0.29
CA TYR A 63 14.88 7.96 0.63
C TYR A 63 14.35 8.65 -0.61
N THR A 64 13.58 9.71 -0.40
CA THR A 64 13.03 10.52 -1.47
C THR A 64 13.66 11.90 -1.46
N ILE A 65 13.96 12.43 -2.64
CA ILE A 65 14.60 13.73 -2.77
C ILE A 65 14.04 14.43 -4.00
N ASP A 66 13.79 15.73 -3.87
CA ASP A 66 13.35 16.57 -4.97
C ASP A 66 14.44 17.61 -5.25
N ILE A 67 14.96 17.60 -6.48
CA ILE A 67 16.11 18.44 -6.83
C ILE A 67 15.86 19.08 -8.19
N PHE A 68 16.56 20.20 -8.42
CA PHE A 68 16.62 20.84 -9.73
C PHE A 68 17.98 20.51 -10.33
N PHE A 69 18.08 19.33 -10.91
CA PHE A 69 19.35 18.89 -11.49
C PHE A 69 19.69 19.73 -12.70
N ALA A 70 20.93 20.23 -12.75
CA ALA A 70 21.37 21.14 -13.79
C ALA A 70 22.67 20.64 -14.40
N GLN A 71 22.79 20.80 -15.71
CA GLN A 71 23.97 20.42 -16.46
C GLN A 71 24.37 21.56 -17.38
N THR A 72 25.67 21.66 -17.64
CA THR A 72 26.21 22.67 -18.53
C THR A 72 27.29 22.06 -19.41
N TRP A 73 27.29 22.43 -20.68
CA TRP A 73 28.30 21.93 -21.62
C TRP A 73 28.34 22.87 -22.81
N LYS A 74 29.36 22.66 -23.66
CA LYS A 74 29.64 23.53 -24.79
C LYS A 74 29.26 22.82 -26.09
N ASP A 75 28.55 23.53 -26.95
CA ASP A 75 28.18 23.02 -28.27
C ASP A 75 28.44 24.11 -29.30
N GLU A 76 29.41 23.87 -30.19
CA GLU A 76 29.75 24.86 -31.19
C GLU A 76 28.64 25.01 -32.23
N ARG A 77 27.89 23.94 -32.49
CA ARG A 77 26.82 24.00 -33.49
C ARG A 77 25.73 25.00 -33.12
N LEU A 78 25.64 25.39 -31.86
CA LEU A 78 24.58 26.28 -31.39
C LEU A 78 25.03 27.74 -31.32
N ARG A 79 26.23 28.05 -31.79
CA ARG A 79 26.69 29.42 -31.80
C ARG A 79 25.79 30.28 -32.68
N PHE A 80 25.45 31.46 -32.20
CA PHE A 80 24.55 32.36 -32.92
C PHE A 80 24.90 33.80 -32.60
N LYS A 81 24.43 34.70 -33.45
CA LYS A 81 24.63 36.13 -33.29
C LYS A 81 23.28 36.82 -33.35
N GLY A 82 23.01 37.69 -32.38
CA GLY A 82 21.75 38.40 -32.32
C GLY A 82 21.72 39.44 -31.23
N PRO A 83 20.67 40.28 -31.23
CA PRO A 83 20.58 41.33 -30.20
C PRO A 83 20.52 40.77 -28.78
N MET A 84 19.92 39.60 -28.59
CA MET A 84 19.76 39.01 -27.27
C MET A 84 20.87 37.99 -27.03
N GLN A 85 21.54 38.11 -25.88
CA GLN A 85 22.66 37.24 -25.55
C GLN A 85 22.23 35.92 -24.92
N ARG A 86 20.95 35.74 -24.64
CA ARG A 86 20.45 34.51 -24.02
C ARG A 86 19.11 34.15 -24.63
N LEU A 87 18.79 32.86 -24.60
CA LEU A 87 17.57 32.32 -25.20
C LEU A 87 16.88 31.41 -24.19
N PRO A 88 16.21 31.98 -23.19
CA PRO A 88 15.41 31.15 -22.29
C PRO A 88 14.34 30.40 -23.06
N LEU A 89 14.11 29.15 -22.68
CA LEU A 89 13.19 28.28 -23.40
C LEU A 89 12.57 27.30 -22.41
N ASN A 90 11.92 26.26 -22.93
CA ASN A 90 11.23 25.27 -22.11
C ASN A 90 11.48 23.90 -22.74
N ASN A 91 10.69 22.91 -22.30
CA ASN A 91 10.89 21.54 -22.75
C ASN A 91 10.68 21.35 -24.24
N LEU A 92 10.04 22.32 -24.91
CA LEU A 92 9.70 22.14 -26.32
C LEU A 92 10.94 21.87 -27.16
N LEU A 93 12.01 22.63 -26.93
CA LEU A 93 13.24 22.47 -27.68
C LEU A 93 14.20 21.46 -27.06
N ALA A 94 13.88 20.93 -25.88
CA ALA A 94 14.79 20.02 -25.20
C ALA A 94 15.06 18.77 -26.03
N SER A 95 14.01 18.19 -26.62
CA SER A 95 14.15 16.96 -27.38
C SER A 95 14.72 17.17 -28.78
N LYS A 96 14.82 18.42 -29.23
CA LYS A 96 15.29 18.70 -30.59
C LYS A 96 16.81 18.68 -30.72
N ILE A 97 17.54 18.64 -29.60
CA ILE A 97 18.99 18.71 -29.63
C ILE A 97 19.57 17.62 -28.73
N TRP A 98 20.87 17.39 -28.90
CA TRP A 98 21.55 16.34 -28.14
C TRP A 98 21.62 16.70 -26.66
N THR A 99 21.39 15.70 -25.82
CA THR A 99 21.53 15.84 -24.39
C THR A 99 22.18 14.58 -23.84
N PRO A 100 22.92 14.70 -22.74
CA PRO A 100 23.58 13.52 -22.17
C PRO A 100 22.57 12.50 -21.66
N ASP A 101 22.96 11.24 -21.70
CA ASP A 101 22.13 10.14 -21.21
C ASP A 101 22.38 9.88 -19.73
N THR A 102 22.28 10.94 -18.93
CA THR A 102 22.56 10.83 -17.51
C THR A 102 21.52 9.94 -16.83
N PHE A 103 21.99 9.10 -15.91
CA PHE A 103 21.12 8.23 -15.14
C PHE A 103 21.73 8.04 -13.76
N PHE A 104 20.89 7.61 -12.82
CA PHE A 104 21.28 7.42 -11.44
C PHE A 104 21.48 5.93 -11.18
N HIS A 105 22.71 5.55 -10.82
CA HIS A 105 23.02 4.14 -10.60
C HIS A 105 22.19 3.56 -9.47
N ASN A 106 22.08 4.30 -8.37
CA ASN A 106 21.32 3.84 -7.20
C ASN A 106 19.88 4.32 -7.21
N GLY A 107 19.47 5.06 -8.24
CA GLY A 107 18.08 5.47 -8.36
C GLY A 107 17.18 4.32 -8.76
N LYS A 108 16.37 3.84 -7.82
CA LYS A 108 15.53 2.69 -8.10
C LYS A 108 14.32 3.04 -8.95
N LYS A 109 13.76 4.24 -8.78
CA LYS A 109 12.61 4.65 -9.58
C LYS A 109 12.60 6.18 -9.61
N SER A 110 13.03 6.75 -10.73
CA SER A 110 13.08 8.18 -10.92
C SER A 110 12.01 8.59 -11.94
N PHE A 111 11.12 9.47 -11.53
CA PHE A 111 10.05 9.98 -12.39
C PHE A 111 10.01 11.49 -12.31
N ALA A 112 9.96 12.15 -13.46
CA ALA A 112 9.90 13.60 -13.52
C ALA A 112 8.46 14.08 -13.33
N HIS A 113 8.32 15.39 -13.18
CA HIS A 113 7.02 16.03 -13.02
C HIS A 113 6.62 16.70 -14.31
N TRP A 114 5.43 16.35 -14.80
CA TRP A 114 4.94 16.85 -16.08
C TRP A 114 3.83 17.88 -15.93
N MET A 115 3.31 18.09 -14.73
CA MET A 115 2.23 19.04 -14.47
C MET A 115 2.78 20.27 -13.78
N THR A 116 2.37 21.46 -14.23
CA THR A 116 1.47 21.70 -15.35
C THR A 116 2.14 21.42 -16.68
N THR A 117 3.44 21.69 -16.74
CA THR A 117 4.27 21.47 -17.91
C THR A 117 5.54 20.75 -17.50
N PRO A 118 6.09 19.87 -18.36
CA PRO A 118 7.37 19.25 -18.03
C PRO A 118 8.40 20.27 -17.55
N ASN A 119 8.84 20.13 -16.31
CA ASN A 119 9.72 21.11 -15.67
C ASN A 119 11.12 20.95 -16.26
N ARG A 120 11.35 21.64 -17.37
CA ARG A 120 12.66 21.63 -18.02
C ARG A 120 12.96 23.03 -18.52
N MET A 121 14.21 23.46 -18.32
CA MET A 121 14.68 24.76 -18.78
C MET A 121 15.86 24.55 -19.72
N LEU A 122 15.88 25.32 -20.80
CA LEU A 122 16.95 25.25 -21.79
C LEU A 122 17.37 26.68 -22.14
N ARG A 123 18.65 26.97 -21.94
CA ARG A 123 19.20 28.29 -22.21
C ARG A 123 20.44 28.15 -23.07
N ILE A 124 20.65 29.11 -23.96
CA ILE A 124 21.77 29.09 -24.90
C ILE A 124 22.33 30.50 -25.01
N TRP A 125 23.65 30.60 -25.08
CA TRP A 125 24.35 31.86 -25.27
C TRP A 125 25.05 31.86 -26.64
N ASN A 126 25.58 33.03 -27.00
CA ASN A 126 26.21 33.18 -28.31
C ASN A 126 27.40 32.25 -28.45
N ASP A 127 28.20 32.10 -27.39
CA ASP A 127 29.37 31.25 -27.45
C ASP A 127 29.01 29.78 -27.70
N GLY A 128 27.76 29.40 -27.48
CA GLY A 128 27.32 28.03 -27.62
C GLY A 128 27.16 27.29 -26.32
N ARG A 129 27.36 27.94 -25.19
CA ARG A 129 27.15 27.29 -23.90
C ARG A 129 25.67 26.96 -23.70
N VAL A 130 25.40 25.83 -23.08
CA VAL A 130 24.05 25.31 -22.90
C VAL A 130 23.83 25.03 -21.43
N LEU A 131 22.65 25.39 -20.93
CA LEU A 131 22.23 25.09 -19.57
C LEU A 131 20.90 24.34 -19.63
N TYR A 132 20.86 23.18 -18.97
CA TYR A 132 19.71 22.27 -19.04
C TYR A 132 19.39 21.83 -17.61
N THR A 133 18.50 22.58 -16.96
CA THR A 133 18.07 22.27 -15.60
C THR A 133 16.81 21.41 -15.66
N LEU A 134 16.79 20.34 -14.88
CA LEU A 134 15.71 19.37 -14.90
C LEU A 134 15.29 19.05 -13.47
N ARG A 135 13.99 19.00 -13.24
CA ARG A 135 13.44 18.62 -11.94
C ARG A 135 13.21 17.12 -11.90
N LEU A 136 13.47 16.51 -10.74
CA LEU A 136 13.36 15.08 -10.60
C LEU A 136 12.98 14.72 -9.17
N THR A 137 12.43 13.53 -9.02
CA THR A 137 12.14 12.95 -7.71
C THR A 137 12.70 11.53 -7.72
N ILE A 138 13.64 11.25 -6.82
CA ILE A 138 14.43 10.02 -6.85
C ILE A 138 14.13 9.23 -5.58
N SER A 139 13.73 7.98 -5.76
CA SER A 139 13.59 7.04 -4.65
C SER A 139 14.85 6.18 -4.51
N ALA A 140 15.98 6.87 -4.35
CA ALA A 140 17.27 6.19 -4.30
C ALA A 140 17.40 5.39 -3.01
N GLU A 141 18.21 4.33 -3.08
CA GLU A 141 18.46 3.47 -1.94
C GLU A 141 19.63 4.01 -1.13
N CYS A 142 19.52 3.93 0.20
CA CYS A 142 20.56 4.38 1.12
C CYS A 142 20.92 3.23 2.05
N PRO A 143 21.87 2.37 1.68
CA PRO A 143 22.30 1.32 2.61
C PRO A 143 22.85 1.93 3.89
N MET A 144 22.53 1.30 5.01
CA MET A 144 22.90 1.79 6.33
C MET A 144 23.42 0.66 7.19
N ASP A 145 24.47 0.95 7.95
CA ASP A 145 25.05 0.00 8.90
C ASP A 145 24.53 0.36 10.28
N LEU A 146 23.49 -0.36 10.72
CA LEU A 146 22.84 -0.07 11.99
C LEU A 146 23.53 -0.77 13.16
N GLU A 147 24.85 -0.60 13.25
CA GLU A 147 25.60 -1.18 14.36
C GLU A 147 25.41 -0.35 15.62
N ASP A 148 25.31 0.97 15.49
CA ASP A 148 25.14 1.88 16.61
C ASP A 148 23.74 2.48 16.66
N PHE A 149 22.77 1.84 16.01
CA PHE A 149 21.42 2.37 16.00
C PHE A 149 20.88 2.46 17.42
N PRO A 150 20.16 3.54 17.77
CA PRO A 150 19.80 4.70 16.94
C PRO A 150 20.88 5.77 16.85
N MET A 151 21.90 5.74 17.72
CA MET A 151 22.96 6.74 17.68
C MET A 151 23.92 6.41 16.53
N ASP A 152 23.44 6.68 15.32
CA ASP A 152 24.18 6.37 14.10
C ASP A 152 24.22 7.59 13.20
N GLU A 153 25.31 7.71 12.45
CA GLU A 153 25.49 8.76 11.45
C GLU A 153 25.51 8.09 10.08
N GLN A 154 24.44 8.28 9.32
CA GLN A 154 24.27 7.64 8.03
C GLN A 154 24.74 8.56 6.92
N ASN A 155 25.33 7.97 5.89
CA ASN A 155 25.89 8.69 4.74
C ASN A 155 25.15 8.20 3.49
N CYS A 156 24.02 8.82 3.20
CA CYS A 156 23.23 8.43 2.03
C CYS A 156 23.84 9.04 0.78
N PRO A 157 24.29 8.24 -0.19
CA PRO A 157 24.91 8.81 -1.39
C PRO A 157 23.91 9.02 -2.52
N LEU A 158 24.39 9.66 -3.58
CA LEU A 158 23.61 9.84 -4.80
C LEU A 158 24.58 9.75 -5.98
N LYS A 159 24.54 8.64 -6.70
CA LYS A 159 25.47 8.36 -7.77
C LYS A 159 24.75 8.47 -9.11
N PHE A 160 25.37 9.18 -10.06
CA PHE A 160 24.84 9.30 -11.40
C PHE A 160 25.99 9.41 -12.39
N GLY A 161 25.70 9.09 -13.64
CA GLY A 161 26.71 9.13 -14.67
C GLY A 161 26.11 8.75 -16.00
N SER A 162 26.96 8.74 -17.02
CA SER A 162 26.54 8.37 -18.36
C SER A 162 26.25 6.87 -18.45
N TYR A 163 25.27 6.52 -19.28
CA TYR A 163 24.92 5.13 -19.51
C TYR A 163 25.56 4.54 -20.75
N ALA A 164 25.85 5.37 -21.76
CA ALA A 164 26.42 4.89 -23.01
C ALA A 164 27.70 5.59 -23.44
N TYR A 165 28.07 6.70 -22.81
CA TYR A 165 29.27 7.43 -23.19
C TYR A 165 30.37 7.16 -22.18
N PRO A 166 31.43 6.44 -22.54
CA PRO A 166 32.49 6.16 -21.56
C PRO A 166 33.21 7.40 -21.08
N ASN A 167 34.16 7.22 -20.16
CA ASN A 167 34.91 8.35 -19.62
C ASN A 167 35.78 9.02 -20.69
N SER A 168 36.06 8.33 -21.79
CA SER A 168 36.89 8.89 -22.84
C SER A 168 36.12 9.86 -23.75
N GLU A 169 34.79 9.89 -23.66
CA GLU A 169 33.97 10.75 -24.50
C GLU A 169 33.25 11.83 -23.71
N VAL A 170 32.65 11.47 -22.57
CA VAL A 170 31.90 12.39 -21.74
C VAL A 170 32.47 12.34 -20.33
N VAL A 171 32.71 13.52 -19.75
CA VAL A 171 33.26 13.65 -18.41
C VAL A 171 32.36 14.58 -17.61
N TYR A 172 32.01 14.16 -16.40
CA TYR A 172 31.22 14.97 -15.48
C TYR A 172 32.13 15.53 -14.40
N VAL A 173 32.01 16.83 -14.14
CA VAL A 173 32.81 17.50 -13.12
C VAL A 173 31.92 18.50 -12.39
N TRP A 174 32.04 18.54 -11.07
CA TRP A 174 31.32 19.54 -10.30
C TRP A 174 31.86 20.93 -10.59
N THR A 175 30.96 21.91 -10.61
CA THR A 175 31.31 23.29 -10.92
C THR A 175 31.75 24.01 -9.65
N ASN A 176 32.86 24.72 -9.74
CA ASN A 176 33.38 25.49 -8.60
C ASN A 176 33.66 24.52 -7.46
N GLY A 177 33.46 24.96 -6.21
CA GLY A 177 33.71 24.14 -5.05
C GLY A 177 32.51 23.29 -4.67
N SER A 178 32.66 22.57 -3.55
CA SER A 178 31.60 21.70 -3.07
C SER A 178 30.41 22.52 -2.59
N THR A 179 30.66 23.67 -1.97
CA THR A 179 29.58 24.48 -1.42
C THR A 179 28.61 24.93 -2.51
N LYS A 180 29.15 25.44 -3.62
CA LYS A 180 28.31 25.88 -4.72
C LYS A 180 27.76 24.72 -5.55
N SER A 181 28.46 23.58 -5.56
CA SER A 181 28.02 22.46 -6.38
C SER A 181 26.66 21.95 -5.91
N VAL A 182 26.46 21.84 -4.60
CA VAL A 182 25.22 21.35 -4.02
C VAL A 182 24.65 22.44 -3.14
N VAL A 183 23.37 22.76 -3.36
CA VAL A 183 22.66 23.77 -2.58
C VAL A 183 21.39 23.14 -2.03
N VAL A 184 21.14 23.34 -0.74
CA VAL A 184 19.98 22.77 -0.07
C VAL A 184 19.13 23.91 0.47
N ALA A 185 17.84 23.88 0.14
CA ALA A 185 16.92 24.89 0.66
C ALA A 185 16.77 24.74 2.16
N GLU A 186 16.61 25.88 2.84
CA GLU A 186 16.51 25.86 4.30
C GLU A 186 15.30 25.06 4.76
N ASP A 187 14.15 25.28 4.13
CA ASP A 187 12.93 24.56 4.49
C ASP A 187 12.85 23.20 3.84
N GLY A 188 13.65 22.95 2.79
CA GLY A 188 13.59 21.65 2.14
C GLY A 188 14.13 20.53 3.02
N SER A 189 15.21 20.80 3.76
CA SER A 189 15.85 19.79 4.60
C SER A 189 15.11 19.70 5.93
N ARG A 190 13.93 19.09 5.86
CA ARG A 190 13.08 18.88 7.04
C ARG A 190 12.66 17.42 7.07
N LEU A 191 13.19 16.68 8.04
CA LEU A 191 12.86 15.28 8.24
C LEU A 191 12.36 15.05 9.65
N ASN A 192 11.60 13.98 9.82
CA ASN A 192 10.98 13.71 11.12
C ASN A 192 12.00 13.15 12.12
N GLN A 193 12.94 12.34 11.65
CA GLN A 193 13.87 11.64 12.54
C GLN A 193 15.28 11.67 11.98
N TYR A 194 15.70 12.80 11.43
CA TYR A 194 17.05 12.93 10.89
C TYR A 194 17.44 14.40 10.85
N HIS A 195 18.74 14.65 11.04
CA HIS A 195 19.33 15.97 10.90
C HIS A 195 20.28 15.96 9.71
N LEU A 196 20.12 16.92 8.81
CA LEU A 196 20.99 17.04 7.64
C LEU A 196 22.22 17.83 8.05
N MET A 197 23.26 17.11 8.48
CA MET A 197 24.46 17.77 8.97
C MET A 197 25.19 18.53 7.86
N GLY A 198 25.25 17.96 6.67
CA GLY A 198 25.96 18.60 5.59
C GLY A 198 25.99 17.71 4.36
N GLN A 199 26.68 18.21 3.34
CA GLN A 199 26.75 17.54 2.04
C GLN A 199 28.18 17.54 1.54
N THR A 200 28.51 16.55 0.72
CA THR A 200 29.82 16.45 0.12
C THR A 200 29.68 15.82 -1.27
N VAL A 201 30.72 15.97 -2.07
CA VAL A 201 30.73 15.48 -3.44
C VAL A 201 32.01 14.68 -3.67
N GLY A 202 31.95 13.78 -4.65
CA GLY A 202 33.10 12.97 -4.99
C GLY A 202 32.97 12.41 -6.38
N THR A 203 34.10 12.15 -7.01
CA THR A 203 34.13 11.62 -8.37
C THR A 203 35.12 10.46 -8.44
N GLU A 204 34.83 9.49 -9.30
CA GLU A 204 35.68 8.33 -9.46
C GLU A 204 35.40 7.68 -10.81
N ASN A 205 36.35 6.88 -11.25
CA ASN A 205 36.23 6.10 -12.48
C ASN A 205 36.00 4.64 -12.14
N ILE A 206 35.13 3.99 -12.92
CA ILE A 206 34.81 2.58 -12.74
C ILE A 206 35.04 1.88 -14.08
N SER A 207 35.74 0.74 -14.03
CA SER A 207 36.01 -0.06 -15.23
C SER A 207 35.03 -1.22 -15.28
N THR A 208 34.40 -1.39 -16.43
CA THR A 208 33.41 -2.45 -16.63
C THR A 208 33.68 -3.10 -17.99
N SER A 209 32.76 -3.98 -18.40
CA SER A 209 32.91 -4.68 -19.67
C SER A 209 32.86 -3.70 -20.84
N THR A 210 31.98 -2.71 -20.76
CA THR A 210 31.77 -1.77 -21.85
C THR A 210 32.75 -0.59 -21.82
N GLY A 211 33.62 -0.52 -20.84
CA GLY A 211 34.63 0.51 -20.75
C GLY A 211 34.53 1.30 -19.46
N GLU A 212 35.38 2.31 -19.37
CA GLU A 212 35.43 3.16 -18.18
C GLU A 212 34.35 4.23 -18.26
N TYR A 213 33.68 4.46 -17.13
CA TYR A 213 32.65 5.48 -17.01
C TYR A 213 32.93 6.34 -15.79
N THR A 214 32.88 7.65 -15.98
CA THR A 214 33.02 8.57 -14.85
C THR A 214 31.77 8.51 -13.98
N ILE A 215 31.96 8.68 -12.68
CA ILE A 215 30.87 8.61 -11.71
C ILE A 215 30.92 9.86 -10.83
N MET A 216 29.76 10.47 -10.62
CA MET A 216 29.62 11.62 -9.73
C MET A 216 28.79 11.17 -8.54
N THR A 217 29.35 11.35 -7.33
CA THR A 217 28.72 10.91 -6.10
C THR A 217 28.53 12.09 -5.17
N ALA A 218 27.31 12.23 -4.66
CA ALA A 218 26.97 13.25 -3.66
C ALA A 218 26.55 12.53 -2.39
N HIS A 219 27.23 12.84 -1.29
CA HIS A 219 26.98 12.20 0.00
C HIS A 219 26.29 13.18 0.92
N PHE A 220 25.21 12.74 1.55
CA PHE A 220 24.49 13.53 2.55
C PHE A 220 24.73 12.90 3.92
N HIS A 221 25.25 13.70 4.85
CA HIS A 221 25.53 13.24 6.20
C HIS A 221 24.29 13.42 7.05
N LEU A 222 23.76 12.31 7.57
CA LEU A 222 22.53 12.31 8.36
C LEU A 222 22.86 11.92 9.78
N LYS A 223 22.49 12.76 10.73
CA LYS A 223 22.65 12.49 12.16
C LYS A 223 21.26 12.22 12.72
N ARG A 224 20.96 10.96 13.01
CA ARG A 224 19.65 10.60 13.52
C ARG A 224 19.38 11.32 14.82
N LYS A 225 18.20 11.92 14.94
CA LYS A 225 17.81 12.65 16.13
C LYS A 225 17.09 11.69 17.07
N ILE A 226 17.59 11.58 18.28
CA ILE A 226 17.04 10.68 19.28
C ILE A 226 15.96 11.42 20.06
N GLY A 227 15.02 10.66 20.62
CA GLY A 227 13.93 11.22 21.38
C GLY A 227 12.62 10.55 21.06
N TYR A 228 12.45 10.13 19.80
CA TYR A 228 11.26 9.36 19.44
C TYR A 228 11.32 7.97 20.07
N PHE A 229 12.49 7.33 20.03
CA PHE A 229 12.63 6.01 20.63
C PHE A 229 12.67 6.10 22.14
N VAL A 230 13.11 7.23 22.69
CA VAL A 230 13.09 7.43 24.14
C VAL A 230 11.66 7.33 24.65
N ILE A 231 10.74 8.00 23.96
CA ILE A 231 9.32 7.93 24.35
C ILE A 231 8.66 6.63 23.92
N GLN A 232 9.31 5.86 23.06
CA GLN A 232 8.71 4.65 22.49
C GLN A 232 9.26 3.38 23.11
N THR A 233 10.58 3.28 23.28
CA THR A 233 11.21 2.04 23.72
C THR A 233 11.94 2.18 25.04
N TYR A 234 12.84 3.17 25.17
CA TYR A 234 13.69 3.25 26.34
C TYR A 234 12.87 3.47 27.61
N LEU A 235 12.00 4.48 27.61
CA LEU A 235 11.24 4.80 28.81
C LEU A 235 10.40 3.63 29.29
N PRO A 236 9.60 2.97 28.44
CA PRO A 236 8.88 1.78 28.92
C PRO A 236 9.80 0.75 29.53
N CYS A 237 10.98 0.54 28.94
CA CYS A 237 11.95 -0.38 29.53
C CYS A 237 12.46 0.15 30.86
N ILE A 238 12.72 1.46 30.94
CA ILE A 238 13.22 2.04 32.18
C ILE A 238 12.20 1.89 33.29
N MET A 239 10.95 2.28 33.03
CA MET A 239 9.91 2.14 34.04
C MET A 239 9.60 0.68 34.32
N THR A 240 9.70 -0.18 33.30
CA THR A 240 9.46 -1.60 33.52
C THR A 240 10.45 -2.18 34.52
N VAL A 241 11.74 -1.82 34.38
CA VAL A 241 12.74 -2.29 35.34
C VAL A 241 12.42 -1.77 36.72
N ILE A 242 12.06 -0.49 36.84
CA ILE A 242 11.72 0.07 38.14
C ILE A 242 10.52 -0.66 38.72
N LEU A 243 9.54 -1.01 37.88
CA LEU A 243 8.37 -1.71 38.37
C LEU A 243 8.74 -3.05 38.99
N SER A 244 9.64 -3.80 38.33
CA SER A 244 10.04 -5.10 38.86
C SER A 244 10.72 -4.98 40.21
N GLN A 245 11.58 -3.96 40.36
CA GLN A 245 12.30 -3.78 41.62
C GLN A 245 11.36 -3.51 42.79
N VAL A 246 10.13 -3.09 42.52
CA VAL A 246 9.18 -2.86 43.61
C VAL A 246 8.92 -4.16 44.37
N SER A 247 8.96 -5.30 43.68
CA SER A 247 8.75 -6.57 44.35
C SER A 247 9.75 -6.80 45.47
N PHE A 248 10.93 -6.19 45.37
CA PHE A 248 11.93 -6.34 46.43
C PHE A 248 11.49 -5.69 47.73
N TRP A 249 10.54 -4.75 47.68
CA TRP A 249 10.02 -4.10 48.87
C TRP A 249 8.83 -4.82 49.47
N LEU A 250 8.42 -5.95 48.90
CA LEU A 250 7.29 -6.72 49.40
C LEU A 250 7.76 -7.87 50.28
N ASN A 251 6.87 -8.31 51.16
CA ASN A 251 7.19 -9.39 52.07
C ASN A 251 7.40 -10.69 51.31
N ARG A 252 8.31 -11.52 51.82
CA ARG A 252 8.60 -12.79 51.16
C ARG A 252 7.38 -13.70 51.12
N GLU A 253 6.62 -13.76 52.21
CA GLU A 253 5.48 -14.67 52.27
C GLU A 253 4.42 -14.31 51.23
N SER A 254 4.40 -13.06 50.75
CA SER A 254 3.45 -12.64 49.72
C SER A 254 3.91 -13.19 48.38
N VAL A 255 3.83 -14.52 48.26
CA VAL A 255 4.34 -15.20 47.08
C VAL A 255 3.56 -14.78 45.83
N ALA A 256 2.23 -14.75 45.94
CA ALA A 256 1.41 -14.44 44.78
C ALA A 256 1.66 -13.03 44.27
N ALA A 257 1.76 -12.06 45.20
CA ALA A 257 1.93 -10.67 44.79
C ALA A 257 3.24 -10.47 44.03
N ARG A 258 4.35 -10.92 44.61
CA ARG A 258 5.64 -10.76 43.95
C ARG A 258 5.71 -11.55 42.66
N THR A 259 4.95 -12.66 42.58
CA THR A 259 4.94 -13.47 41.37
C THR A 259 4.43 -12.67 40.18
N VAL A 260 3.36 -11.90 40.39
CA VAL A 260 2.77 -11.13 39.29
C VAL A 260 3.77 -10.11 38.77
N PHE A 261 4.48 -9.43 39.66
CA PHE A 261 5.44 -8.41 39.24
C PHE A 261 6.46 -9.00 38.28
N GLY A 262 7.08 -10.13 38.65
CA GLY A 262 8.09 -10.71 37.78
C GLY A 262 7.52 -11.20 36.46
N VAL A 263 6.39 -11.90 36.53
CA VAL A 263 5.80 -12.46 35.32
C VAL A 263 5.37 -11.35 34.36
N THR A 264 4.63 -10.37 34.87
CA THR A 264 4.12 -9.31 34.01
C THR A 264 5.25 -8.49 33.40
N THR A 265 6.26 -8.14 34.22
CA THR A 265 7.35 -7.32 33.71
C THR A 265 8.14 -8.03 32.63
N VAL A 266 8.43 -9.32 32.84
CA VAL A 266 9.22 -10.06 31.85
C VAL A 266 8.48 -10.12 30.52
N LEU A 267 7.18 -10.43 30.56
CA LEU A 267 6.39 -10.43 29.34
C LEU A 267 6.32 -9.04 28.73
N THR A 268 6.19 -8.01 29.58
CA THR A 268 6.17 -6.65 29.08
C THR A 268 7.45 -6.32 28.31
N MET A 269 8.60 -6.71 28.85
CA MET A 269 9.84 -6.53 28.12
C MET A 269 9.86 -7.33 26.83
N THR A 270 9.34 -8.56 26.88
CA THR A 270 9.34 -9.41 25.70
C THR A 270 8.55 -8.77 24.56
N THR A 271 7.35 -8.28 24.85
CA THR A 271 6.53 -7.68 23.80
C THR A 271 7.17 -6.41 23.25
N LEU A 272 7.84 -5.64 24.12
CA LEU A 272 8.53 -4.44 23.65
C LEU A 272 9.62 -4.79 22.66
N SER A 273 10.36 -5.86 22.92
CA SER A 273 11.41 -6.28 22.00
C SER A 273 10.85 -6.57 20.62
N ILE A 274 9.73 -7.30 20.56
CA ILE A 274 9.12 -7.59 19.27
C ILE A 274 8.54 -6.32 18.65
N SER A 275 7.81 -5.54 19.45
CA SER A 275 7.17 -4.34 18.92
C SER A 275 8.20 -3.33 18.44
N ALA A 276 9.30 -3.20 19.17
CA ALA A 276 10.32 -2.21 18.78
C ALA A 276 10.89 -2.51 17.41
N ARG A 277 11.17 -3.79 17.13
CA ARG A 277 11.76 -4.17 15.85
C ARG A 277 10.75 -4.24 14.72
N ASN A 278 9.45 -4.13 15.02
CA ASN A 278 8.45 -4.15 13.95
C ASN A 278 8.67 -2.99 12.99
N SER A 279 8.91 -1.79 13.52
CA SER A 279 9.22 -0.64 12.67
C SER A 279 10.66 -0.72 12.15
N LEU A 280 11.56 -1.31 12.92
CA LEU A 280 12.95 -1.41 12.49
C LEU A 280 13.07 -2.40 11.33
N PRO A 281 14.01 -2.18 10.41
CA PRO A 281 14.20 -3.14 9.32
C PRO A 281 14.66 -4.49 9.83
N LYS A 282 14.32 -5.53 9.07
CA LYS A 282 14.65 -6.91 9.44
C LYS A 282 16.11 -7.19 9.15
N VAL A 283 16.97 -6.55 9.94
CA VAL A 283 18.41 -6.70 9.83
C VAL A 283 18.85 -7.89 10.66
N ALA A 284 19.77 -8.69 10.11
CA ALA A 284 20.24 -9.90 10.77
C ALA A 284 21.47 -9.64 11.64
N TYR A 285 21.38 -8.64 12.51
CA TYR A 285 22.43 -8.39 13.49
C TYR A 285 21.88 -7.51 14.59
N ALA A 286 22.62 -7.47 15.70
CA ALA A 286 22.16 -6.80 16.90
C ALA A 286 22.51 -5.32 16.88
N THR A 287 21.56 -4.49 17.29
CA THR A 287 21.77 -3.06 17.41
C THR A 287 22.05 -2.69 18.87
N ALA A 288 22.45 -1.43 19.08
CA ALA A 288 22.67 -0.96 20.44
C ALA A 288 21.39 -1.03 21.26
N MET A 289 20.25 -0.71 20.64
CA MET A 289 18.98 -0.79 21.34
C MET A 289 18.71 -2.22 21.79
N ASP A 290 19.01 -3.20 20.95
CA ASP A 290 18.78 -4.59 21.33
C ASP A 290 19.57 -4.97 22.56
N TRP A 291 20.84 -4.54 22.63
CA TRP A 291 21.63 -4.81 23.83
C TRP A 291 21.02 -4.15 25.05
N PHE A 292 20.54 -2.92 24.91
CA PHE A 292 19.88 -2.25 26.02
C PHE A 292 18.64 -3.03 26.46
N ILE A 293 17.87 -3.54 25.51
CA ILE A 293 16.69 -4.33 25.84
C ILE A 293 17.10 -5.59 26.59
N ALA A 294 18.16 -6.25 26.13
CA ALA A 294 18.60 -7.48 26.78
C ALA A 294 18.98 -7.23 28.23
N VAL A 295 19.71 -6.14 28.49
CA VAL A 295 20.09 -5.82 29.87
C VAL A 295 18.85 -5.59 30.72
N CYS A 296 17.90 -4.82 30.21
CA CYS A 296 16.64 -4.60 30.93
C CYS A 296 15.92 -5.92 31.16
N TYR A 297 15.97 -6.82 30.17
CA TYR A 297 15.37 -8.13 30.34
C TYR A 297 16.05 -8.90 31.46
N ALA A 298 17.38 -8.80 31.55
CA ALA A 298 18.11 -9.51 32.59
C ALA A 298 17.72 -9.02 33.98
N PHE A 299 17.60 -7.71 34.15
CA PHE A 299 17.23 -7.16 35.45
C PHE A 299 15.89 -7.70 35.92
N VAL A 300 14.86 -7.59 35.07
CA VAL A 300 13.55 -8.12 35.43
C VAL A 300 13.61 -9.62 35.60
N PHE A 301 14.27 -10.32 34.68
CA PHE A 301 14.40 -11.76 34.79
C PHE A 301 15.17 -12.15 36.05
N SER A 302 16.28 -11.46 36.32
CA SER A 302 17.06 -11.77 37.51
C SER A 302 16.28 -11.48 38.78
N ALA A 303 15.51 -10.39 38.78
CA ALA A 303 14.69 -10.08 39.94
C ALA A 303 13.77 -11.23 40.28
N LEU A 304 13.17 -11.85 39.26
CA LEU A 304 12.32 -13.01 39.49
C LEU A 304 13.11 -14.16 40.11
N LEU A 305 14.34 -14.38 39.63
CA LEU A 305 15.17 -15.44 40.20
C LEU A 305 15.46 -15.18 41.66
N GLU A 306 15.75 -13.92 42.02
CA GLU A 306 16.04 -13.60 43.41
C GLU A 306 14.86 -13.96 44.31
N PHE A 307 13.65 -13.62 43.89
CA PHE A 307 12.47 -14.00 44.66
C PHE A 307 12.32 -15.51 44.73
N ALA A 308 12.50 -16.20 43.60
CA ALA A 308 12.37 -17.66 43.60
C ALA A 308 13.42 -18.30 44.48
N PHE A 309 14.67 -17.84 44.37
CA PHE A 309 15.74 -18.38 45.21
C PHE A 309 15.46 -18.10 46.68
N VAL A 310 15.03 -16.87 46.99
CA VAL A 310 14.71 -16.54 48.37
C VAL A 310 13.55 -17.38 48.87
N ASN A 311 12.49 -17.50 48.07
CA ASN A 311 11.33 -18.29 48.47
C ASN A 311 11.70 -19.76 48.67
N TYR A 312 12.74 -20.24 47.99
CA TYR A 312 13.13 -21.62 48.12
C TYR A 312 13.87 -21.88 49.44
N ILE A 313 14.63 -20.91 49.92
CA ILE A 313 15.43 -21.07 51.13
C ILE A 313 14.87 -20.28 52.29
N THR A 314 13.63 -19.79 52.18
CA THR A 314 13.01 -19.05 53.27
C THR A 314 12.74 -19.93 54.48
N LYS A 315 12.85 -21.25 54.34
CA LYS A 315 12.63 -22.18 55.45
C LYS A 315 13.93 -22.55 56.14
N SER A 316 14.91 -23.06 55.36
CA SER A 316 16.14 -23.56 55.97
C SER A 316 16.91 -22.45 56.67
N GLN A 317 17.17 -21.35 55.97
CA GLN A 317 17.98 -20.26 56.49
C GLN A 317 17.26 -18.94 56.21
N PRO A 318 16.21 -18.63 56.98
CA PRO A 318 15.52 -17.34 56.79
C PRO A 318 16.42 -16.15 56.98
N ALA A 319 17.43 -16.24 57.85
CA ALA A 319 18.28 -15.09 58.14
C ALA A 319 18.96 -14.59 56.88
N ARG A 320 19.60 -15.48 56.12
CA ARG A 320 20.28 -15.07 54.91
C ARG A 320 19.29 -14.59 53.85
N ALA A 321 18.10 -15.19 53.82
CA ALA A 321 17.10 -14.77 52.84
C ALA A 321 16.70 -13.32 53.03
N ALA A 322 16.49 -12.91 54.29
CA ALA A 322 16.14 -11.52 54.56
C ALA A 322 17.25 -10.57 54.14
N LYS A 323 18.50 -10.96 54.38
CA LYS A 323 19.63 -10.12 53.98
C LYS A 323 19.63 -9.90 52.47
N ILE A 324 19.37 -10.95 51.70
CA ILE A 324 19.36 -10.82 50.25
C ILE A 324 18.27 -9.86 49.81
N ASP A 325 17.07 -9.98 50.40
CA ASP A 325 15.97 -9.12 50.01
C ASP A 325 16.29 -7.66 50.29
N LYS A 326 16.75 -7.35 51.50
CA LYS A 326 17.12 -5.99 51.83
C LYS A 326 18.28 -5.50 50.96
N MET A 327 19.30 -6.35 50.78
CA MET A 327 20.42 -5.99 49.93
C MET A 327 19.98 -5.81 48.49
N SER A 328 19.04 -6.64 48.03
CA SER A 328 18.60 -6.57 46.63
C SER A 328 17.99 -5.22 46.31
N ARG A 329 17.24 -4.64 47.25
CA ARG A 329 16.57 -3.36 46.98
C ARG A 329 17.55 -2.28 46.58
N ILE A 330 18.80 -2.39 47.01
CA ILE A 330 19.81 -1.37 46.77
C ILE A 330 20.71 -1.74 45.60
N VAL A 331 21.07 -3.01 45.47
CA VAL A 331 22.03 -3.41 44.45
C VAL A 331 21.47 -3.16 43.05
N PHE A 332 20.25 -3.64 42.80
CA PHE A 332 19.71 -3.59 41.44
C PHE A 332 19.54 -2.15 40.94
N PRO A 333 18.92 -1.23 41.68
CA PRO A 333 18.81 0.14 41.17
C PRO A 333 20.15 0.77 40.83
N ILE A 334 21.17 0.53 41.65
CA ILE A 334 22.49 1.08 41.38
C ILE A 334 23.07 0.49 40.11
N LEU A 335 22.96 -0.83 39.95
CA LEU A 335 23.48 -1.47 38.74
C LEU A 335 22.77 -0.94 37.49
N PHE A 336 21.44 -0.82 37.54
CA PHE A 336 20.71 -0.28 36.40
C PHE A 336 21.11 1.16 36.14
N GLY A 337 21.22 1.97 37.20
CA GLY A 337 21.68 3.33 37.01
C GLY A 337 23.11 3.40 36.52
N THR A 338 23.98 2.56 37.07
CA THR A 338 25.37 2.54 36.62
C THR A 338 25.47 2.12 35.16
N PHE A 339 24.68 1.13 34.75
CA PHE A 339 24.74 0.66 33.36
C PHE A 339 24.36 1.77 32.39
N ASN A 340 23.32 2.55 32.72
CA ASN A 340 22.85 3.57 31.80
C ASN A 340 23.94 4.59 31.51
N LEU A 341 24.67 5.03 32.54
CA LEU A 341 25.71 6.01 32.34
C LEU A 341 26.77 5.48 31.37
N VAL A 342 27.17 4.22 31.53
CA VAL A 342 28.11 3.62 30.60
C VAL A 342 27.51 3.55 29.21
N TYR A 343 26.23 3.15 29.12
CA TYR A 343 25.58 2.99 27.83
C TYR A 343 25.54 4.33 27.08
N TRP A 344 24.81 5.30 27.64
CA TRP A 344 24.62 6.56 26.94
C TRP A 344 25.94 7.27 26.70
N ALA A 345 26.82 7.30 27.70
CA ALA A 345 28.11 7.96 27.53
C ALA A 345 28.94 7.27 26.45
N THR A 346 28.82 5.94 26.34
CA THR A 346 29.60 5.21 25.35
C THR A 346 29.25 5.65 23.93
N TYR A 347 27.96 5.81 23.65
CA TYR A 347 27.52 6.19 22.31
C TYR A 347 27.48 7.69 22.10
N LEU A 348 27.22 8.46 23.15
CA LEU A 348 27.19 9.92 23.05
C LEU A 348 28.59 10.50 23.27
N ASN A 349 29.50 10.14 22.37
CA ASN A 349 30.88 10.59 22.45
C ASN A 349 31.67 10.14 21.22
N ASN B 14 -21.79 29.10 -42.05
CA ASN B 14 -21.77 30.04 -40.92
C ASN B 14 -20.84 29.54 -39.82
N ILE B 15 -20.40 28.28 -39.94
CA ILE B 15 -19.49 27.70 -38.96
C ILE B 15 -18.07 27.74 -39.51
N THR B 16 -17.95 27.68 -40.84
CA THR B 16 -16.62 27.73 -41.45
C THR B 16 -15.87 29.00 -41.07
N ILE B 17 -16.61 30.08 -40.76
CA ILE B 17 -15.96 31.32 -40.35
C ILE B 17 -15.08 31.08 -39.13
N PHE B 18 -15.58 30.30 -38.17
CA PHE B 18 -14.78 30.01 -36.99
C PHE B 18 -13.50 29.27 -37.35
N THR B 19 -13.59 28.29 -38.25
CA THR B 19 -12.43 27.49 -38.61
C THR B 19 -11.34 28.35 -39.26
N ARG B 20 -11.74 29.27 -40.15
CA ARG B 20 -10.76 30.11 -40.81
C ARG B 20 -9.99 30.97 -39.82
N ILE B 21 -10.69 31.52 -38.83
CA ILE B 21 -10.04 32.39 -37.85
C ILE B 21 -8.98 31.62 -37.08
N LEU B 22 -9.31 30.41 -36.63
CA LEU B 22 -8.35 29.61 -35.87
C LEU B 22 -7.09 29.35 -36.69
N ASP B 23 -7.25 29.01 -37.97
CA ASP B 23 -6.10 28.79 -38.83
C ASP B 23 -5.27 30.06 -38.94
N GLY B 24 -5.92 31.22 -39.07
CA GLY B 24 -5.19 32.47 -39.15
C GLY B 24 -4.38 32.75 -37.89
N LEU B 25 -4.96 32.46 -36.73
CA LEU B 25 -4.24 32.69 -35.47
C LEU B 25 -2.97 31.85 -35.42
N LEU B 26 -3.06 30.58 -35.78
CA LEU B 26 -1.90 29.70 -35.79
C LEU B 26 -0.96 29.96 -36.95
N ASP B 27 -1.40 30.72 -37.95
CA ASP B 27 -0.55 31.03 -39.10
C ASP B 27 0.62 31.90 -38.65
N GLY B 28 1.82 31.35 -38.68
CA GLY B 28 2.99 32.10 -38.25
C GLY B 28 3.10 32.30 -36.77
N TYR B 29 2.45 31.47 -35.96
CA TYR B 29 2.49 31.58 -34.52
C TYR B 29 3.47 30.56 -33.95
N ASP B 30 4.40 31.03 -33.12
CA ASP B 30 5.40 30.19 -32.48
C ASP B 30 5.05 30.06 -31.00
N ASN B 31 4.82 28.83 -30.55
CA ASN B 31 4.49 28.58 -29.15
C ASN B 31 5.70 28.55 -28.24
N ARG B 32 6.92 28.56 -28.81
CA ARG B 32 8.13 28.54 -28.01
C ARG B 32 8.52 29.92 -27.50
N LEU B 33 7.83 30.97 -27.93
CA LEU B 33 8.13 32.34 -27.52
C LEU B 33 6.96 32.90 -26.72
N ARG B 34 7.26 33.40 -25.53
CA ARG B 34 6.22 33.99 -24.70
C ARG B 34 5.71 35.28 -25.35
N PRO B 35 4.45 35.64 -25.11
CA PRO B 35 3.91 36.86 -25.71
C PRO B 35 4.64 38.09 -25.20
N GLY B 36 4.74 39.10 -26.07
CA GLY B 36 5.41 40.34 -25.70
C GLY B 36 6.86 40.14 -25.34
N LEU B 37 7.55 39.23 -26.02
CA LEU B 37 8.95 38.98 -25.73
C LEU B 37 9.81 40.14 -26.19
N GLY B 38 10.73 40.57 -25.34
CA GLY B 38 11.60 41.67 -25.68
C GLY B 38 10.90 43.00 -25.83
N GLU B 39 9.67 43.12 -25.34
CA GLU B 39 8.91 44.36 -25.46
C GLU B 39 8.38 44.80 -24.10
N ARG B 40 8.10 43.85 -23.22
CA ARG B 40 7.53 44.12 -21.91
C ARG B 40 7.64 42.83 -21.09
N ILE B 41 7.03 42.85 -19.90
CA ILE B 41 7.01 41.70 -19.01
C ILE B 41 5.62 41.09 -19.06
N THR B 42 5.55 39.78 -19.30
CA THR B 42 4.27 39.11 -19.37
C THR B 42 3.63 39.04 -17.99
N GLN B 43 2.37 39.46 -17.91
CA GLN B 43 1.63 39.48 -16.65
C GLN B 43 0.60 38.36 -16.67
N VAL B 44 0.57 37.58 -15.58
CA VAL B 44 -0.33 36.44 -15.45
C VAL B 44 -1.16 36.63 -14.20
N ARG B 45 -2.47 36.45 -14.34
CA ARG B 45 -3.41 36.50 -13.23
C ARG B 45 -3.89 35.09 -12.92
N THR B 46 -3.84 34.72 -11.65
CA THR B 46 -4.19 33.37 -11.22
C THR B 46 -5.39 33.44 -10.27
N ASP B 47 -6.39 32.61 -10.54
CA ASP B 47 -7.53 32.42 -9.66
C ASP B 47 -7.77 30.93 -9.47
N MET B 48 -8.03 30.54 -8.23
CA MET B 48 -8.13 29.13 -7.86
C MET B 48 -9.52 28.83 -7.32
N TYR B 49 -10.09 27.72 -7.76
CA TYR B 49 -11.37 27.22 -7.27
C TYR B 49 -11.15 25.79 -6.79
N VAL B 50 -11.27 25.58 -5.47
CA VAL B 50 -11.01 24.28 -4.88
C VAL B 50 -12.25 23.41 -5.06
N ASN B 51 -12.17 22.44 -5.96
CA ASN B 51 -13.28 21.51 -6.14
C ASN B 51 -13.53 20.69 -4.88
N SER B 52 -12.45 20.24 -4.23
CA SER B 52 -12.57 19.46 -3.01
C SER B 52 -11.23 19.40 -2.33
N PHE B 53 -11.21 19.65 -1.02
CA PHE B 53 -9.99 19.58 -0.22
C PHE B 53 -9.87 18.15 0.29
N GLY B 54 -8.98 17.37 -0.31
CA GLY B 54 -8.84 15.97 0.00
C GLY B 54 -8.34 15.72 1.40
N PRO B 55 -8.21 14.45 1.76
CA PRO B 55 -7.77 14.11 3.12
C PRO B 55 -6.33 14.54 3.37
N VAL B 56 -6.03 14.80 4.63
CA VAL B 56 -4.70 15.20 5.06
C VAL B 56 -4.07 14.00 5.76
N SER B 57 -3.00 13.46 5.17
CA SER B 57 -2.29 12.33 5.74
C SER B 57 -1.26 12.85 6.74
N ASP B 58 -1.58 12.76 8.03
CA ASP B 58 -0.65 13.24 9.05
C ASP B 58 0.64 12.44 9.03
N THR B 59 0.54 11.11 8.87
CA THR B 59 1.73 10.28 8.86
C THR B 59 2.68 10.67 7.73
N GLU B 60 2.13 10.93 6.55
CA GLU B 60 2.93 11.31 5.39
C GLU B 60 3.18 12.81 5.32
N MET B 61 2.61 13.59 6.23
CA MET B 61 2.83 15.04 6.28
C MET B 61 2.50 15.68 4.94
N GLU B 62 1.36 15.29 4.37
CA GLU B 62 0.93 15.81 3.08
C GLU B 62 -0.59 15.84 3.06
N TYR B 63 -1.14 16.36 1.96
CA TYR B 63 -2.58 16.45 1.79
C TYR B 63 -2.90 16.37 0.31
N THR B 64 -4.16 16.04 0.03
CA THR B 64 -4.66 15.97 -1.33
C THR B 64 -5.69 17.08 -1.56
N ILE B 65 -5.63 17.69 -2.74
CA ILE B 65 -6.53 18.78 -3.09
C ILE B 65 -6.88 18.68 -4.56
N ASP B 66 -8.16 18.93 -4.87
CA ASP B 66 -8.65 18.98 -6.24
C ASP B 66 -9.11 20.40 -6.53
N ILE B 67 -8.51 21.03 -7.54
CA ILE B 67 -8.75 22.44 -7.84
C ILE B 67 -8.92 22.63 -9.34
N PHE B 68 -9.60 23.72 -9.71
CA PHE B 68 -9.67 24.17 -11.09
C PHE B 68 -8.75 25.37 -11.23
N PHE B 69 -7.46 25.08 -11.40
CA PHE B 69 -6.46 26.14 -11.51
C PHE B 69 -6.67 26.91 -12.80
N ALA B 70 -6.69 28.24 -12.68
CA ALA B 70 -6.99 29.12 -13.81
C ALA B 70 -5.91 30.20 -13.92
N GLN B 71 -5.56 30.51 -15.16
CA GLN B 71 -4.58 31.55 -15.45
C GLN B 71 -5.13 32.47 -16.54
N THR B 72 -4.69 33.72 -16.51
CA THR B 72 -5.11 34.71 -17.49
C THR B 72 -3.91 35.57 -17.87
N TRP B 73 -3.79 35.86 -19.15
CA TRP B 73 -2.70 36.71 -19.64
C TRP B 73 -3.09 37.26 -21.01
N LYS B 74 -2.28 38.19 -21.49
CA LYS B 74 -2.55 38.92 -22.72
C LYS B 74 -1.59 38.46 -23.81
N ASP B 75 -2.13 38.18 -25.00
CA ASP B 75 -1.33 37.80 -26.15
C ASP B 75 -1.85 38.58 -27.36
N GLU B 76 -1.01 39.48 -27.88
CA GLU B 76 -1.42 40.29 -29.02
C GLU B 76 -1.54 39.45 -30.29
N ARG B 77 -0.75 38.37 -30.40
CA ARG B 77 -0.78 37.55 -31.60
C ARG B 77 -2.14 36.88 -31.81
N LEU B 78 -2.96 36.80 -30.77
CA LEU B 78 -4.25 36.12 -30.84
C LEU B 78 -5.41 37.07 -31.09
N ARG B 79 -5.13 38.35 -31.33
CA ARG B 79 -6.20 39.29 -31.62
C ARG B 79 -6.92 38.89 -32.90
N PHE B 80 -8.24 38.98 -32.87
CA PHE B 80 -9.06 38.57 -34.00
C PHE B 80 -10.33 39.41 -34.04
N LYS B 81 -10.97 39.42 -35.20
CA LYS B 81 -12.23 40.13 -35.42
C LYS B 81 -13.24 39.15 -35.99
N GLY B 82 -14.43 39.12 -35.41
CA GLY B 82 -15.47 38.24 -35.87
C GLY B 82 -16.79 38.48 -35.16
N PRO B 83 -17.85 37.84 -35.64
CA PRO B 83 -19.17 38.02 -35.00
C PRO B 83 -19.21 37.59 -33.55
N MET B 84 -18.44 36.57 -33.18
CA MET B 84 -18.43 36.05 -31.82
C MET B 84 -17.27 36.66 -31.05
N GLN B 85 -17.56 37.17 -29.86
CA GLN B 85 -16.56 37.83 -29.03
C GLN B 85 -15.75 36.86 -28.17
N ARG B 86 -16.11 35.58 -28.16
CA ARG B 86 -15.41 34.59 -27.36
C ARG B 86 -15.30 33.29 -28.13
N LEU B 87 -14.28 32.50 -27.81
CA LEU B 87 -13.99 31.24 -28.51
C LEU B 87 -13.77 30.15 -27.48
N PRO B 88 -14.83 29.63 -26.88
CA PRO B 88 -14.67 28.47 -25.99
C PRO B 88 -14.08 27.30 -26.75
N LEU B 89 -13.19 26.57 -26.10
CA LEU B 89 -12.47 25.47 -26.73
C LEU B 89 -12.16 24.42 -25.67
N ASN B 90 -11.27 23.49 -26.01
CA ASN B 90 -10.90 22.39 -25.15
C ASN B 90 -9.39 22.16 -25.27
N ASN B 91 -8.93 21.02 -24.77
CA ASN B 91 -7.50 20.72 -24.73
C ASN B 91 -6.88 20.64 -26.12
N LEU B 92 -7.70 20.50 -27.17
CA LEU B 92 -7.15 20.29 -28.50
C LEU B 92 -6.22 21.42 -28.91
N LEU B 93 -6.62 22.66 -28.66
CA LEU B 93 -5.82 23.83 -29.02
C LEU B 93 -4.86 24.25 -27.93
N ALA B 94 -4.91 23.60 -26.76
CA ALA B 94 -4.06 24.02 -25.64
C ALA B 94 -2.58 23.88 -25.99
N SER B 95 -2.20 22.77 -26.63
CA SER B 95 -0.80 22.52 -26.94
C SER B 95 -0.31 23.29 -28.16
N LYS B 96 -1.22 23.91 -28.92
CA LYS B 96 -0.83 24.61 -30.15
C LYS B 96 -0.28 26.01 -29.89
N ILE B 97 -0.41 26.54 -28.67
CA ILE B 97 -0.01 27.90 -28.38
C ILE B 97 0.82 27.90 -27.09
N TRP B 98 1.51 29.03 -26.87
CA TRP B 98 2.38 29.16 -25.71
C TRP B 98 1.56 29.18 -24.43
N THR B 99 2.06 28.50 -23.41
CA THR B 99 1.48 28.51 -22.08
C THR B 99 2.60 28.57 -21.06
N PRO B 100 2.35 29.16 -19.89
CA PRO B 100 3.39 29.24 -18.88
C PRO B 100 3.77 27.87 -18.34
N ASP B 101 5.03 27.75 -17.93
CA ASP B 101 5.56 26.51 -17.37
C ASP B 101 5.34 26.47 -15.86
N THR B 102 4.09 26.69 -15.44
CA THR B 102 3.78 26.73 -14.01
C THR B 102 3.99 25.36 -13.38
N PHE B 103 4.55 25.36 -12.18
CA PHE B 103 4.77 24.14 -11.42
C PHE B 103 4.63 24.46 -9.93
N PHE B 104 4.42 23.42 -9.15
CA PHE B 104 4.22 23.54 -7.71
C PHE B 104 5.51 23.13 -6.99
N HIS B 105 6.10 24.07 -6.26
CA HIS B 105 7.36 23.78 -5.59
C HIS B 105 7.20 22.67 -4.56
N ASN B 106 6.13 22.71 -3.78
CA ASN B 106 5.88 21.71 -2.75
C ASN B 106 4.99 20.57 -3.25
N GLY B 107 4.58 20.60 -4.50
CA GLY B 107 3.81 19.50 -5.05
C GLY B 107 4.68 18.28 -5.32
N LYS B 108 4.52 17.24 -4.51
CA LYS B 108 5.36 16.07 -4.64
C LYS B 108 4.97 15.20 -5.82
N LYS B 109 3.67 15.12 -6.13
CA LYS B 109 3.23 14.31 -7.27
C LYS B 109 1.88 14.88 -7.74
N SER B 110 1.93 15.63 -8.84
CA SER B 110 0.74 16.25 -9.42
C SER B 110 0.41 15.55 -10.73
N PHE B 111 -0.80 15.01 -10.82
CA PHE B 111 -1.27 14.33 -12.02
C PHE B 111 -2.65 14.87 -12.38
N ALA B 112 -2.84 15.19 -13.65
CA ALA B 112 -4.12 15.70 -14.13
C ALA B 112 -5.07 14.55 -14.45
N HIS B 113 -6.32 14.90 -14.71
CA HIS B 113 -7.35 13.93 -15.05
C HIS B 113 -7.60 13.96 -16.55
N TRP B 114 -7.50 12.80 -17.19
CA TRP B 114 -7.65 12.69 -18.64
C TRP B 114 -8.96 12.05 -19.06
N MET B 115 -9.73 11.52 -18.12
CA MET B 115 -10.99 10.86 -18.42
C MET B 115 -12.16 11.74 -17.99
N THR B 116 -13.17 11.88 -18.85
CA THR B 116 -13.29 11.27 -20.18
C THR B 116 -12.35 11.95 -21.17
N THR B 117 -12.15 13.24 -20.98
CA THR B 117 -11.27 14.05 -21.82
C THR B 117 -10.38 14.90 -20.92
N PRO B 118 -9.13 15.17 -21.34
CA PRO B 118 -8.29 16.08 -20.55
C PRO B 118 -9.02 17.34 -20.15
N ASN B 119 -9.20 17.54 -18.85
CA ASN B 119 -10.00 18.65 -18.34
C ASN B 119 -9.21 19.95 -18.50
N ARG B 120 -9.35 20.55 -19.67
CA ARG B 120 -8.70 21.81 -19.97
C ARG B 120 -9.65 22.69 -20.75
N MET B 121 -9.71 23.97 -20.39
CA MET B 121 -10.53 24.96 -21.08
C MET B 121 -9.65 26.07 -21.60
N LEU B 122 -9.92 26.51 -22.83
CA LEU B 122 -9.18 27.58 -23.47
C LEU B 122 -10.17 28.55 -24.09
N ARG B 123 -10.09 29.81 -23.69
CA ARG B 123 -10.98 30.86 -24.20
C ARG B 123 -10.16 32.04 -24.66
N ILE B 124 -10.62 32.70 -25.71
CA ILE B 124 -9.91 33.84 -26.30
C ILE B 124 -10.93 34.90 -26.67
N TRP B 125 -10.57 36.16 -26.45
CA TRP B 125 -11.39 37.30 -26.83
C TRP B 125 -10.68 38.10 -27.92
N ASN B 126 -11.42 39.08 -28.47
CA ASN B 126 -10.89 39.86 -29.57
C ASN B 126 -9.64 40.62 -29.15
N ASP B 127 -9.63 41.16 -27.93
CA ASP B 127 -8.48 41.92 -27.47
C ASP B 127 -7.22 41.07 -27.37
N GLY B 128 -7.37 39.75 -27.35
CA GLY B 128 -6.25 38.85 -27.20
C GLY B 128 -6.10 38.26 -25.81
N ARG B 129 -7.02 38.55 -24.89
CA ARG B 129 -6.97 37.96 -23.57
C ARG B 129 -7.22 36.46 -23.65
N VAL B 130 -6.53 35.70 -22.81
CA VAL B 130 -6.58 34.25 -22.82
C VAL B 130 -6.92 33.76 -21.42
N LEU B 131 -7.78 32.76 -21.35
CA LEU B 131 -8.14 32.10 -20.10
C LEU B 131 -7.88 30.61 -20.25
N TYR B 132 -7.11 30.04 -19.32
CA TYR B 132 -6.65 28.65 -19.40
C TYR B 132 -6.87 28.02 -18.03
N THR B 133 -8.05 27.41 -17.85
CA THR B 133 -8.39 26.74 -16.60
C THR B 133 -8.01 25.27 -16.71
N LEU B 134 -7.35 24.75 -15.69
CA LEU B 134 -6.85 23.38 -15.68
C LEU B 134 -7.20 22.72 -14.37
N ARG B 135 -7.65 21.47 -14.45
CA ARG B 135 -7.96 20.68 -13.27
C ARG B 135 -6.72 19.89 -12.86
N LEU B 136 -6.52 19.77 -11.55
CA LEU B 136 -5.34 19.09 -11.03
C LEU B 136 -5.66 18.44 -9.69
N THR B 137 -4.84 17.45 -9.34
CA THR B 137 -4.88 16.82 -8.02
C THR B 137 -3.45 16.80 -7.49
N ILE B 138 -3.23 17.45 -6.36
CA ILE B 138 -1.88 17.71 -5.85
C ILE B 138 -1.72 16.98 -4.52
N SER B 139 -0.69 16.16 -4.41
CA SER B 139 -0.31 15.54 -3.15
C SER B 139 0.80 16.35 -2.48
N ALA B 140 0.51 17.62 -2.25
CA ALA B 140 1.49 18.54 -1.70
C ALA B 140 1.78 18.21 -0.24
N GLU B 141 3.00 18.55 0.19
CA GLU B 141 3.42 18.33 1.56
C GLU B 141 3.04 19.51 2.43
N CYS B 142 2.61 19.22 3.65
CA CYS B 142 2.22 20.24 4.63
C CYS B 142 3.01 20.01 5.92
N PRO B 143 4.20 20.60 6.05
CA PRO B 143 4.92 20.48 7.32
C PRO B 143 4.11 21.07 8.46
N MET B 144 4.18 20.40 9.61
CA MET B 144 3.39 20.78 10.77
C MET B 144 4.25 20.72 12.02
N ASP B 145 4.06 21.71 12.89
CA ASP B 145 4.75 21.76 14.18
C ASP B 145 3.78 21.25 15.23
N LEU B 146 3.91 19.98 15.60
CA LEU B 146 3.00 19.34 16.54
C LEU B 146 3.42 19.57 17.98
N GLU B 147 3.67 20.83 18.34
CA GLU B 147 4.02 21.16 19.72
C GLU B 147 2.78 21.16 20.61
N ASP B 148 1.64 21.59 20.07
CA ASP B 148 0.39 21.64 20.82
C ASP B 148 -0.60 20.59 20.35
N PHE B 149 -0.12 19.53 19.71
CA PHE B 149 -1.01 18.49 19.21
C PHE B 149 -1.76 17.86 20.38
N PRO B 150 -3.07 17.57 20.22
CA PRO B 150 -3.91 17.77 19.03
C PRO B 150 -4.47 19.19 18.91
N MET B 151 -4.43 20.01 19.96
CA MET B 151 -4.96 21.37 19.89
C MET B 151 -3.95 22.25 19.15
N ASP B 152 -3.91 22.06 17.84
CA ASP B 152 -2.97 22.77 16.98
C ASP B 152 -3.72 23.38 15.80
N GLU B 153 -3.20 24.51 15.32
CA GLU B 153 -3.72 25.19 14.15
C GLU B 153 -2.64 25.12 13.06
N GLN B 154 -2.89 24.30 12.05
CA GLN B 154 -1.91 24.06 11.00
C GLN B 154 -2.18 24.97 9.81
N ASN B 155 -1.11 25.42 9.17
CA ASN B 155 -1.15 26.32 8.04
C ASN B 155 -0.52 25.61 6.85
N CYS B 156 -1.32 24.85 6.12
CA CYS B 156 -0.81 24.12 4.96
C CYS B 156 -0.71 25.06 3.77
N PRO B 157 0.47 25.28 3.20
CA PRO B 157 0.60 26.21 2.07
C PRO B 157 0.48 25.50 0.73
N LEU B 158 0.47 26.32 -0.32
CA LEU B 158 0.48 25.80 -1.70
C LEU B 158 1.28 26.81 -2.53
N LYS B 159 2.50 26.43 -2.89
CA LYS B 159 3.43 27.30 -3.59
C LYS B 159 3.58 26.86 -5.02
N PHE B 160 3.49 27.81 -5.95
CA PHE B 160 3.69 27.51 -7.37
C PHE B 160 4.31 28.73 -8.04
N GLY B 161 4.94 28.49 -9.18
CA GLY B 161 5.58 29.55 -9.92
C GLY B 161 6.21 29.02 -11.18
N SER B 162 6.85 29.92 -11.91
CA SER B 162 7.52 29.54 -13.15
C SER B 162 8.77 28.72 -12.87
N TYR B 163 9.06 27.80 -13.77
CA TYR B 163 10.25 26.96 -13.68
C TYR B 163 11.41 27.48 -14.50
N ALA B 164 11.13 28.19 -15.61
CA ALA B 164 12.18 28.65 -16.50
C ALA B 164 12.12 30.15 -16.79
N TYR B 165 11.04 30.84 -16.43
CA TYR B 165 10.92 32.26 -16.71
C TYR B 165 11.15 33.06 -15.43
N PRO B 166 12.25 33.79 -15.31
CA PRO B 166 12.49 34.55 -14.06
C PRO B 166 11.46 35.63 -13.80
N ASN B 167 11.59 36.31 -12.67
CA ASN B 167 10.65 37.36 -12.31
C ASN B 167 10.71 38.54 -13.28
N SER B 168 11.80 38.67 -14.04
CA SER B 168 11.94 39.77 -14.99
C SER B 168 11.17 39.54 -16.28
N GLU B 169 10.68 38.32 -16.53
CA GLU B 169 9.96 38.00 -17.75
C GLU B 169 8.50 37.65 -17.50
N VAL B 170 8.22 36.83 -16.48
CA VAL B 170 6.88 36.39 -16.16
C VAL B 170 6.60 36.73 -14.70
N VAL B 171 5.45 37.33 -14.44
CA VAL B 171 5.03 37.73 -13.10
C VAL B 171 3.64 37.17 -12.84
N TYR B 172 3.47 36.53 -11.69
CA TYR B 172 2.18 36.01 -11.25
C TYR B 172 1.60 36.93 -10.19
N VAL B 173 0.33 37.29 -10.35
CA VAL B 173 -0.37 38.14 -9.40
C VAL B 173 -1.79 37.63 -9.23
N TRP B 174 -2.26 37.59 -7.99
CA TRP B 174 -3.64 37.22 -7.73
C TRP B 174 -4.59 38.29 -8.28
N THR B 175 -5.73 37.83 -8.78
CA THR B 175 -6.71 38.72 -9.38
C THR B 175 -7.66 39.24 -8.31
N ASN B 176 -7.90 40.54 -8.33
CA ASN B 176 -8.82 41.18 -7.38
C ASN B 176 -8.28 40.93 -5.96
N GLY B 177 -9.17 40.77 -4.99
CA GLY B 177 -8.76 40.55 -3.62
C GLY B 177 -8.56 39.08 -3.30
N SER B 178 -8.26 38.81 -2.03
CA SER B 178 -8.01 37.44 -1.59
C SER B 178 -9.28 36.60 -1.65
N THR B 179 -10.43 37.21 -1.35
CA THR B 179 -11.68 36.45 -1.33
C THR B 179 -11.99 35.87 -2.70
N LYS B 180 -11.88 36.69 -3.75
CA LYS B 180 -12.14 36.21 -5.10
C LYS B 180 -11.00 35.38 -5.67
N SER B 181 -9.78 35.59 -5.18
CA SER B 181 -8.64 34.84 -5.72
C SER B 181 -8.78 33.35 -5.47
N VAL B 182 -9.23 32.97 -4.27
CA VAL B 182 -9.40 31.57 -3.89
C VAL B 182 -10.85 31.36 -3.51
N VAL B 183 -11.47 30.34 -4.11
CA VAL B 183 -12.85 29.98 -3.86
C VAL B 183 -12.89 28.51 -3.47
N VAL B 184 -13.61 28.20 -2.40
CA VAL B 184 -13.71 26.84 -1.88
C VAL B 184 -15.18 26.43 -1.90
N ALA B 185 -15.46 25.28 -2.51
CA ALA B 185 -16.81 24.76 -2.55
C ALA B 185 -17.26 24.37 -1.14
N GLU B 186 -18.56 24.59 -0.87
CA GLU B 186 -19.08 24.32 0.46
C GLU B 186 -18.93 22.85 0.82
N ASP B 187 -19.28 21.95 -0.10
CA ASP B 187 -19.16 20.53 0.15
C ASP B 187 -17.75 20.00 -0.08
N GLY B 188 -16.91 20.75 -0.79
CA GLY B 188 -15.55 20.30 -1.04
C GLY B 188 -14.71 20.26 0.23
N SER B 189 -14.87 21.26 1.09
CA SER B 189 -14.08 21.37 2.31
C SER B 189 -14.71 20.49 3.39
N ARG B 190 -14.51 19.19 3.23
CA ARG B 190 -15.02 18.19 4.18
C ARG B 190 -13.88 17.25 4.53
N LEU B 191 -13.40 17.33 5.77
CA LEU B 191 -12.34 16.47 6.27
C LEU B 191 -12.81 15.77 7.53
N ASN B 192 -12.17 14.63 7.81
CA ASN B 192 -12.58 13.81 8.95
C ASN B 192 -12.12 14.41 10.27
N GLN B 193 -10.94 15.02 10.30
CA GLN B 193 -10.34 15.51 11.54
C GLN B 193 -9.72 16.88 11.35
N TYR B 194 -10.39 17.76 10.62
CA TYR B 194 -9.88 19.10 10.41
C TYR B 194 -11.04 20.03 10.04
N HIS B 195 -10.90 21.29 10.45
CA HIS B 195 -11.83 22.35 10.08
C HIS B 195 -11.10 23.37 9.22
N LEU B 196 -11.68 23.69 8.07
CA LEU B 196 -11.09 24.67 7.15
C LEU B 196 -11.54 26.05 7.60
N MET B 197 -10.73 26.68 8.46
CA MET B 197 -11.10 27.97 9.01
C MET B 197 -11.14 29.06 7.94
N GLY B 198 -10.19 29.04 7.01
CA GLY B 198 -10.14 30.08 6.00
C GLY B 198 -8.92 29.90 5.11
N GLN B 199 -8.78 30.84 4.19
CA GLN B 199 -7.72 30.80 3.20
C GLN B 199 -7.07 32.18 3.08
N THR B 200 -5.81 32.19 2.67
CA THR B 200 -5.08 33.43 2.46
C THR B 200 -4.09 33.23 1.32
N VAL B 201 -3.61 34.34 0.77
CA VAL B 201 -2.69 34.33 -0.35
C VAL B 201 -1.49 35.22 -0.03
N GLY B 202 -0.38 34.94 -0.69
CA GLY B 202 0.83 35.73 -0.50
C GLY B 202 1.77 35.54 -1.66
N THR B 203 2.59 36.57 -1.90
CA THR B 203 3.55 36.56 -2.99
C THR B 203 4.90 37.03 -2.50
N GLU B 204 5.96 36.50 -3.09
CA GLU B 204 7.31 36.85 -2.70
C GLU B 204 8.26 36.52 -3.83
N ASN B 205 9.44 37.13 -3.78
CA ASN B 205 10.52 36.88 -4.73
C ASN B 205 11.61 36.06 -4.06
N ILE B 206 12.18 35.11 -4.79
CA ILE B 206 13.26 34.27 -4.30
C ILE B 206 14.42 34.36 -5.28
N SER B 207 15.62 34.57 -4.75
CA SER B 207 16.83 34.66 -5.56
C SER B 207 17.55 33.32 -5.52
N THR B 208 17.92 32.81 -6.69
CA THR B 208 18.60 31.52 -6.81
C THR B 208 19.75 31.68 -7.81
N SER B 209 20.37 30.55 -8.16
CA SER B 209 21.48 30.58 -9.10
C SER B 209 21.01 31.04 -10.47
N THR B 210 19.83 30.60 -10.90
CA THR B 210 19.33 30.90 -12.23
C THR B 210 18.60 32.23 -12.32
N GLY B 211 18.47 32.95 -11.20
CA GLY B 211 17.85 34.26 -11.19
C GLY B 211 16.66 34.31 -10.24
N GLU B 212 16.02 35.47 -10.23
CA GLU B 212 14.86 35.70 -9.37
C GLU B 212 13.61 35.12 -10.00
N TYR B 213 12.79 34.46 -9.18
CA TYR B 213 11.53 33.88 -9.60
C TYR B 213 10.43 34.32 -8.66
N THR B 214 9.32 34.81 -9.21
CA THR B 214 8.17 35.15 -8.39
C THR B 214 7.51 33.88 -7.88
N ILE B 215 6.96 33.96 -6.67
CA ILE B 215 6.32 32.82 -6.02
C ILE B 215 4.93 33.23 -5.55
N MET B 216 3.95 32.38 -5.80
CA MET B 216 2.59 32.58 -5.34
C MET B 216 2.28 31.51 -4.29
N THR B 217 1.88 31.95 -3.11
CA THR B 217 1.64 31.06 -1.99
C THR B 217 0.20 31.22 -1.51
N ALA B 218 -0.50 30.09 -1.37
CA ALA B 218 -1.84 30.05 -0.81
C ALA B 218 -1.81 29.25 0.47
N HIS B 219 -2.23 29.86 1.57
CA HIS B 219 -2.21 29.23 2.88
C HIS B 219 -3.63 28.86 3.30
N PHE B 220 -3.81 27.62 3.75
CA PHE B 220 -5.07 27.14 4.28
C PHE B 220 -4.94 26.97 5.78
N HIS B 221 -5.81 27.63 6.54
CA HIS B 221 -5.79 27.56 7.99
C HIS B 221 -6.64 26.38 8.44
N LEU B 222 -6.02 25.42 9.10
CA LEU B 222 -6.69 24.20 9.54
C LEU B 222 -6.74 24.19 11.06
N LYS B 223 -7.94 24.05 11.61
CA LYS B 223 -8.15 23.92 13.05
C LYS B 223 -8.57 22.47 13.32
N ARG B 224 -7.65 21.69 13.88
CA ARG B 224 -7.93 20.29 14.14
C ARG B 224 -9.12 20.17 15.08
N LYS B 225 -10.06 19.30 14.72
CA LYS B 225 -11.25 19.07 15.53
C LYS B 225 -10.97 17.94 16.51
N ILE B 226 -11.14 18.21 17.78
CA ILE B 226 -10.88 17.24 18.84
C ILE B 226 -12.15 16.44 19.09
N GLY B 227 -11.97 15.23 19.60
CA GLY B 227 -13.09 14.35 19.88
C GLY B 227 -12.80 12.93 19.47
N TYR B 228 -12.05 12.76 18.38
CA TYR B 228 -11.61 11.43 17.99
C TYR B 228 -10.59 10.88 18.98
N PHE B 229 -9.64 11.71 19.40
CA PHE B 229 -8.65 11.27 20.37
C PHE B 229 -9.25 11.16 21.76
N VAL B 230 -10.31 11.93 22.04
CA VAL B 230 -10.99 11.81 23.32
C VAL B 230 -11.54 10.40 23.49
N ILE B 231 -12.19 9.88 22.44
CA ILE B 231 -12.71 8.52 22.47
C ILE B 231 -11.63 7.47 22.30
N GLN B 232 -10.44 7.88 21.88
CA GLN B 232 -9.36 6.93 21.56
C GLN B 232 -8.29 6.87 22.63
N THR B 233 -7.83 8.03 23.13
CA THR B 233 -6.70 8.09 24.04
C THR B 233 -7.08 8.66 25.40
N TYR B 234 -7.70 9.83 25.44
CA TYR B 234 -7.91 10.51 26.72
C TYR B 234 -8.82 9.68 27.63
N LEU B 235 -9.98 9.28 27.13
CA LEU B 235 -10.93 8.56 27.97
C LEU B 235 -10.34 7.29 28.55
N PRO B 236 -9.71 6.41 27.77
CA PRO B 236 -9.07 5.24 28.38
C PRO B 236 -8.08 5.61 29.47
N CYS B 237 -7.31 6.69 29.25
CA CYS B 237 -6.40 7.15 30.29
C CYS B 237 -7.19 7.66 31.50
N ILE B 238 -8.28 8.38 31.26
CA ILE B 238 -9.06 8.93 32.36
C ILE B 238 -9.64 7.79 33.20
N MET B 239 -10.30 6.83 32.54
CA MET B 239 -10.87 5.71 33.26
C MET B 239 -9.78 4.83 33.88
N THR B 240 -8.63 4.72 33.21
CA THR B 240 -7.54 3.94 33.75
C THR B 240 -7.06 4.51 35.09
N VAL B 241 -6.92 5.84 35.16
CA VAL B 241 -6.53 6.46 36.42
C VAL B 241 -7.57 6.20 37.49
N ILE B 242 -8.85 6.35 37.13
CA ILE B 242 -9.92 6.09 38.09
C ILE B 242 -9.86 4.64 38.57
N LEU B 243 -9.58 3.72 37.66
CA LEU B 243 -9.50 2.31 38.02
C LEU B 243 -8.42 2.08 39.07
N SER B 244 -7.26 2.70 38.89
CA SER B 244 -6.16 2.50 39.84
C SER B 244 -6.54 3.01 41.23
N GLN B 245 -7.21 4.16 41.28
CA GLN B 245 -7.58 4.74 42.57
C GLN B 245 -8.53 3.85 43.36
N VAL B 246 -9.20 2.91 42.69
CA VAL B 246 -10.09 2.00 43.40
C VAL B 246 -9.31 1.18 44.42
N SER B 247 -8.04 0.86 44.12
CA SER B 247 -7.23 0.10 45.06
C SER B 247 -7.11 0.80 46.40
N PHE B 248 -7.23 2.14 46.42
CA PHE B 248 -7.16 2.87 47.68
C PHE B 248 -8.33 2.54 48.60
N TRP B 249 -9.43 2.05 48.05
CA TRP B 249 -10.60 1.68 48.85
C TRP B 249 -10.56 0.23 49.32
N LEU B 250 -9.49 -0.50 49.03
CA LEU B 250 -9.36 -1.89 49.42
C LEU B 250 -8.50 -2.00 50.68
N ASN B 251 -8.71 -3.10 51.42
CA ASN B 251 -7.98 -3.31 52.66
C ASN B 251 -6.50 -3.53 52.36
N ARG B 252 -5.66 -3.08 53.30
CA ARG B 252 -4.22 -3.21 53.12
C ARG B 252 -3.80 -4.66 53.05
N GLU B 253 -4.37 -5.52 53.91
CA GLU B 253 -3.96 -6.92 53.94
C GLU B 253 -4.25 -7.63 52.62
N SER B 254 -5.18 -7.12 51.82
CA SER B 254 -5.48 -7.71 50.52
C SER B 254 -4.37 -7.34 49.53
N VAL B 255 -3.20 -7.90 49.78
CA VAL B 255 -2.01 -7.55 49.00
C VAL B 255 -2.19 -7.96 47.54
N ALA B 256 -2.68 -9.18 47.31
CA ALA B 256 -2.80 -9.68 45.95
C ALA B 256 -3.79 -8.84 45.14
N ALA B 257 -4.93 -8.50 45.74
CA ALA B 257 -5.96 -7.77 45.01
C ALA B 257 -5.45 -6.39 44.56
N ARG B 258 -4.91 -5.61 45.49
CA ARG B 258 -4.40 -4.29 45.14
C ARG B 258 -3.21 -4.39 44.19
N THR B 259 -2.46 -5.48 44.25
CA THR B 259 -1.33 -5.65 43.36
C THR B 259 -1.77 -5.69 41.90
N VAL B 260 -2.86 -6.39 41.62
CA VAL B 260 -3.33 -6.51 40.24
C VAL B 260 -3.73 -5.15 39.70
N PHE B 261 -4.42 -4.35 40.51
CA PHE B 261 -4.85 -3.03 40.06
C PHE B 261 -3.66 -2.20 39.57
N GLY B 262 -2.62 -2.10 40.39
CA GLY B 262 -1.47 -1.30 40.00
C GLY B 262 -0.77 -1.85 38.78
N VAL B 263 -0.54 -3.16 38.76
CA VAL B 263 0.21 -3.77 37.66
C VAL B 263 -0.57 -3.63 36.35
N THR B 264 -1.85 -4.01 36.37
CA THR B 264 -2.64 -3.96 35.14
C THR B 264 -2.77 -2.54 34.61
N THR B 265 -3.05 -1.58 35.51
CA THR B 265 -3.26 -0.21 35.06
C THR B 265 -1.99 0.38 34.46
N VAL B 266 -0.85 0.13 35.08
CA VAL B 266 0.41 0.69 34.57
C VAL B 266 0.71 0.14 33.18
N LEU B 267 0.54 -1.17 33.00
CA LEU B 267 0.73 -1.75 31.67
C LEU B 267 -0.31 -1.21 30.69
N THR B 268 -1.54 -1.04 31.16
CA THR B 268 -2.58 -0.48 30.30
C THR B 268 -2.19 0.90 29.80
N MET B 269 -1.67 1.74 30.68
CA MET B 269 -1.18 3.06 30.26
C MET B 269 -0.02 2.90 29.29
N THR B 270 0.89 1.96 29.56
CA THR B 270 2.06 1.77 28.71
C THR B 270 1.65 1.44 27.28
N THR B 271 0.73 0.48 27.12
CA THR B 271 0.31 0.08 25.78
C THR B 271 -0.41 1.23 25.06
N LEU B 272 -1.18 2.02 25.80
CA LEU B 272 -1.84 3.17 25.19
C LEU B 272 -0.84 4.15 24.62
N SER B 273 0.25 4.40 25.36
CA SER B 273 1.27 5.31 24.87
C SER B 273 1.84 4.85 23.54
N ILE B 274 2.15 3.55 23.42
CA ILE B 274 2.66 3.02 22.17
C ILE B 274 1.58 3.05 21.09
N SER B 275 0.38 2.58 21.44
CA SER B 275 -0.69 2.51 20.45
C SER B 275 -1.07 3.90 19.96
N ALA B 276 -1.10 4.89 20.86
CA ALA B 276 -1.50 6.23 20.47
C ALA B 276 -0.57 6.80 19.41
N ARG B 277 0.73 6.61 19.58
CA ARG B 277 1.71 7.16 18.65
C ARG B 277 1.85 6.34 17.37
N ASN B 278 1.24 5.16 17.32
CA ASN B 278 1.30 4.36 16.09
C ASN B 278 0.69 5.11 14.91
N SER B 279 -0.47 5.73 15.12
CA SER B 279 -1.08 6.55 14.09
C SER B 279 -0.37 7.89 13.96
N LEU B 280 0.17 8.42 15.06
CA LEU B 280 0.85 9.70 15.03
C LEU B 280 2.17 9.57 14.26
N PRO B 281 2.60 10.63 13.57
CA PRO B 281 3.89 10.56 12.87
C PRO B 281 5.04 10.41 13.85
N LYS B 282 6.13 9.79 13.36
CA LYS B 282 7.30 9.52 14.18
C LYS B 282 8.12 10.80 14.34
N VAL B 283 7.55 11.73 15.10
CA VAL B 283 8.19 13.01 15.38
C VAL B 283 9.08 12.86 16.60
N ALA B 284 10.27 13.47 16.54
CA ALA B 284 11.26 13.35 17.61
C ALA B 284 11.11 14.48 18.63
N TYR B 285 9.90 14.68 19.14
CA TYR B 285 9.67 15.63 20.21
C TYR B 285 8.32 15.32 20.86
N ALA B 286 8.13 15.87 22.05
CA ALA B 286 6.96 15.57 22.86
C ALA B 286 5.80 16.46 22.50
N THR B 287 4.61 15.86 22.41
CA THR B 287 3.37 16.58 22.17
C THR B 287 2.62 16.80 23.48
N ALA B 288 1.57 17.61 23.41
CA ALA B 288 0.75 17.84 24.60
C ALA B 288 0.10 16.54 25.07
N MET B 289 -0.32 15.70 24.13
CA MET B 289 -0.91 14.42 24.50
C MET B 289 0.10 13.56 25.27
N ASP B 290 1.37 13.58 24.84
CA ASP B 290 2.38 12.79 25.52
C ASP B 290 2.53 13.22 26.97
N TRP B 291 2.53 14.53 27.22
CA TRP B 291 2.60 15.01 28.59
C TRP B 291 1.40 14.56 29.40
N PHE B 292 0.21 14.61 28.79
CA PHE B 292 -0.99 14.13 29.47
C PHE B 292 -0.86 12.65 29.81
N ILE B 293 -0.32 11.86 28.88
CA ILE B 293 -0.11 10.44 29.14
C ILE B 293 0.87 10.24 30.30
N ALA B 294 1.94 11.01 30.31
CA ALA B 294 2.93 10.87 31.37
C ALA B 294 2.32 11.15 32.74
N VAL B 295 1.50 12.20 32.85
CA VAL B 295 0.86 12.50 34.11
C VAL B 295 -0.04 11.35 34.55
N CYS B 296 -0.84 10.84 33.61
CA CYS B 296 -1.69 9.69 33.94
C CYS B 296 -0.84 8.49 34.34
N TYR B 297 0.31 8.31 33.70
CA TYR B 297 1.22 7.24 34.09
C TYR B 297 1.72 7.44 35.51
N ALA B 298 2.02 8.69 35.88
CA ALA B 298 2.51 8.96 37.23
C ALA B 298 1.46 8.63 38.28
N PHE B 299 0.20 9.00 38.03
CA PHE B 299 -0.86 8.72 39.00
C PHE B 299 -0.96 7.22 39.27
N VAL B 300 -1.09 6.42 38.20
CA VAL B 300 -1.18 4.97 38.38
C VAL B 300 0.11 4.43 38.98
N PHE B 301 1.25 4.89 38.49
CA PHE B 301 2.53 4.45 39.03
C PHE B 301 2.66 4.86 40.49
N SER B 302 2.32 6.11 40.81
CA SER B 302 2.42 6.57 42.18
C SER B 302 1.46 5.80 43.09
N ALA B 303 0.25 5.51 42.59
CA ALA B 303 -0.70 4.74 43.39
C ALA B 303 -0.09 3.41 43.81
N LEU B 304 0.63 2.75 42.90
CA LEU B 304 1.29 1.50 43.25
C LEU B 304 2.34 1.72 44.34
N LEU B 305 3.09 2.82 44.25
CA LEU B 305 4.09 3.12 45.27
C LEU B 305 3.42 3.30 46.63
N GLU B 306 2.29 4.00 46.68
CA GLU B 306 1.61 4.22 47.94
C GLU B 306 1.23 2.89 48.60
N PHE B 307 0.70 1.96 47.82
CA PHE B 307 0.38 0.64 48.36
C PHE B 307 1.63 -0.07 48.83
N ALA B 308 2.69 -0.04 48.02
CA ALA B 308 3.94 -0.70 48.39
C ALA B 308 4.53 -0.09 49.66
N PHE B 309 4.56 1.24 49.72
CA PHE B 309 5.07 1.91 50.91
C PHE B 309 4.22 1.59 52.13
N VAL B 310 2.90 1.63 51.96
CA VAL B 310 2.00 1.30 53.07
C VAL B 310 2.21 -0.14 53.50
N ASN B 311 2.27 -1.07 52.53
CA ASN B 311 2.44 -2.47 52.86
C ASN B 311 3.77 -2.72 53.55
N TYR B 312 4.76 -1.87 53.30
CA TYR B 312 6.07 -2.05 53.92
C TYR B 312 6.07 -1.64 55.39
N ILE B 313 5.29 -0.62 55.74
CA ILE B 313 5.25 -0.09 57.10
C ILE B 313 3.95 -0.45 57.82
N THR B 314 3.17 -1.39 57.28
CA THR B 314 1.94 -1.80 57.93
C THR B 314 2.20 -2.53 59.24
N LYS B 315 3.45 -2.92 59.51
CA LYS B 315 3.80 -3.59 60.75
C LYS B 315 4.31 -2.61 61.81
N SER B 316 5.33 -1.83 61.48
CA SER B 316 5.95 -0.97 62.48
C SER B 316 4.97 0.07 62.99
N GLN B 317 4.34 0.82 62.09
CA GLN B 317 3.45 1.92 62.45
C GLN B 317 2.15 1.80 61.65
N PRO B 318 1.28 0.86 62.02
CA PRO B 318 0.00 0.73 61.30
C PRO B 318 -0.84 2.00 61.35
N ALA B 319 -0.74 2.77 62.43
CA ALA B 319 -1.58 3.96 62.57
C ALA B 319 -1.36 4.94 61.41
N ARG B 320 -0.10 5.26 61.13
CA ARG B 320 0.19 6.19 60.04
C ARG B 320 -0.17 5.59 58.69
N ALA B 321 -0.02 4.27 58.54
CA ALA B 321 -0.35 3.63 57.28
C ALA B 321 -1.83 3.80 56.95
N ALA B 322 -2.70 3.61 57.95
CA ALA B 322 -4.14 3.78 57.71
C ALA B 322 -4.47 5.21 57.32
N LYS B 323 -3.81 6.19 57.96
CA LYS B 323 -4.05 7.58 57.60
C LYS B 323 -3.71 7.86 56.15
N ILE B 324 -2.59 7.30 55.67
CA ILE B 324 -2.19 7.51 54.28
C ILE B 324 -3.24 6.93 53.34
N ASP B 325 -3.71 5.72 53.63
CA ASP B 325 -4.69 5.08 52.76
C ASP B 325 -5.97 5.90 52.68
N LYS B 326 -6.51 6.30 53.83
CA LYS B 326 -7.72 7.12 53.82
C LYS B 326 -7.47 8.47 53.16
N MET B 327 -6.33 9.09 53.48
CA MET B 327 -5.99 10.37 52.85
C MET B 327 -5.78 10.20 51.36
N SER B 328 -5.19 9.08 50.95
CA SER B 328 -4.90 8.87 49.53
C SER B 328 -6.17 8.86 48.69
N ARG B 329 -7.25 8.28 49.22
CA ARG B 329 -8.48 8.17 48.45
C ARG B 329 -8.99 9.54 48.00
N ILE B 330 -8.64 10.60 48.73
CA ILE B 330 -9.13 11.94 48.45
C ILE B 330 -8.11 12.77 47.68
N VAL B 331 -6.83 12.63 48.02
CA VAL B 331 -5.81 13.47 47.41
C VAL B 331 -5.71 13.22 45.91
N PHE B 332 -5.58 11.95 45.52
CA PHE B 332 -5.33 11.63 44.12
C PHE B 332 -6.46 12.08 43.21
N PRO B 333 -7.73 11.78 43.48
CA PRO B 333 -8.80 12.26 42.59
C PRO B 333 -8.80 13.76 42.42
N ILE B 334 -8.56 14.51 43.49
CA ILE B 334 -8.52 15.97 43.39
C ILE B 334 -7.36 16.43 42.51
N LEU B 335 -6.18 15.84 42.71
CA LEU B 335 -5.03 16.22 41.90
C LEU B 335 -5.28 15.92 40.44
N PHE B 336 -5.82 14.74 40.13
CA PHE B 336 -6.13 14.40 38.74
C PHE B 336 -7.17 15.36 38.18
N GLY B 337 -8.23 15.64 38.94
CA GLY B 337 -9.22 16.60 38.50
C GLY B 337 -8.64 17.99 38.36
N THR B 338 -7.82 18.41 39.32
CA THR B 338 -7.20 19.72 39.25
C THR B 338 -6.29 19.84 38.03
N PHE B 339 -5.51 18.79 37.75
CA PHE B 339 -4.60 18.82 36.62
C PHE B 339 -5.35 19.02 35.30
N ASN B 340 -6.48 18.32 35.13
CA ASN B 340 -7.20 18.38 33.87
C ASN B 340 -7.65 19.81 33.57
N LEU B 341 -8.17 20.51 34.58
CA LEU B 341 -8.63 21.88 34.36
C LEU B 341 -7.48 22.76 33.87
N VAL B 342 -6.31 22.63 34.48
CA VAL B 342 -5.14 23.37 34.01
C VAL B 342 -4.78 22.95 32.59
N TYR B 343 -4.81 21.64 32.32
CA TYR B 343 -4.42 21.14 31.00
C TYR B 343 -5.34 21.69 29.92
N TRP B 344 -6.63 21.33 29.99
CA TRP B 344 -7.55 21.72 28.93
C TRP B 344 -7.67 23.23 28.82
N ALA B 345 -7.77 23.93 29.95
CA ALA B 345 -7.87 25.38 29.91
C ALA B 345 -6.62 26.00 29.29
N THR B 346 -5.45 25.41 29.56
CA THR B 346 -4.21 25.96 29.03
C THR B 346 -4.20 25.97 27.51
N TYR B 347 -4.66 24.89 26.89
CA TYR B 347 -4.65 24.78 25.44
C TYR B 347 -5.91 25.35 24.80
N LEU B 348 -7.05 25.29 25.50
CA LEU B 348 -8.31 25.83 24.97
C LEU B 348 -8.44 27.30 25.35
N ASN B 349 -7.52 28.10 24.84
CA ASN B 349 -7.50 29.53 25.11
C ASN B 349 -6.42 30.22 24.29
N ASN C 14 -17.42 -3.93 -52.60
CA ASN C 14 -18.63 -3.69 -51.82
C ASN C 14 -18.30 -3.16 -50.43
N ILE C 15 -17.02 -3.22 -50.07
CA ILE C 15 -16.55 -2.72 -48.78
C ILE C 15 -15.95 -1.33 -48.95
N THR C 16 -15.39 -1.08 -50.13
CA THR C 16 -14.80 0.23 -50.40
C THR C 16 -15.82 1.35 -50.24
N ILE C 17 -17.10 1.04 -50.44
CA ILE C 17 -18.14 2.06 -50.27
C ILE C 17 -18.09 2.63 -48.86
N PHE C 18 -17.90 1.76 -47.86
CA PHE C 18 -17.81 2.24 -46.48
C PHE C 18 -16.64 3.18 -46.29
N THR C 19 -15.48 2.83 -46.87
CA THR C 19 -14.29 3.65 -46.69
C THR C 19 -14.47 5.05 -47.28
N ARG C 20 -15.08 5.13 -48.47
CA ARG C 20 -15.27 6.44 -49.09
C ARG C 20 -16.14 7.34 -48.24
N ILE C 21 -17.20 6.78 -47.64
CA ILE C 21 -18.10 7.60 -46.84
C ILE C 21 -17.37 8.19 -45.64
N LEU C 22 -16.57 7.37 -44.96
CA LEU C 22 -15.84 7.87 -43.79
C LEU C 22 -14.91 9.02 -44.17
N ASP C 23 -14.21 8.89 -45.30
CA ASP C 23 -13.35 9.98 -45.76
C ASP C 23 -14.16 11.23 -46.03
N GLY C 24 -15.35 11.07 -46.63
CA GLY C 24 -16.19 12.23 -46.89
C GLY C 24 -16.62 12.93 -45.62
N LEU C 25 -16.97 12.16 -44.59
CA LEU C 25 -17.39 12.75 -43.33
C LEU C 25 -16.28 13.59 -42.72
N LEU C 26 -15.06 13.08 -42.72
CA LEU C 26 -13.91 13.81 -42.18
C LEU C 26 -13.43 14.91 -43.12
N ASP C 27 -13.88 14.92 -44.37
CA ASP C 27 -13.48 15.95 -45.32
C ASP C 27 -14.04 17.30 -44.87
N GLY C 28 -13.16 18.20 -44.44
CA GLY C 28 -13.60 19.49 -43.99
C GLY C 28 -14.28 19.50 -42.64
N TYR C 29 -14.03 18.50 -41.81
CA TYR C 29 -14.64 18.39 -40.50
C TYR C 29 -13.63 18.84 -39.44
N ASP C 30 -14.05 19.77 -38.59
CA ASP C 30 -13.22 20.29 -37.51
C ASP C 30 -13.75 19.76 -36.18
N ASN C 31 -12.90 19.02 -35.47
CA ASN C 31 -13.29 18.46 -34.18
C ASN C 31 -13.20 19.45 -33.04
N ARG C 32 -12.62 20.63 -33.27
CA ARG C 32 -12.51 21.64 -32.23
C ARG C 32 -13.79 22.46 -32.06
N LEU C 33 -14.77 22.28 -32.93
CA LEU C 33 -16.02 23.02 -32.89
C LEU C 33 -17.17 22.07 -32.58
N ARG C 34 -17.95 22.39 -31.56
CA ARG C 34 -19.09 21.56 -31.22
C ARG C 34 -20.15 21.65 -32.32
N PRO C 35 -20.94 20.60 -32.49
CA PRO C 35 -21.98 20.63 -33.53
C PRO C 35 -23.02 21.71 -33.24
N GLY C 36 -23.56 22.28 -34.31
CA GLY C 36 -24.57 23.32 -34.17
C GLY C 36 -24.07 24.54 -33.43
N LEU C 37 -22.81 24.91 -33.64
CA LEU C 37 -22.24 26.06 -32.95
C LEU C 37 -22.84 27.34 -33.51
N GLY C 38 -23.22 28.25 -32.62
CA GLY C 38 -23.80 29.51 -33.04
C GLY C 38 -25.13 29.39 -33.75
N GLU C 39 -25.80 28.25 -33.62
CA GLU C 39 -27.09 28.03 -34.26
C GLU C 39 -28.13 27.55 -33.27
N ARG C 40 -27.69 26.83 -32.24
CA ARG C 40 -28.57 26.24 -31.24
C ARG C 40 -27.71 25.76 -30.08
N ILE C 41 -28.33 25.07 -29.13
CA ILE C 41 -27.65 24.50 -27.98
C ILE C 41 -27.53 23.01 -28.19
N THR C 42 -26.32 22.48 -28.04
CA THR C 42 -26.10 21.05 -28.23
C THR C 42 -26.74 20.28 -27.08
N GLN C 43 -27.52 19.27 -27.42
CA GLN C 43 -28.23 18.45 -26.45
C GLN C 43 -27.58 17.07 -26.38
N VAL C 44 -27.28 16.62 -25.16
CA VAL C 44 -26.60 15.36 -24.92
C VAL C 44 -27.48 14.50 -24.02
N ARG C 45 -27.68 13.25 -24.41
CA ARG C 45 -28.42 12.28 -23.62
C ARG C 45 -27.45 11.27 -23.05
N THR C 46 -27.55 11.02 -21.75
CA THR C 46 -26.63 10.14 -21.04
C THR C 46 -27.40 8.96 -20.47
N ASP C 47 -26.90 7.76 -20.72
CA ASP C 47 -27.41 6.53 -20.13
C ASP C 47 -26.25 5.73 -19.57
N MET C 48 -26.42 5.18 -18.38
CA MET C 48 -25.35 4.53 -17.65
C MET C 48 -25.72 3.07 -17.40
N TYR C 49 -24.76 2.17 -17.62
CA TYR C 49 -24.90 0.76 -17.32
C TYR C 49 -23.75 0.36 -16.41
N VAL C 50 -24.07 0.01 -15.17
CA VAL C 50 -23.05 -0.31 -14.18
C VAL C 50 -22.62 -1.76 -14.39
N ASN C 51 -21.41 -1.94 -14.92
CA ASN C 51 -20.88 -3.29 -15.09
C ASN C 51 -20.68 -3.98 -13.74
N SER C 52 -20.18 -3.24 -12.75
CA SER C 52 -19.97 -3.80 -11.42
C SER C 52 -19.74 -2.66 -10.45
N PHE C 53 -20.42 -2.71 -9.31
CA PHE C 53 -20.26 -1.72 -8.25
C PHE C 53 -19.14 -2.20 -7.33
N GLY C 54 -17.97 -1.60 -7.45
CA GLY C 54 -16.81 -2.05 -6.73
C GLY C 54 -16.92 -1.85 -5.23
N PRO C 55 -15.89 -2.25 -4.50
CA PRO C 55 -15.93 -2.14 -3.03
C PRO C 55 -15.95 -0.69 -2.59
N VAL C 56 -16.53 -0.46 -1.42
CA VAL C 56 -16.63 0.86 -0.81
C VAL C 56 -15.62 0.90 0.34
N SER C 57 -14.61 1.74 0.20
CA SER C 57 -13.59 1.90 1.23
C SER C 57 -14.07 2.91 2.25
N ASP C 58 -14.56 2.44 3.39
CA ASP C 58 -15.05 3.35 4.43
C ASP C 58 -13.93 4.24 4.94
N THR C 59 -12.74 3.67 5.15
CA THR C 59 -11.63 4.45 5.68
C THR C 59 -11.27 5.60 4.74
N GLU C 60 -11.25 5.33 3.44
CA GLU C 60 -10.93 6.35 2.45
C GLU C 60 -12.13 7.16 2.02
N MET C 61 -13.32 6.82 2.49
CA MET C 61 -14.54 7.56 2.18
C MET C 61 -14.74 7.67 0.66
N GLU C 62 -14.55 6.54 -0.02
CA GLU C 62 -14.68 6.50 -1.47
C GLU C 62 -15.18 5.11 -1.87
N TYR C 63 -15.41 4.94 -3.16
CA TYR C 63 -15.88 3.66 -3.69
C TYR C 63 -15.39 3.51 -5.12
N THR C 64 -15.40 2.27 -5.60
CA THR C 64 -15.00 1.95 -6.96
C THR C 64 -16.23 1.45 -7.73
N ILE C 65 -16.33 1.88 -8.99
CA ILE C 65 -17.45 1.50 -9.84
C ILE C 65 -16.95 1.32 -11.26
N ASP C 66 -17.45 0.29 -11.93
CA ASP C 66 -17.16 0.02 -13.33
C ASP C 66 -18.45 0.17 -14.12
N ILE C 67 -18.46 1.07 -15.10
CA ILE C 67 -19.66 1.42 -15.84
C ILE C 67 -19.35 1.52 -17.32
N PHE C 68 -20.38 1.35 -18.14
CA PHE C 68 -20.31 1.62 -19.57
C PHE C 68 -21.02 2.94 -19.83
N PHE C 69 -20.31 4.03 -19.60
CA PHE C 69 -20.88 5.35 -19.76
C PHE C 69 -21.17 5.61 -21.23
N ALA C 70 -22.39 6.08 -21.52
CA ALA C 70 -22.86 6.28 -22.88
C ALA C 70 -23.41 7.69 -23.04
N GLN C 71 -23.15 8.28 -24.19
CA GLN C 71 -23.65 9.60 -24.53
C GLN C 71 -24.23 9.58 -25.94
N THR C 72 -25.22 10.44 -26.17
CA THR C 72 -25.86 10.56 -27.46
C THR C 72 -26.10 12.02 -27.77
N TRP C 73 -25.86 12.40 -29.03
CA TRP C 73 -26.10 13.78 -29.45
C TRP C 73 -26.21 13.80 -30.97
N LYS C 74 -26.61 14.95 -31.49
CA LYS C 74 -26.89 15.12 -32.91
C LYS C 74 -25.80 15.96 -33.56
N ASP C 75 -25.29 15.50 -34.70
CA ASP C 75 -24.29 16.23 -35.47
C ASP C 75 -24.71 16.20 -36.94
N GLU C 76 -25.06 17.36 -37.48
CA GLU C 76 -25.49 17.43 -38.88
C GLU C 76 -24.34 17.15 -39.83
N ARG C 77 -23.11 17.49 -39.43
CA ARG C 77 -21.97 17.30 -40.31
C ARG C 77 -21.73 15.82 -40.64
N LEU C 78 -22.29 14.91 -39.85
CA LEU C 78 -22.06 13.48 -40.03
C LEU C 78 -23.18 12.81 -40.81
N ARG C 79 -24.13 13.57 -41.34
CA ARG C 79 -25.19 12.98 -42.14
C ARG C 79 -24.60 12.32 -43.38
N PHE C 80 -25.12 11.14 -43.70
CA PHE C 80 -24.61 10.37 -44.83
C PHE C 80 -25.72 9.52 -45.41
N LYS C 81 -25.52 9.08 -46.65
CA LYS C 81 -26.47 8.23 -47.34
C LYS C 81 -25.73 7.00 -47.85
N GLY C 82 -26.28 5.81 -47.57
CA GLY C 82 -25.67 4.58 -48.00
C GLY C 82 -26.55 3.38 -47.73
N PRO C 83 -26.15 2.21 -48.25
CA PRO C 83 -26.96 1.00 -48.03
C PRO C 83 -27.11 0.63 -46.56
N MET C 84 -26.10 0.91 -45.74
CA MET C 84 -26.11 0.55 -44.33
C MET C 84 -26.56 1.76 -43.51
N GLN C 85 -27.53 1.53 -42.62
CA GLN C 85 -28.09 2.61 -41.80
C GLN C 85 -27.30 2.88 -40.54
N ARG C 86 -26.29 2.06 -40.24
CA ARG C 86 -25.48 2.23 -39.04
C ARG C 86 -24.02 1.94 -39.37
N LEU C 87 -23.13 2.54 -38.59
CA LEU C 87 -21.68 2.42 -38.80
C LEU C 87 -21.00 2.09 -37.48
N PRO C 88 -21.11 0.84 -37.02
CA PRO C 88 -20.35 0.44 -35.83
C PRO C 88 -18.86 0.63 -36.06
N LEU C 89 -18.17 1.09 -35.01
CA LEU C 89 -16.76 1.42 -35.11
C LEU C 89 -16.11 1.19 -33.75
N ASN C 90 -14.89 1.69 -33.58
CA ASN C 90 -14.12 1.51 -32.37
C ASN C 90 -13.40 2.82 -32.05
N ASN C 91 -12.43 2.75 -31.15
CA ASN C 91 -11.74 3.95 -30.69
C ASN C 91 -10.96 4.64 -31.80
N LEU C 92 -10.72 3.98 -32.93
CA LEU C 92 -9.89 4.56 -33.97
C LEU C 92 -10.45 5.89 -34.45
N LEU C 93 -11.76 5.97 -34.68
CA LEU C 93 -12.39 7.18 -35.16
C LEU C 93 -12.86 8.09 -34.03
N ALA C 94 -12.72 7.66 -32.77
CA ALA C 94 -13.22 8.47 -31.66
C ALA C 94 -12.51 9.81 -31.60
N SER C 95 -11.19 9.82 -31.76
CA SER C 95 -10.42 11.05 -31.64
C SER C 95 -10.50 11.93 -32.88
N LYS C 96 -11.06 11.43 -33.99
CA LYS C 96 -11.11 12.19 -35.22
C LYS C 96 -12.26 13.19 -35.27
N ILE C 97 -13.20 13.12 -34.32
CA ILE C 97 -14.37 13.98 -34.34
C ILE C 97 -14.58 14.58 -32.96
N TRP C 98 -15.43 15.61 -32.91
CA TRP C 98 -15.69 16.32 -31.67
C TRP C 98 -16.43 15.42 -30.68
N THR C 99 -16.02 15.50 -29.42
CA THR C 99 -16.69 14.81 -28.33
C THR C 99 -16.76 15.73 -27.13
N PRO C 100 -17.77 15.59 -26.28
CA PRO C 100 -17.88 16.47 -25.11
C PRO C 100 -16.75 16.23 -24.13
N ASP C 101 -16.39 17.30 -23.41
CA ASP C 101 -15.34 17.23 -22.40
C ASP C 101 -15.90 16.83 -21.04
N THR C 102 -16.65 15.73 -21.02
CA THR C 102 -17.28 15.28 -19.79
C THR C 102 -16.25 14.88 -18.76
N PHE C 103 -16.49 15.26 -17.51
CA PHE C 103 -15.63 14.90 -16.39
C PHE C 103 -16.48 14.72 -15.15
N PHE C 104 -15.91 14.03 -14.17
CA PHE C 104 -16.59 13.73 -12.92
C PHE C 104 -16.08 14.66 -11.83
N HIS C 105 -16.98 15.47 -11.28
CA HIS C 105 -16.58 16.45 -10.27
C HIS C 105 -16.02 15.76 -9.03
N ASN C 106 -16.67 14.70 -8.58
CA ASN C 106 -16.24 13.97 -7.40
C ASN C 106 -15.33 12.79 -7.74
N GLY C 107 -15.03 12.56 -9.01
CA GLY C 107 -14.11 11.52 -9.39
C GLY C 107 -12.68 11.89 -9.07
N LYS C 108 -12.10 11.24 -8.05
CA LYS C 108 -10.76 11.59 -7.63
C LYS C 108 -9.69 11.04 -8.57
N LYS C 109 -9.92 9.86 -9.15
CA LYS C 109 -8.95 9.27 -10.08
C LYS C 109 -9.70 8.32 -11.00
N SER C 110 -9.95 8.76 -12.22
CA SER C 110 -10.66 7.99 -13.23
C SER C 110 -9.68 7.58 -14.31
N PHE C 111 -9.56 6.27 -14.54
CA PHE C 111 -8.69 5.73 -15.56
C PHE C 111 -9.46 4.70 -16.38
N ALA C 112 -9.36 4.81 -17.70
CA ALA C 112 -10.03 3.89 -18.60
C ALA C 112 -9.20 2.62 -18.79
N HIS C 113 -9.81 1.63 -19.44
CA HIS C 113 -9.16 0.35 -19.72
C HIS C 113 -8.73 0.32 -21.18
N TRP C 114 -7.45 0.05 -21.41
CA TRP C 114 -6.89 0.06 -22.75
C TRP C 114 -6.58 -1.35 -23.27
N MET C 115 -6.70 -2.38 -22.43
CA MET C 115 -6.40 -3.74 -22.82
C MET C 115 -7.70 -4.52 -22.96
N THR C 116 -7.83 -5.30 -24.04
CA THR C 116 -6.87 -5.48 -25.12
C THR C 116 -6.80 -4.24 -26.02
N THR C 117 -7.95 -3.59 -26.16
CA THR C 117 -8.09 -2.38 -26.96
C THR C 117 -8.88 -1.35 -26.17
N PRO C 118 -8.58 -0.05 -26.33
CA PRO C 118 -9.38 0.97 -25.66
C PRO C 118 -10.88 0.73 -25.84
N ASN C 119 -11.57 0.49 -24.73
CA ASN C 119 -12.98 0.10 -24.76
C ASN C 119 -13.80 1.33 -25.10
N ARG C 120 -13.97 1.57 -26.40
CA ARG C 120 -14.77 2.69 -26.88
C ARG C 120 -15.56 2.24 -28.09
N MET C 121 -16.84 2.62 -28.14
CA MET C 121 -17.71 2.32 -29.26
C MET C 121 -18.22 3.62 -29.86
N LEU C 122 -18.26 3.68 -31.18
CA LEU C 122 -18.74 4.85 -31.91
C LEU C 122 -19.68 4.38 -33.01
N ARG C 123 -20.91 4.88 -32.98
CA ARG C 123 -21.92 4.51 -33.96
C ARG C 123 -22.55 5.77 -34.53
N ILE C 124 -22.90 5.72 -35.82
CA ILE C 124 -23.46 6.87 -36.52
C ILE C 124 -24.58 6.38 -37.42
N TRP C 125 -25.66 7.16 -37.50
CA TRP C 125 -26.78 6.89 -38.37
C TRP C 125 -26.89 7.97 -39.44
N ASN C 126 -27.77 7.73 -40.41
CA ASN C 126 -27.90 8.65 -41.53
C ASN C 126 -28.33 10.03 -41.07
N ASP C 127 -29.23 10.10 -40.09
CA ASP C 127 -29.71 11.39 -39.60
C ASP C 127 -28.59 12.21 -38.96
N GLY C 128 -27.48 11.57 -38.60
CA GLY C 128 -26.40 12.24 -37.92
C GLY C 128 -26.32 11.98 -36.43
N ARG C 129 -27.19 11.14 -35.89
CA ARG C 129 -27.14 10.80 -34.48
C ARG C 129 -25.87 10.01 -34.19
N VAL C 130 -25.29 10.27 -33.01
CA VAL C 130 -24.02 9.68 -32.62
C VAL C 130 -24.19 9.01 -31.26
N LEU C 131 -23.61 7.83 -31.11
CA LEU C 131 -23.58 7.10 -29.85
C LEU C 131 -22.14 6.80 -29.49
N TYR C 132 -21.74 7.18 -28.28
CA TYR C 132 -20.34 7.08 -27.84
C TYR C 132 -20.34 6.47 -26.44
N THR C 133 -20.24 5.15 -26.38
CA THR C 133 -20.20 4.43 -25.11
C THR C 133 -18.75 4.23 -24.70
N LEU C 134 -18.45 4.52 -23.44
CA LEU C 134 -17.10 4.47 -22.92
C LEU C 134 -17.08 3.73 -21.59
N ARG C 135 -16.10 2.85 -21.42
CA ARG C 135 -15.92 2.14 -20.17
C ARG C 135 -14.99 2.93 -19.26
N LEU C 136 -15.28 2.90 -17.96
CA LEU C 136 -14.51 3.67 -17.00
C LEU C 136 -14.51 2.97 -15.66
N THR C 137 -13.52 3.31 -14.84
CA THR C 137 -13.44 2.88 -13.45
C THR C 137 -13.15 4.11 -12.61
N ILE C 138 -14.06 4.43 -11.69
CA ILE C 138 -14.04 5.69 -10.97
C ILE C 138 -13.84 5.41 -9.49
N SER C 139 -12.82 6.03 -8.90
CA SER C 139 -12.61 6.00 -7.46
C SER C 139 -13.21 7.24 -6.80
N ALA C 140 -14.51 7.43 -7.04
CA ALA C 140 -15.20 8.61 -6.56
C ALA C 140 -15.34 8.58 -5.04
N GLU C 141 -15.42 9.77 -4.45
CA GLU C 141 -15.57 9.91 -3.01
C GLU C 141 -17.04 9.90 -2.64
N CYS C 142 -17.36 9.25 -1.52
CA CYS C 142 -18.72 9.16 -1.01
C CYS C 142 -18.73 9.65 0.44
N PRO C 143 -18.92 10.95 0.67
CA PRO C 143 -19.04 11.42 2.05
C PRO C 143 -20.23 10.76 2.75
N MET C 144 -20.03 10.42 4.02
CA MET C 144 -21.02 9.69 4.80
C MET C 144 -21.14 10.31 6.19
N ASP C 145 -22.37 10.41 6.66
CA ASP C 145 -22.68 10.91 8.00
C ASP C 145 -22.91 9.70 8.89
N LEU C 146 -21.87 9.30 9.63
CA LEU C 146 -21.94 8.11 10.47
C LEU C 146 -22.52 8.42 11.85
N GLU C 147 -23.68 9.07 11.86
CA GLU C 147 -24.35 9.35 13.13
C GLU C 147 -25.06 8.11 13.66
N ASP C 148 -25.61 7.29 12.77
CA ASP C 148 -26.31 6.07 13.13
C ASP C 148 -25.53 4.82 12.77
N PHE C 149 -24.22 4.94 12.60
CA PHE C 149 -23.41 3.79 12.23
C PHE C 149 -23.51 2.71 13.31
N PRO C 150 -23.60 1.42 12.93
CA PRO C 150 -23.63 0.87 11.57
C PRO C 150 -25.00 0.90 10.91
N MET C 151 -26.08 1.13 11.66
CA MET C 151 -27.42 1.17 11.08
C MET C 151 -27.62 2.51 10.37
N ASP C 152 -26.97 2.64 9.22
CA ASP C 152 -26.99 3.86 8.44
C ASP C 152 -27.35 3.55 6.99
N GLU C 153 -28.00 4.51 6.36
CA GLU C 153 -28.35 4.44 4.94
C GLU C 153 -27.56 5.52 4.22
N GLN C 154 -26.55 5.12 3.46
CA GLN C 154 -25.65 6.04 2.79
C GLN C 154 -26.12 6.29 1.36
N ASN C 155 -25.94 7.52 0.89
CA ASN C 155 -26.35 7.95 -0.44
C ASN C 155 -25.11 8.42 -1.17
N CYS C 156 -24.42 7.48 -1.82
CA CYS C 156 -23.21 7.81 -2.56
C CYS C 156 -23.58 8.39 -3.91
N PRO C 157 -23.20 9.63 -4.22
CA PRO C 157 -23.57 10.23 -5.49
C PRO C 157 -22.50 10.02 -6.56
N LEU C 158 -22.85 10.44 -7.79
CA LEU C 158 -21.91 10.43 -8.90
C LEU C 158 -22.24 11.64 -9.77
N LYS C 159 -21.39 12.66 -9.70
CA LYS C 159 -21.62 13.93 -10.38
C LYS C 159 -20.66 14.07 -11.55
N PHE C 160 -21.20 14.46 -12.70
CA PHE C 160 -20.38 14.70 -13.88
C PHE C 160 -21.01 15.80 -14.70
N GLY C 161 -20.19 16.43 -15.54
CA GLY C 161 -20.66 17.52 -16.38
C GLY C 161 -19.54 18.04 -17.24
N SER C 162 -19.87 19.06 -18.02
CA SER C 162 -18.89 19.68 -18.91
C SER C 162 -17.88 20.48 -18.11
N TYR C 163 -16.64 20.51 -18.61
CA TYR C 163 -15.57 21.26 -17.99
C TYR C 163 -15.36 22.63 -18.62
N ALA C 164 -15.68 22.78 -19.92
CA ALA C 164 -15.45 24.02 -20.63
C ALA C 164 -16.68 24.57 -21.35
N TYR C 165 -17.75 23.79 -21.47
CA TYR C 165 -18.94 24.26 -22.18
C TYR C 165 -20.01 24.61 -21.16
N PRO C 166 -20.38 25.89 -21.01
CA PRO C 166 -21.40 26.24 -20.01
C PRO C 166 -22.77 25.67 -20.33
N ASN C 167 -23.73 25.91 -19.44
CA ASN C 167 -25.09 25.41 -19.65
C ASN C 167 -25.75 26.02 -20.87
N SER C 168 -25.25 27.16 -21.35
CA SER C 168 -25.83 27.82 -22.51
C SER C 168 -25.43 27.17 -23.83
N GLU C 169 -24.41 26.31 -23.83
CA GLU C 169 -23.91 25.67 -25.03
C GLU C 169 -24.16 24.16 -25.04
N VAL C 170 -23.89 23.48 -23.94
CA VAL C 170 -24.04 22.04 -23.84
C VAL C 170 -24.95 21.73 -22.65
N VAL C 171 -25.93 20.86 -22.86
CA VAL C 171 -26.88 20.48 -21.83
C VAL C 171 -26.93 18.96 -21.77
N TYR C 172 -26.84 18.43 -20.55
CA TYR C 172 -26.93 16.99 -20.30
C TYR C 172 -28.31 16.68 -19.73
N VAL C 173 -28.96 15.66 -20.29
CA VAL C 173 -30.28 15.24 -19.83
C VAL C 173 -30.33 13.71 -19.86
N TRP C 174 -30.89 13.12 -18.82
CA TRP C 174 -31.09 11.68 -18.79
C TRP C 174 -32.13 11.28 -19.83
N THR C 175 -31.91 10.12 -20.45
CA THR C 175 -32.78 9.63 -21.49
C THR C 175 -33.92 8.82 -20.89
N ASN C 176 -35.14 9.10 -21.34
CA ASN C 176 -36.33 8.38 -20.86
C ASN C 176 -36.45 8.61 -19.35
N GLY C 177 -36.94 7.61 -18.61
CA GLY C 177 -37.09 7.73 -17.18
C GLY C 177 -35.85 7.33 -16.41
N SER C 178 -35.99 7.35 -15.08
CA SER C 178 -34.86 7.02 -14.22
C SER C 178 -34.50 5.54 -14.34
N THR C 179 -35.49 4.67 -14.51
CA THR C 179 -35.23 3.24 -14.57
C THR C 179 -34.33 2.90 -15.74
N LYS C 180 -34.64 3.43 -16.93
CA LYS C 180 -33.82 3.18 -18.11
C LYS C 180 -32.53 3.97 -18.12
N SER C 181 -32.49 5.12 -17.44
CA SER C 181 -31.29 5.94 -17.44
C SER C 181 -30.12 5.22 -16.81
N VAL C 182 -30.35 4.53 -15.70
CA VAL C 182 -29.31 3.80 -14.98
C VAL C 182 -29.71 2.33 -14.92
N VAL C 183 -28.79 1.45 -15.33
CA VAL C 183 -29.00 0.02 -15.33
C VAL C 183 -27.86 -0.62 -14.55
N VAL C 184 -28.20 -1.52 -13.63
CA VAL C 184 -27.22 -2.19 -12.78
C VAL C 184 -27.31 -3.69 -13.04
N ALA C 185 -26.17 -4.31 -13.34
CA ALA C 185 -26.14 -5.74 -13.54
C ALA C 185 -26.44 -6.48 -12.24
N GLU C 186 -27.13 -7.61 -12.36
CA GLU C 186 -27.54 -8.36 -11.18
C GLU C 186 -26.32 -8.82 -10.38
N ASP C 187 -25.31 -9.36 -11.07
CA ASP C 187 -24.11 -9.82 -10.39
C ASP C 187 -23.12 -8.69 -10.11
N GLY C 188 -23.27 -7.55 -10.78
CA GLY C 188 -22.35 -6.45 -10.54
C GLY C 188 -22.50 -5.85 -9.17
N SER C 189 -23.74 -5.71 -8.70
CA SER C 189 -24.03 -5.09 -7.40
C SER C 189 -23.84 -6.13 -6.31
N ARG C 190 -22.57 -6.44 -6.02
CA ARG C 190 -22.19 -7.38 -4.98
C ARG C 190 -21.12 -6.73 -4.10
N LEU C 191 -21.49 -6.42 -2.87
CA LEU C 191 -20.58 -5.82 -1.90
C LEU C 191 -20.56 -6.68 -0.65
N ASN C 192 -19.46 -6.55 0.10
CA ASN C 192 -19.28 -7.37 1.30
C ASN C 192 -20.13 -6.88 2.46
N GLN C 193 -20.30 -5.58 2.60
CA GLN C 193 -20.98 -4.99 3.75
C GLN C 193 -21.93 -3.87 3.32
N TYR C 194 -22.66 -4.08 2.22
CA TYR C 194 -23.60 -3.08 1.76
C TYR C 194 -24.65 -3.74 0.88
N HIS C 195 -25.86 -3.19 0.92
CA HIS C 195 -26.95 -3.59 0.05
C HIS C 195 -27.30 -2.44 -0.87
N LEU C 196 -27.36 -2.71 -2.17
CA LEU C 196 -27.71 -1.69 -3.15
C LEU C 196 -29.22 -1.63 -3.25
N MET C 197 -29.83 -0.75 -2.44
CA MET C 197 -31.28 -0.67 -2.40
C MET C 197 -31.87 -0.16 -3.71
N GLY C 198 -31.23 0.80 -4.34
CA GLY C 198 -31.75 1.37 -5.57
C GLY C 198 -30.90 2.52 -6.04
N GLN C 199 -31.35 3.12 -7.14
CA GLN C 199 -30.64 4.21 -7.79
C GLN C 199 -31.60 5.32 -8.15
N THR C 200 -31.07 6.54 -8.22
CA THR C 200 -31.85 7.70 -8.60
C THR C 200 -30.95 8.67 -9.36
N VAL C 201 -31.58 9.59 -10.08
CA VAL C 201 -30.88 10.58 -10.89
C VAL C 201 -31.41 11.97 -10.56
N GLY C 202 -30.57 12.97 -10.82
CA GLY C 202 -30.96 14.35 -10.58
C GLY C 202 -30.09 15.29 -11.38
N THR C 203 -30.64 16.45 -11.71
CA THR C 203 -29.94 17.46 -12.49
C THR C 203 -30.11 18.82 -11.83
N GLU C 204 -29.09 19.67 -11.98
CA GLU C 204 -29.11 20.98 -11.39
C GLU C 204 -28.12 21.87 -12.11
N ASN C 205 -28.30 23.18 -11.97
CA ASN C 205 -27.40 24.18 -12.52
C ASN C 205 -26.57 24.80 -11.39
N ILE C 206 -25.30 25.05 -11.66
CA ILE C 206 -24.40 25.66 -10.70
C ILE C 206 -23.77 26.88 -11.36
N SER C 207 -23.75 28.00 -10.64
CA SER C 207 -23.16 29.24 -11.12
C SER C 207 -21.77 29.40 -10.51
N THR C 208 -20.79 29.69 -11.37
CA THR C 208 -19.40 29.84 -10.93
C THR C 208 -18.82 31.06 -11.64
N SER C 209 -17.52 31.26 -11.48
CA SER C 209 -16.86 32.40 -12.10
C SER C 209 -16.91 32.31 -13.61
N THR C 210 -16.74 31.11 -14.17
CA THR C 210 -16.69 30.92 -15.61
C THR C 210 -18.06 30.76 -16.24
N GLY C 211 -19.13 30.78 -15.46
CA GLY C 211 -20.48 30.70 -15.98
C GLY C 211 -21.24 29.52 -15.39
N GLU C 212 -22.47 29.36 -15.88
CA GLU C 212 -23.34 28.29 -15.43
C GLU C 212 -23.01 26.99 -16.14
N TYR C 213 -22.98 25.90 -15.38
CA TYR C 213 -22.71 24.57 -15.92
C TYR C 213 -23.78 23.62 -15.43
N THR C 214 -24.35 22.85 -16.35
CA THR C 214 -25.31 21.82 -15.97
C THR C 214 -24.58 20.67 -15.28
N ILE C 215 -25.27 20.05 -14.33
CA ILE C 215 -24.69 18.96 -13.53
C ILE C 215 -25.66 17.79 -13.56
N MET C 216 -25.13 16.60 -13.78
CA MET C 216 -25.89 15.36 -13.74
C MET C 216 -25.44 14.55 -12.53
N THR C 217 -26.37 14.21 -11.65
CA THR C 217 -26.05 13.51 -10.42
C THR C 217 -26.82 12.20 -10.36
N ALA C 218 -26.10 11.11 -10.07
CA ALA C 218 -26.69 9.79 -9.88
C ALA C 218 -26.43 9.36 -8.44
N HIS C 219 -27.48 9.07 -7.71
CA HIS C 219 -27.39 8.70 -6.30
C HIS C 219 -27.67 7.22 -6.15
N PHE C 220 -26.80 6.52 -5.42
CA PHE C 220 -26.97 5.12 -5.09
C PHE C 220 -27.30 5.00 -3.62
N HIS C 221 -28.44 4.35 -3.32
CA HIS C 221 -28.88 4.18 -1.95
C HIS C 221 -28.28 2.89 -1.40
N LEU C 222 -27.47 3.02 -0.35
CA LEU C 222 -26.77 1.88 0.25
C LEU C 222 -27.31 1.66 1.65
N LYS C 223 -27.77 0.43 1.91
CA LYS C 223 -28.23 0.01 3.23
C LYS C 223 -27.19 -0.94 3.79
N ARG C 224 -26.41 -0.46 4.76
CA ARG C 224 -25.36 -1.27 5.34
C ARG C 224 -25.96 -2.53 5.96
N LYS C 225 -25.36 -3.68 5.65
CA LYS C 225 -25.83 -4.95 6.18
C LYS C 225 -25.10 -5.24 7.49
N ILE C 226 -25.84 -5.44 8.55
CA ILE C 226 -25.28 -5.71 9.87
C ILE C 226 -25.07 -7.20 10.03
N GLY C 227 -24.13 -7.56 10.90
CA GLY C 227 -23.82 -8.95 11.14
C GLY C 227 -22.32 -9.18 11.24
N TYR C 228 -21.54 -8.41 10.46
CA TYR C 228 -20.10 -8.46 10.60
C TYR C 228 -19.65 -7.86 11.91
N PHE C 229 -20.23 -6.73 12.29
CA PHE C 229 -19.88 -6.10 13.56
C PHE C 229 -20.47 -6.86 14.73
N VAL C 230 -21.58 -7.56 14.52
CA VAL C 230 -22.15 -8.40 15.57
C VAL C 230 -21.14 -9.46 16.01
N ILE C 231 -20.52 -10.12 15.03
CA ILE C 231 -19.49 -11.12 15.33
C ILE C 231 -18.17 -10.50 15.73
N GLN C 232 -17.99 -9.20 15.51
CA GLN C 232 -16.71 -8.54 15.74
C GLN C 232 -16.71 -7.70 17.01
N THR C 233 -17.75 -6.90 17.25
CA THR C 233 -17.77 -5.96 18.35
C THR C 233 -18.88 -6.24 19.36
N TYR C 234 -20.13 -6.37 18.90
CA TYR C 234 -21.25 -6.47 19.84
C TYR C 234 -21.13 -7.72 20.71
N LEU C 235 -20.95 -8.88 20.07
CA LEU C 235 -20.93 -10.13 20.84
C LEU C 235 -19.83 -10.14 21.88
N PRO C 236 -18.58 -9.80 21.56
CA PRO C 236 -17.56 -9.72 22.62
C PRO C 236 -17.96 -8.80 23.76
N CYS C 237 -18.59 -7.66 23.44
CA CYS C 237 -19.09 -6.78 24.48
C CYS C 237 -20.22 -7.45 25.26
N ILE C 238 -21.11 -8.15 24.57
CA ILE C 238 -22.23 -8.80 25.25
C ILE C 238 -21.71 -9.87 26.20
N MET C 239 -20.84 -10.74 25.72
CA MET C 239 -20.29 -11.78 26.58
C MET C 239 -19.39 -11.19 27.66
N THR C 240 -18.69 -10.10 27.35
CA THR C 240 -17.85 -9.46 28.35
C THR C 240 -18.68 -8.96 29.53
N VAL C 241 -19.83 -8.34 29.25
CA VAL C 241 -20.71 -7.89 30.32
C VAL C 241 -21.19 -9.07 31.14
N ILE C 242 -21.60 -10.16 30.46
CA ILE C 242 -22.05 -11.35 31.17
C ILE C 242 -20.93 -11.90 32.04
N LEU C 243 -19.70 -11.87 31.54
CA LEU C 243 -18.56 -12.38 32.31
C LEU C 243 -18.40 -11.60 33.60
N SER C 244 -18.51 -10.27 33.54
CA SER C 244 -18.33 -9.46 34.73
C SER C 244 -19.39 -9.78 35.78
N GLN C 245 -20.64 -9.98 35.34
CA GLN C 245 -21.73 -10.24 36.27
C GLN C 245 -21.53 -11.55 37.03
N VAL C 246 -20.66 -12.44 36.53
CA VAL C 246 -20.40 -13.69 37.23
C VAL C 246 -19.79 -13.40 38.60
N SER C 247 -19.02 -12.32 38.72
CA SER C 247 -18.41 -11.98 40.01
C SER C 247 -19.48 -11.76 41.08
N PHE C 248 -20.69 -11.37 40.68
CA PHE C 248 -21.76 -11.18 41.65
C PHE C 248 -22.18 -12.48 42.31
N TRP C 249 -21.89 -13.62 41.68
CA TRP C 249 -22.22 -14.93 42.25
C TRP C 249 -21.10 -15.49 43.12
N LEU C 250 -20.02 -14.76 43.31
CA LEU C 250 -18.90 -15.20 44.12
C LEU C 250 -18.98 -14.61 45.52
N ASN C 251 -18.35 -15.31 46.46
CA ASN C 251 -18.37 -14.87 47.85
C ASN C 251 -17.61 -13.55 48.00
N ARG C 252 -18.07 -12.72 48.94
CA ARG C 252 -17.44 -11.42 49.15
C ARG C 252 -16.00 -11.58 49.62
N GLU C 253 -15.74 -12.53 50.51
CA GLU C 253 -14.39 -12.69 51.05
C GLU C 253 -13.38 -13.06 49.97
N SER C 254 -13.84 -13.63 48.85
CA SER C 254 -12.95 -13.98 47.74
C SER C 254 -12.58 -12.70 46.99
N VAL C 255 -11.80 -11.86 47.67
CA VAL C 255 -11.45 -10.54 47.13
C VAL C 255 -10.64 -10.70 45.85
N ALA C 256 -9.63 -11.57 45.88
CA ALA C 256 -8.74 -11.71 44.73
C ALA C 256 -9.50 -12.20 43.50
N ALA C 257 -10.38 -13.19 43.69
CA ALA C 257 -11.08 -13.77 42.55
C ALA C 257 -11.96 -12.74 41.86
N ARG C 258 -12.82 -12.06 42.62
CA ARG C 258 -13.69 -11.05 42.03
C ARG C 258 -12.90 -9.88 41.47
N THR C 259 -11.72 -9.61 42.02
CA THR C 259 -10.89 -8.53 41.52
C THR C 259 -10.48 -8.77 40.07
N VAL C 260 -10.10 -10.01 39.75
CA VAL C 260 -9.66 -10.31 38.39
C VAL C 260 -10.79 -10.09 37.41
N PHE C 261 -12.00 -10.53 37.75
CA PHE C 261 -13.13 -10.37 36.85
C PHE C 261 -13.32 -8.92 36.45
N GLY C 262 -13.35 -8.01 37.42
CA GLY C 262 -13.57 -6.61 37.10
C GLY C 262 -12.43 -6.02 36.31
N VAL C 263 -11.20 -6.31 36.73
CA VAL C 263 -10.04 -5.72 36.06
C VAL C 263 -9.94 -6.22 34.62
N THR C 264 -10.02 -7.54 34.44
CA THR C 264 -9.87 -8.10 33.10
C THR C 264 -10.97 -7.63 32.17
N THR C 265 -12.21 -7.63 32.65
CA THR C 265 -13.34 -7.25 31.79
C THR C 265 -13.23 -5.79 31.36
N VAL C 266 -12.88 -4.90 32.30
CA VAL C 266 -12.79 -3.48 31.96
C VAL C 266 -11.72 -3.24 30.90
N LEU C 267 -10.55 -3.87 31.07
CA LEU C 267 -9.51 -3.76 30.06
C LEU C 267 -9.96 -4.39 28.74
N THR C 268 -10.67 -5.51 28.82
CA THR C 268 -11.17 -6.15 27.62
C THR C 268 -12.09 -5.21 26.84
N MET C 269 -12.99 -4.52 27.55
CA MET C 269 -13.83 -3.53 26.89
C MET C 269 -12.98 -2.39 26.32
N THR C 270 -11.96 -1.95 27.06
CA THR C 270 -11.13 -0.85 26.61
C THR C 270 -10.46 -1.18 25.28
N THR C 271 -9.84 -2.37 25.19
CA THR C 271 -9.15 -2.73 23.96
C THR C 271 -10.12 -2.88 22.80
N LEU C 272 -11.33 -3.38 23.07
CA LEU C 272 -12.33 -3.49 22.01
C LEU C 272 -12.68 -2.12 21.44
N SER C 273 -12.80 -1.12 22.31
CA SER C 273 -13.12 0.23 21.84
C SER C 273 -12.06 0.73 20.88
N ILE C 274 -10.78 0.53 21.22
CA ILE C 274 -9.70 0.96 20.33
C ILE C 274 -9.68 0.11 19.07
N SER C 275 -9.77 -1.21 19.24
CA SER C 275 -9.70 -2.11 18.08
C SER C 275 -10.86 -1.87 17.13
N ALA C 276 -12.06 -1.64 17.67
CA ALA C 276 -13.24 -1.45 16.82
C ALA C 276 -13.07 -0.25 15.90
N ARG C 277 -12.54 0.85 16.43
CA ARG C 277 -12.39 2.07 15.64
C ARG C 277 -11.17 2.04 14.73
N ASN C 278 -10.30 1.04 14.88
CA ASN C 278 -9.14 0.95 13.98
C ASN C 278 -9.57 0.82 12.54
N SER C 279 -10.55 -0.05 12.27
CA SER C 279 -11.10 -0.16 10.92
C SER C 279 -12.01 1.00 10.59
N LEU C 280 -12.69 1.56 11.59
CA LEU C 280 -13.59 2.68 11.34
C LEU C 280 -12.79 3.93 10.99
N PRO C 281 -13.34 4.81 10.15
CA PRO C 281 -12.63 6.05 9.83
C PRO C 281 -12.47 6.94 11.06
N LYS C 282 -11.43 7.76 11.04
CA LYS C 282 -11.11 8.63 12.17
C LYS C 282 -12.02 9.85 12.15
N VAL C 283 -13.30 9.59 12.44
CA VAL C 283 -14.32 10.62 12.47
C VAL C 283 -14.34 11.24 13.87
N ALA C 284 -14.49 12.56 13.91
CA ALA C 284 -14.46 13.30 15.18
C ALA C 284 -15.86 13.47 15.76
N TYR C 285 -16.60 12.37 15.88
CA TYR C 285 -17.88 12.38 16.56
C TYR C 285 -18.26 10.96 16.92
N ALA C 286 -19.24 10.84 17.81
CA ALA C 286 -19.62 9.56 18.38
C ALA C 286 -20.66 8.87 17.50
N THR C 287 -20.47 7.57 17.31
CA THR C 287 -21.41 6.73 16.57
C THR C 287 -22.30 5.96 17.55
N ALA C 288 -23.32 5.32 17.00
CA ALA C 288 -24.20 4.51 17.82
C ALA C 288 -23.44 3.37 18.49
N MET C 289 -22.49 2.77 17.76
CA MET C 289 -21.68 1.71 18.34
C MET C 289 -20.89 2.22 19.53
N ASP C 290 -20.35 3.43 19.43
CA ASP C 290 -19.57 3.99 20.54
C ASP C 290 -20.43 4.11 21.80
N TRP C 291 -21.67 4.58 21.64
CA TRP C 291 -22.57 4.66 22.79
C TRP C 291 -22.83 3.29 23.38
N PHE C 292 -23.02 2.28 22.51
CA PHE C 292 -23.22 0.92 23.00
C PHE C 292 -22.01 0.44 23.78
N ILE C 293 -20.81 0.76 23.28
CA ILE C 293 -19.58 0.37 23.97
C ILE C 293 -19.51 1.05 25.33
N ALA C 294 -19.87 2.33 25.39
CA ALA C 294 -19.81 3.07 26.65
C ALA C 294 -20.73 2.44 27.69
N VAL C 295 -21.95 2.08 27.28
CA VAL C 295 -22.88 1.45 28.21
C VAL C 295 -22.30 0.13 28.73
N CYS C 296 -21.76 -0.68 27.83
CA CYS C 296 -21.14 -1.94 28.25
C CYS C 296 -19.96 -1.65 29.18
N TYR C 297 -19.22 -0.59 28.91
CA TYR C 297 -18.12 -0.21 29.81
C TYR C 297 -18.65 0.15 31.19
N ALA C 298 -19.78 0.86 31.24
CA ALA C 298 -20.35 1.25 32.52
C ALA C 298 -20.77 0.04 33.34
N PHE C 299 -21.39 -0.95 32.70
CA PHE C 299 -21.82 -2.14 33.43
C PHE C 299 -20.64 -2.84 34.08
N VAL C 300 -19.60 -3.13 33.30
CA VAL C 300 -18.41 -3.78 33.85
C VAL C 300 -17.75 -2.88 34.88
N PHE C 301 -17.61 -1.59 34.56
CA PHE C 301 -17.02 -0.66 35.51
C PHE C 301 -17.85 -0.55 36.78
N SER C 302 -19.17 -0.44 36.62
CA SER C 302 -20.05 -0.33 37.79
C SER C 302 -20.00 -1.60 38.62
N ALA C 303 -19.94 -2.76 37.96
CA ALA C 303 -19.85 -4.02 38.69
C ALA C 303 -18.64 -4.02 39.61
N LEU C 304 -17.51 -3.50 39.13
CA LEU C 304 -16.32 -3.41 39.97
C LEU C 304 -16.58 -2.49 41.17
N LEU C 305 -17.27 -1.38 40.95
CA LEU C 305 -17.58 -0.48 42.06
C LEU C 305 -18.44 -1.17 43.10
N GLU C 306 -19.43 -1.96 42.66
CA GLU C 306 -20.30 -2.65 43.61
C GLU C 306 -19.48 -3.57 44.51
N PHE C 307 -18.55 -4.33 43.93
CA PHE C 307 -17.68 -5.17 44.74
C PHE C 307 -16.82 -4.35 45.68
N ALA C 308 -16.23 -3.27 45.18
CA ALA C 308 -15.39 -2.43 46.02
C ALA C 308 -16.20 -1.80 47.14
N PHE C 309 -17.38 -1.28 46.83
CA PHE C 309 -18.22 -0.69 47.86
C PHE C 309 -18.65 -1.75 48.88
N VAL C 310 -19.03 -2.93 48.40
CA VAL C 310 -19.42 -4.01 49.30
C VAL C 310 -18.24 -4.42 50.17
N ASN C 311 -17.07 -4.60 49.55
CA ASN C 311 -15.90 -5.01 50.30
C ASN C 311 -15.50 -3.96 51.33
N TYR C 312 -15.85 -2.69 51.10
CA TYR C 312 -15.50 -1.64 52.04
C TYR C 312 -16.39 -1.66 53.27
N ILE C 313 -17.65 -2.04 53.13
CA ILE C 313 -18.62 -2.04 54.22
C ILE C 313 -18.97 -3.45 54.67
N THR C 314 -18.20 -4.45 54.25
CA THR C 314 -18.46 -5.81 54.69
C THR C 314 -18.20 -6.01 56.17
N LYS C 315 -17.56 -5.05 56.84
CA LYS C 315 -17.30 -5.13 58.27
C LYS C 315 -18.37 -4.43 59.09
N SER C 316 -18.63 -3.14 58.80
CA SER C 316 -19.55 -2.37 59.62
C SER C 316 -20.95 -2.93 59.56
N GLN C 317 -21.49 -3.13 58.36
CA GLN C 317 -22.86 -3.57 58.14
C GLN C 317 -22.88 -4.71 57.13
N PRO C 318 -22.46 -5.91 57.55
CA PRO C 318 -22.50 -7.04 56.61
C PRO C 318 -23.89 -7.34 56.08
N ALA C 319 -24.93 -7.08 56.88
CA ALA C 319 -26.28 -7.43 56.46
C ALA C 319 -26.66 -6.72 55.17
N ARG C 320 -26.45 -5.41 55.11
CA ARG C 320 -26.79 -4.67 53.90
C ARG C 320 -25.89 -5.06 52.74
N ALA C 321 -24.62 -5.39 53.02
CA ALA C 321 -23.72 -5.80 51.96
C ALA C 321 -24.21 -7.06 51.25
N ALA C 322 -24.69 -8.04 52.01
CA ALA C 322 -25.20 -9.27 51.41
C ALA C 322 -26.42 -8.98 50.54
N LYS C 323 -27.30 -8.08 51.01
CA LYS C 323 -28.48 -7.74 50.23
C LYS C 323 -28.08 -7.15 48.87
N ILE C 324 -27.08 -6.27 48.86
CA ILE C 324 -26.65 -5.66 47.61
C ILE C 324 -26.12 -6.73 46.65
N ASP C 325 -25.31 -7.65 47.16
CA ASP C 325 -24.74 -8.69 46.31
C ASP C 325 -25.84 -9.54 45.68
N LYS C 326 -26.78 -10.03 46.50
CA LYS C 326 -27.88 -10.83 45.97
C LYS C 326 -28.75 -10.01 45.03
N MET C 327 -29.05 -8.77 45.42
CA MET C 327 -29.84 -7.90 44.55
C MET C 327 -29.10 -7.59 43.26
N SER C 328 -27.77 -7.42 43.35
CA SER C 328 -26.99 -7.06 42.17
C SER C 328 -27.09 -8.13 41.08
N ARG C 329 -27.10 -9.40 41.49
CA ARG C 329 -27.13 -10.48 40.50
C ARG C 329 -28.33 -10.38 39.58
N ILE C 330 -29.41 -9.75 40.02
CA ILE C 330 -30.64 -9.67 39.26
C ILE C 330 -30.77 -8.31 38.55
N VAL C 331 -30.36 -7.22 39.21
CA VAL C 331 -30.58 -5.90 38.66
C VAL C 331 -29.78 -5.73 37.36
N PHE C 332 -28.49 -6.05 37.40
CA PHE C 332 -27.63 -5.76 36.25
C PHE C 332 -28.05 -6.52 35.00
N PRO C 333 -28.29 -7.84 35.04
CA PRO C 333 -28.72 -8.52 33.81
C PRO C 333 -29.99 -7.94 33.22
N ILE C 334 -30.95 -7.56 34.06
CA ILE C 334 -32.19 -6.97 33.55
C ILE C 334 -31.91 -5.63 32.89
N LEU C 335 -31.09 -4.79 33.53
CA LEU C 335 -30.77 -3.49 32.94
C LEU C 335 -30.06 -3.66 31.60
N PHE C 336 -29.08 -4.56 31.53
CA PHE C 336 -28.40 -4.80 30.27
C PHE C 336 -29.36 -5.34 29.22
N GLY C 337 -30.21 -6.29 29.60
CA GLY C 337 -31.21 -6.79 28.67
C GLY C 337 -32.21 -5.71 28.28
N THR C 338 -32.65 -4.91 29.24
CA THR C 338 -33.59 -3.84 28.95
C THR C 338 -32.97 -2.81 28.00
N PHE C 339 -31.70 -2.47 28.23
CA PHE C 339 -31.04 -1.48 27.39
C PHE C 339 -30.98 -1.94 25.94
N ASN C 340 -30.66 -3.21 25.72
CA ASN C 340 -30.50 -3.70 24.34
C ASN C 340 -31.79 -3.54 23.55
N LEU C 341 -32.93 -3.87 24.15
CA LEU C 341 -34.20 -3.74 23.44
C LEU C 341 -34.43 -2.31 23.01
N VAL C 342 -34.16 -1.35 23.90
CA VAL C 342 -34.28 0.06 23.53
C VAL C 342 -33.30 0.40 22.42
N TYR C 343 -32.05 -0.09 22.55
CA TYR C 343 -31.03 0.24 21.57
C TYR C 343 -31.41 -0.27 20.18
N TRP C 344 -31.53 -1.59 20.04
CA TRP C 344 -31.78 -2.16 18.71
C TRP C 344 -33.10 -1.69 18.14
N ALA C 345 -34.15 -1.65 18.98
CA ALA C 345 -35.45 -1.19 18.49
C ALA C 345 -35.38 0.26 18.04
N THR C 346 -34.59 1.07 18.74
CA THR C 346 -34.49 2.49 18.39
C THR C 346 -33.95 2.68 16.98
N TYR C 347 -32.92 1.93 16.61
CA TYR C 347 -32.32 2.07 15.29
C TYR C 347 -32.98 1.20 14.23
N LEU C 348 -33.52 0.05 14.63
CA LEU C 348 -34.21 -0.83 13.69
C LEU C 348 -35.69 -0.45 13.58
N ASN C 349 -35.91 0.76 13.08
CA ASN C 349 -37.26 1.28 12.94
C ASN C 349 -37.24 2.63 12.22
N ASN D 14 16.68 -11.32 -51.79
CA ASN D 14 15.81 -12.44 -51.43
C ASN D 14 14.96 -12.11 -50.22
N ILE D 15 15.28 -10.99 -49.56
CA ILE D 15 14.52 -10.54 -48.40
C ILE D 15 13.54 -9.44 -48.82
N THR D 16 13.92 -8.68 -49.86
CA THR D 16 13.05 -7.62 -50.34
C THR D 16 11.70 -8.16 -50.76
N ILE D 17 11.64 -9.43 -51.16
CA ILE D 17 10.35 -10.02 -51.55
C ILE D 17 9.36 -9.94 -50.40
N PHE D 18 9.82 -10.20 -49.17
CA PHE D 18 8.93 -10.11 -48.01
C PHE D 18 8.41 -8.69 -47.83
N THR D 19 9.29 -7.70 -47.99
CA THR D 19 8.88 -6.31 -47.78
C THR D 19 7.80 -5.90 -48.78
N ARG D 20 7.95 -6.28 -50.04
CA ARG D 20 6.97 -5.89 -51.05
C ARG D 20 5.59 -6.45 -50.72
N ILE D 21 5.55 -7.71 -50.26
CA ILE D 21 4.26 -8.34 -49.97
C ILE D 21 3.54 -7.59 -48.86
N LEU D 22 4.27 -7.23 -47.79
CA LEU D 22 3.64 -6.52 -46.69
C LEU D 22 3.05 -5.19 -47.16
N ASP D 23 3.79 -4.46 -47.99
CA ASP D 23 3.26 -3.21 -48.53
C ASP D 23 1.99 -3.46 -49.34
N GLY D 24 1.98 -4.52 -50.14
CA GLY D 24 0.79 -4.84 -50.92
C GLY D 24 -0.41 -5.13 -50.05
N LEU D 25 -0.21 -5.86 -48.95
CA LEU D 25 -1.31 -6.17 -48.06
C LEU D 25 -1.93 -4.91 -47.47
N LEU D 26 -1.09 -3.98 -47.02
CA LEU D 26 -1.57 -2.72 -46.48
C LEU D 26 -2.06 -1.75 -47.54
N ASP D 27 -1.76 -2.01 -48.81
CA ASP D 27 -2.20 -1.14 -49.89
C ASP D 27 -3.71 -1.21 -50.01
N GLY D 28 -4.39 -0.12 -49.67
CA GLY D 28 -5.83 -0.09 -49.73
C GLY D 28 -6.53 -0.87 -48.65
N TYR D 29 -5.86 -1.12 -47.52
CA TYR D 29 -6.43 -1.87 -46.41
C TYR D 29 -6.89 -0.91 -45.33
N ASP D 30 -8.14 -1.05 -44.91
CA ASP D 30 -8.73 -0.22 -43.87
C ASP D 30 -8.89 -1.06 -42.61
N ASN D 31 -8.24 -0.64 -41.53
CA ASN D 31 -8.31 -1.36 -40.26
C ASN D 31 -9.58 -1.05 -39.48
N ARG D 32 -10.35 -0.04 -39.89
CA ARG D 32 -11.58 0.31 -39.20
C ARG D 32 -12.76 -0.57 -39.58
N LEU D 33 -12.59 -1.45 -40.57
CA LEU D 33 -13.66 -2.33 -41.04
C LEU D 33 -13.28 -3.78 -40.76
N ARG D 34 -14.17 -4.50 -40.09
CA ARG D 34 -13.92 -5.89 -39.80
C ARG D 34 -13.94 -6.70 -41.09
N PRO D 35 -13.19 -7.81 -41.14
CA PRO D 35 -13.18 -8.63 -42.37
C PRO D 35 -14.55 -9.21 -42.67
N GLY D 36 -14.84 -9.36 -43.95
CA GLY D 36 -16.12 -9.92 -44.36
C GLY D 36 -17.31 -9.09 -43.91
N LEU D 37 -17.16 -7.78 -43.91
CA LEU D 37 -18.25 -6.91 -43.47
C LEU D 37 -19.37 -6.91 -44.51
N GLY D 38 -20.60 -7.03 -44.04
CA GLY D 38 -21.74 -7.04 -44.93
C GLY D 38 -21.80 -8.23 -45.87
N GLU D 39 -21.04 -9.29 -45.57
CA GLU D 39 -21.02 -10.47 -46.42
C GLU D 39 -21.27 -11.73 -45.60
N ARG D 40 -20.87 -11.72 -44.35
CA ARG D 40 -20.98 -12.87 -43.46
C ARG D 40 -20.70 -12.39 -42.04
N ILE D 41 -20.63 -13.34 -41.11
CA ILE D 41 -20.34 -13.05 -39.70
C ILE D 41 -18.90 -13.49 -39.43
N THR D 42 -18.11 -12.58 -38.86
CA THR D 42 -16.72 -12.89 -38.56
C THR D 42 -16.65 -13.90 -37.42
N GLN D 43 -15.87 -14.96 -37.64
CA GLN D 43 -15.73 -16.03 -36.66
C GLN D 43 -14.34 -15.95 -36.04
N VAL D 44 -14.28 -15.99 -34.71
CA VAL D 44 -13.04 -15.88 -33.96
C VAL D 44 -12.89 -17.11 -33.09
N ARG D 45 -11.71 -17.72 -33.13
CA ARG D 45 -11.36 -18.86 -32.29
C ARG D 45 -10.37 -18.40 -31.24
N THR D 46 -10.65 -18.74 -29.98
CA THR D 46 -9.83 -18.32 -28.85
C THR D 46 -9.24 -19.54 -28.15
N ASP D 47 -7.93 -19.49 -27.92
CA ASP D 47 -7.23 -20.49 -27.14
C ASP D 47 -6.36 -19.79 -26.12
N MET D 48 -6.37 -20.29 -24.89
CA MET D 48 -5.70 -19.64 -23.77
C MET D 48 -4.63 -20.55 -23.20
N TYR D 49 -3.46 -19.97 -22.92
CA TYR D 49 -2.37 -20.67 -22.26
C TYR D 49 -1.99 -19.87 -21.02
N VAL D 50 -2.22 -20.45 -19.85
CA VAL D 50 -1.97 -19.75 -18.59
C VAL D 50 -0.49 -19.86 -18.27
N ASN D 51 0.25 -18.76 -18.41
CA ASN D 51 1.66 -18.76 -18.06
C ASN D 51 1.84 -18.99 -16.56
N SER D 52 0.99 -18.37 -15.74
CA SER D 52 1.08 -18.54 -14.30
C SER D 52 -0.21 -18.02 -13.66
N PHE D 53 -0.77 -18.80 -12.75
CA PHE D 53 -1.98 -18.40 -12.02
C PHE D 53 -1.53 -17.67 -10.77
N GLY D 54 -1.65 -16.35 -10.77
CA GLY D 54 -1.16 -15.53 -9.70
C GLY D 54 -1.90 -15.75 -8.40
N PRO D 55 -1.49 -15.04 -7.35
CA PRO D 55 -2.12 -15.22 -6.04
C PRO D 55 -3.57 -14.74 -6.06
N VAL D 56 -4.37 -15.34 -5.17
CA VAL D 56 -5.77 -14.99 -5.01
C VAL D 56 -5.91 -14.20 -3.73
N SER D 57 -6.28 -12.93 -3.86
CA SER D 57 -6.47 -12.05 -2.70
C SER D 57 -7.89 -12.24 -2.18
N ASP D 58 -8.02 -13.01 -1.09
CA ASP D 58 -9.35 -13.24 -0.52
C ASP D 58 -9.97 -11.94 -0.02
N THR D 59 -9.17 -11.09 0.62
CA THR D 59 -9.70 -9.84 1.14
C THR D 59 -10.27 -8.96 0.02
N GLU D 60 -9.56 -8.88 -1.10
CA GLU D 60 -10.00 -8.09 -2.23
C GLU D 60 -10.93 -8.85 -3.16
N MET D 61 -11.18 -10.14 -2.90
CA MET D 61 -12.10 -10.94 -3.71
C MET D 61 -11.71 -10.89 -5.19
N GLU D 62 -10.41 -11.06 -5.45
CA GLU D 62 -9.89 -11.02 -6.81
C GLU D 62 -8.70 -11.95 -6.89
N TYR D 63 -8.15 -12.08 -8.09
CA TYR D 63 -6.99 -12.92 -8.32
C TYR D 63 -6.19 -12.35 -9.49
N THR D 64 -4.93 -12.76 -9.57
CA THR D 64 -4.04 -12.37 -10.64
C THR D 64 -3.71 -13.58 -11.51
N ILE D 65 -3.66 -13.37 -12.82
CA ILE D 65 -3.38 -14.44 -13.77
C ILE D 65 -2.55 -13.86 -14.91
N ASP D 66 -1.55 -14.64 -15.35
CA ASP D 66 -0.73 -14.30 -16.50
C ASP D 66 -0.98 -15.35 -17.58
N ILE D 67 -1.44 -14.89 -18.75
CA ILE D 67 -1.85 -15.78 -19.83
C ILE D 67 -1.31 -15.27 -21.16
N PHE D 68 -1.19 -16.20 -22.11
CA PHE D 68 -0.89 -15.86 -23.50
C PHE D 68 -2.18 -15.99 -24.29
N PHE D 69 -3.01 -14.95 -24.22
CA PHE D 69 -4.29 -14.97 -24.89
C PHE D 69 -4.10 -14.96 -26.41
N ALA D 70 -4.78 -15.87 -27.09
CA ALA D 70 -4.61 -16.06 -28.52
C ALA D 70 -5.97 -16.04 -29.22
N GLN D 71 -6.00 -15.43 -30.40
CA GLN D 71 -7.20 -15.34 -31.21
C GLN D 71 -6.86 -15.73 -32.65
N THR D 72 -7.84 -16.29 -33.34
CA THR D 72 -7.68 -16.68 -34.74
C THR D 72 -8.93 -16.31 -35.51
N TRP D 73 -8.75 -15.81 -36.72
CA TRP D 73 -9.88 -15.45 -37.57
C TRP D 73 -9.39 -15.37 -39.01
N LYS D 74 -10.35 -15.25 -39.93
CA LYS D 74 -10.08 -15.27 -41.36
C LYS D 74 -10.24 -13.87 -41.94
N ASP D 75 -9.27 -13.45 -42.75
CA ASP D 75 -9.33 -12.17 -43.44
C ASP D 75 -8.91 -12.38 -44.88
N GLU D 76 -9.85 -12.20 -45.81
CA GLU D 76 -9.54 -12.41 -47.23
C GLU D 76 -8.60 -11.33 -47.76
N ARG D 77 -8.66 -10.13 -47.19
CA ARG D 77 -7.81 -9.04 -47.67
C ARG D 77 -6.33 -9.33 -47.49
N LEU D 78 -5.97 -10.29 -46.63
CA LEU D 78 -4.59 -10.58 -46.32
C LEU D 78 -4.06 -11.78 -47.12
N ARG D 79 -4.84 -12.30 -48.06
CA ARG D 79 -4.36 -13.40 -48.88
C ARG D 79 -3.16 -12.97 -49.71
N PHE D 80 -2.16 -13.83 -49.77
CA PHE D 80 -0.92 -13.53 -50.47
C PHE D 80 -0.32 -14.80 -51.03
N LYS D 81 0.57 -14.63 -52.01
CA LYS D 81 1.29 -15.74 -52.62
C LYS D 81 2.78 -15.45 -52.56
N GLY D 82 3.55 -16.43 -52.09
CA GLY D 82 4.97 -16.28 -51.98
C GLY D 82 5.67 -17.57 -51.59
N PRO D 83 7.00 -17.58 -51.64
CA PRO D 83 7.74 -18.80 -51.27
C PRO D 83 7.50 -19.24 -49.84
N MET D 84 7.27 -18.32 -48.91
CA MET D 84 7.08 -18.64 -47.51
C MET D 84 5.59 -18.70 -47.21
N GLN D 85 5.16 -19.78 -46.55
CA GLN D 85 3.75 -19.99 -46.25
C GLN D 85 3.31 -19.30 -44.96
N ARG D 86 4.23 -18.71 -44.20
CA ARG D 86 3.90 -18.06 -42.95
C ARG D 86 4.73 -16.79 -42.82
N LEU D 87 4.21 -15.83 -42.06
CA LEU D 87 4.84 -14.52 -41.87
C LEU D 87 4.87 -14.18 -40.39
N PRO D 88 5.77 -14.80 -39.62
CA PRO D 88 5.94 -14.40 -38.23
C PRO D 88 6.31 -12.92 -38.14
N LEU D 89 5.74 -12.24 -37.14
CA LEU D 89 5.93 -10.81 -36.99
C LEU D 89 5.86 -10.46 -35.50
N ASN D 90 5.73 -9.17 -35.22
CA ASN D 90 5.70 -8.67 -33.85
C ASN D 90 4.65 -7.56 -33.77
N ASN D 91 4.69 -6.80 -32.68
CA ASN D 91 3.69 -5.77 -32.44
C ASN D 91 3.71 -4.66 -33.48
N LEU D 92 4.78 -4.56 -34.27
CA LEU D 92 4.90 -3.45 -35.21
C LEU D 92 3.72 -3.42 -36.18
N LEU D 93 3.34 -4.57 -36.72
CA LEU D 93 2.24 -4.64 -37.68
C LEU D 93 0.89 -4.86 -37.00
N ALA D 94 0.86 -5.05 -35.68
CA ALA D 94 -0.40 -5.33 -35.00
C ALA D 94 -1.39 -4.18 -35.16
N SER D 95 -0.92 -2.95 -35.01
CA SER D 95 -1.81 -1.79 -35.08
C SER D 95 -2.18 -1.40 -36.49
N LYS D 96 -1.51 -1.96 -37.50
CA LYS D 96 -1.76 -1.57 -38.89
C LYS D 96 -2.98 -2.26 -39.49
N ILE D 97 -3.55 -3.26 -38.82
CA ILE D 97 -4.67 -4.02 -39.36
C ILE D 97 -5.76 -4.14 -38.31
N TRP D 98 -6.94 -4.55 -38.77
CA TRP D 98 -8.09 -4.67 -37.88
C TRP D 98 -7.87 -5.81 -36.88
N THR D 99 -8.27 -5.55 -35.64
CA THR D 99 -8.26 -6.56 -34.60
C THR D 99 -9.53 -6.41 -33.77
N PRO D 100 -10.01 -7.51 -33.18
CA PRO D 100 -11.24 -7.42 -32.37
C PRO D 100 -11.03 -6.58 -31.13
N ASP D 101 -12.11 -5.94 -30.68
CA ASP D 101 -12.09 -5.11 -29.48
C ASP D 101 -12.40 -5.95 -28.24
N THR D 102 -11.66 -7.04 -28.08
CA THR D 102 -11.91 -7.95 -26.96
C THR D 102 -11.60 -7.26 -25.64
N PHE D 103 -12.46 -7.50 -24.65
CA PHE D 103 -12.26 -6.97 -23.31
C PHE D 103 -12.82 -7.96 -22.30
N PHE D 104 -12.39 -7.81 -21.05
CA PHE D 104 -12.78 -8.71 -19.98
C PHE D 104 -13.83 -8.02 -19.12
N HIS D 105 -15.03 -8.61 -19.06
CA HIS D 105 -16.11 -7.99 -18.31
C HIS D 105 -15.78 -7.88 -16.83
N ASN D 106 -15.20 -8.94 -16.25
CA ASN D 106 -14.84 -8.95 -14.85
C ASN D 106 -13.40 -8.52 -14.59
N GLY D 107 -12.66 -8.18 -15.65
CA GLY D 107 -11.31 -7.68 -15.47
C GLY D 107 -11.31 -6.26 -14.94
N LYS D 108 -10.92 -6.09 -13.67
CA LYS D 108 -10.97 -4.77 -13.06
C LYS D 108 -9.81 -3.88 -13.51
N LYS D 109 -8.63 -4.47 -13.76
CA LYS D 109 -7.50 -3.68 -14.22
C LYS D 109 -6.56 -4.62 -14.97
N SER D 110 -6.59 -4.54 -16.30
CA SER D 110 -5.77 -5.36 -17.17
C SER D 110 -4.71 -4.49 -17.83
N PHE D 111 -3.45 -4.83 -17.62
CA PHE D 111 -2.32 -4.11 -18.21
C PHE D 111 -1.37 -5.11 -18.85
N ALA D 112 -0.96 -4.81 -20.09
CA ALA D 112 -0.04 -5.67 -20.81
C ALA D 112 1.40 -5.35 -20.42
N HIS D 113 2.31 -6.20 -20.87
CA HIS D 113 3.74 -6.06 -20.61
C HIS D 113 4.42 -5.50 -21.85
N TRP D 114 5.15 -4.40 -21.68
CA TRP D 114 5.80 -3.72 -22.78
C TRP D 114 7.30 -3.90 -22.78
N MET D 115 7.88 -4.48 -21.74
CA MET D 115 9.32 -4.69 -21.63
C MET D 115 9.65 -6.15 -21.85
N THR D 116 10.68 -6.42 -22.64
CA THR D 116 11.52 -5.48 -23.36
C THR D 116 10.77 -4.86 -24.54
N THR D 117 9.89 -5.64 -25.14
CA THR D 117 9.06 -5.23 -26.26
C THR D 117 7.64 -5.66 -26.01
N PRO D 118 6.65 -4.88 -26.48
CA PRO D 118 5.25 -5.32 -26.34
C PRO D 118 5.06 -6.75 -26.79
N ASN D 119 4.66 -7.62 -25.86
CA ASN D 119 4.58 -9.06 -26.12
C ASN D 119 3.35 -9.32 -26.98
N ARG D 120 3.55 -9.22 -28.29
CA ARG D 120 2.49 -9.49 -29.26
C ARG D 120 3.08 -10.24 -30.45
N MET D 121 2.36 -11.26 -30.91
CA MET D 121 2.75 -12.05 -32.06
C MET D 121 1.66 -11.96 -33.12
N LEU D 122 2.08 -11.82 -34.38
CA LEU D 122 1.16 -11.73 -35.50
C LEU D 122 1.68 -12.64 -36.60
N ARG D 123 0.84 -13.59 -37.02
CA ARG D 123 1.19 -14.55 -38.06
C ARG D 123 0.09 -14.58 -39.11
N ILE D 124 0.48 -14.76 -40.36
CA ILE D 124 -0.45 -14.77 -41.48
C ILE D 124 -0.05 -15.88 -42.44
N TRP D 125 -1.04 -16.56 -43.00
CA TRP D 125 -0.85 -17.60 -44.00
C TRP D 125 -1.44 -17.16 -45.33
N ASN D 126 -1.16 -17.95 -46.36
CA ASN D 126 -1.60 -17.59 -47.70
C ASN D 126 -3.13 -17.52 -47.78
N ASP D 127 -3.81 -18.44 -47.12
CA ASP D 127 -5.27 -18.46 -47.14
C ASP D 127 -5.87 -17.21 -46.52
N GLY D 128 -5.10 -16.46 -45.74
CA GLY D 128 -5.59 -15.29 -45.05
C GLY D 128 -5.88 -15.50 -43.58
N ARG D 129 -5.60 -16.69 -43.04
CA ARG D 129 -5.79 -16.93 -41.62
C ARG D 129 -4.80 -16.09 -40.81
N VAL D 130 -5.26 -15.60 -39.66
CA VAL D 130 -4.49 -14.70 -38.81
C VAL D 130 -4.44 -15.27 -37.41
N LEU D 131 -3.27 -15.20 -36.79
CA LEU D 131 -3.07 -15.60 -35.40
C LEU D 131 -2.48 -14.41 -34.64
N TYR D 132 -3.13 -14.05 -33.53
CA TYR D 132 -2.76 -12.86 -32.77
C TYR D 132 -2.73 -13.25 -31.29
N THR D 133 -1.55 -13.66 -30.81
CA THR D 133 -1.36 -14.04 -29.43
C THR D 133 -0.88 -12.83 -28.64
N LEU D 134 -1.49 -12.60 -27.48
CA LEU D 134 -1.21 -11.44 -26.66
C LEU D 134 -1.03 -11.86 -25.22
N ARG D 135 -0.02 -11.30 -24.57
CA ARG D 135 0.23 -11.55 -23.16
C ARG D 135 -0.50 -10.51 -22.32
N LEU D 136 -1.03 -10.95 -21.18
CA LEU D 136 -1.81 -10.06 -20.33
C LEU D 136 -1.67 -10.48 -18.88
N THR D 137 -1.96 -9.54 -17.98
CA THR D 137 -2.06 -9.80 -16.55
C THR D 137 -3.35 -9.17 -16.07
N ILE D 138 -4.24 -10.00 -15.53
CA ILE D 138 -5.60 -9.60 -15.22
C ILE D 138 -5.82 -9.69 -13.71
N SER D 139 -6.26 -8.60 -13.12
CA SER D 139 -6.68 -8.58 -11.71
C SER D 139 -8.20 -8.75 -11.62
N ALA D 140 -8.68 -9.85 -12.19
CA ALA D 140 -10.10 -10.10 -12.26
C ALA D 140 -10.67 -10.42 -10.88
N GLU D 141 -11.94 -10.12 -10.70
CA GLU D 141 -12.63 -10.38 -9.44
C GLU D 141 -13.22 -11.78 -9.45
N CYS D 142 -13.14 -12.45 -8.30
CA CYS D 142 -13.67 -13.80 -8.11
C CYS D 142 -14.61 -13.80 -6.92
N PRO D 143 -15.90 -13.52 -7.13
CA PRO D 143 -16.85 -13.62 -6.02
C PRO D 143 -16.89 -15.03 -5.46
N MET D 144 -16.98 -15.13 -4.14
CA MET D 144 -16.93 -16.40 -3.44
C MET D 144 -18.00 -16.46 -2.37
N ASP D 145 -18.65 -17.61 -2.25
CA ASP D 145 -19.66 -17.87 -1.23
C ASP D 145 -18.97 -18.63 -0.10
N LEU D 146 -18.58 -17.92 0.94
CA LEU D 146 -17.84 -18.52 2.06
C LEU D 146 -18.79 -19.11 3.10
N GLU D 147 -19.73 -19.93 2.65
CA GLU D 147 -20.63 -20.60 3.58
C GLU D 147 -19.96 -21.78 4.26
N ASP D 148 -19.08 -22.47 3.54
CA ASP D 148 -18.36 -23.63 4.08
C ASP D 148 -16.88 -23.33 4.28
N PHE D 149 -16.52 -22.06 4.41
CA PHE D 149 -15.13 -21.70 4.59
C PHE D 149 -14.59 -22.33 5.88
N PRO D 150 -13.36 -22.84 5.89
CA PRO D 150 -12.39 -22.91 4.78
C PRO D 150 -12.61 -24.09 3.82
N MET D 151 -13.41 -25.09 4.20
CA MET D 151 -13.65 -26.24 3.33
C MET D 151 -14.64 -25.83 2.24
N ASP D 152 -14.14 -25.05 1.29
CA ASP D 152 -14.95 -24.51 0.20
C ASP D 152 -14.27 -24.78 -1.13
N GLU D 153 -15.09 -24.96 -2.17
CA GLU D 153 -14.63 -25.13 -3.53
C GLU D 153 -15.08 -23.91 -4.33
N GLN D 154 -14.14 -23.05 -4.67
CA GLN D 154 -14.44 -21.79 -5.35
C GLN D 154 -14.28 -21.96 -6.85
N ASN D 155 -15.16 -21.28 -7.60
CA ASN D 155 -15.19 -21.34 -9.06
C ASN D 155 -14.94 -19.92 -9.58
N CYS D 156 -13.67 -19.57 -9.75
CA CYS D 156 -13.32 -18.25 -10.23
C CYS D 156 -13.46 -18.20 -11.75
N PRO D 157 -14.33 -17.36 -12.29
CA PRO D 157 -14.53 -17.31 -13.75
C PRO D 157 -13.63 -16.29 -14.42
N LEU D 158 -13.66 -16.31 -15.75
CA LEU D 158 -12.96 -15.31 -16.56
C LEU D 158 -13.82 -15.06 -17.80
N LYS D 159 -14.48 -13.91 -17.83
CA LYS D 159 -15.43 -13.57 -18.89
C LYS D 159 -14.83 -12.49 -19.77
N PHE D 160 -14.93 -12.70 -21.09
CA PHE D 160 -14.46 -11.71 -22.05
C PHE D 160 -15.34 -11.79 -23.29
N GLY D 161 -15.34 -10.70 -24.05
CA GLY D 161 -16.15 -10.63 -25.26
C GLY D 161 -15.94 -9.30 -25.94
N SER D 162 -16.67 -9.13 -27.04
CA SER D 162 -16.60 -7.89 -27.80
C SER D 162 -17.27 -6.75 -27.05
N TYR D 163 -16.73 -5.55 -27.24
CA TYR D 163 -17.29 -4.35 -26.63
C TYR D 163 -18.19 -3.57 -27.57
N ALA D 164 -17.96 -3.65 -28.87
CA ALA D 164 -18.74 -2.89 -29.85
C ALA D 164 -19.35 -3.73 -30.96
N TYR D 165 -18.95 -4.99 -31.11
CA TYR D 165 -19.47 -5.83 -32.18
C TYR D 165 -20.49 -6.81 -31.59
N PRO D 166 -21.77 -6.68 -31.90
CA PRO D 166 -22.76 -7.61 -31.33
C PRO D 166 -22.57 -9.04 -31.79
N ASN D 167 -23.40 -9.95 -31.27
CA ASN D 167 -23.30 -11.35 -31.64
C ASN D 167 -23.61 -11.59 -33.11
N SER D 168 -24.29 -10.65 -33.76
CA SER D 168 -24.63 -10.80 -35.17
C SER D 168 -23.47 -10.51 -36.10
N GLU D 169 -22.40 -9.90 -35.61
CA GLU D 169 -21.25 -9.54 -36.42
C GLU D 169 -19.99 -10.32 -36.05
N VAL D 170 -19.70 -10.46 -34.77
CA VAL D 170 -18.52 -11.15 -34.28
C VAL D 170 -18.96 -12.24 -33.32
N VAL D 171 -18.42 -13.44 -33.50
CA VAL D 171 -18.74 -14.59 -32.66
C VAL D 171 -17.44 -15.21 -32.16
N TYR D 172 -17.38 -15.47 -30.85
CA TYR D 172 -16.24 -16.12 -30.24
C TYR D 172 -16.59 -17.57 -29.94
N VAL D 173 -15.70 -18.48 -30.32
CA VAL D 173 -15.89 -19.91 -30.08
C VAL D 173 -14.56 -20.52 -29.68
N TRP D 174 -14.59 -21.39 -28.68
CA TRP D 174 -13.39 -22.11 -28.28
C TRP D 174 -12.99 -23.09 -29.37
N THR D 175 -11.68 -23.25 -29.56
CA THR D 175 -11.14 -24.11 -30.59
C THR D 175 -11.01 -25.53 -30.06
N ASN D 176 -11.45 -26.50 -30.85
CA ASN D 176 -11.38 -27.92 -30.48
C ASN D 176 -12.15 -28.12 -29.18
N GLY D 177 -11.69 -29.02 -28.33
CA GLY D 177 -12.36 -29.30 -27.06
C GLY D 177 -11.90 -28.39 -25.95
N SER D 178 -12.43 -28.67 -24.75
CA SER D 178 -12.08 -27.87 -23.59
C SER D 178 -10.63 -28.06 -23.18
N THR D 179 -10.12 -29.28 -23.33
CA THR D 179 -8.74 -29.58 -22.90
C THR D 179 -7.75 -28.72 -23.68
N LYS D 180 -7.90 -28.67 -25.00
CA LYS D 180 -6.99 -27.88 -25.82
C LYS D 180 -7.29 -26.39 -25.75
N SER D 181 -8.53 -26.01 -25.45
CA SER D 181 -8.88 -24.59 -25.41
C SER D 181 -8.10 -23.86 -24.33
N VAL D 182 -7.96 -24.47 -23.16
CA VAL D 182 -7.25 -23.87 -22.03
C VAL D 182 -6.10 -24.79 -21.65
N VAL D 183 -4.91 -24.22 -21.55
CA VAL D 183 -3.71 -24.96 -21.17
C VAL D 183 -3.07 -24.24 -20.00
N VAL D 184 -2.70 -25.00 -18.97
CA VAL D 184 -2.11 -24.45 -17.76
C VAL D 184 -0.73 -25.06 -17.57
N ALA D 185 0.27 -24.21 -17.40
CA ALA D 185 1.62 -24.69 -17.16
C ALA D 185 1.71 -25.40 -15.82
N GLU D 186 2.54 -26.44 -15.76
CA GLU D 186 2.65 -27.23 -14.55
C GLU D 186 3.15 -26.38 -13.38
N ASP D 187 4.18 -25.58 -13.61
CA ASP D 187 4.71 -24.72 -12.57
C ASP D 187 3.94 -23.43 -12.41
N GLY D 188 3.12 -23.06 -13.40
CA GLY D 188 2.35 -21.83 -13.27
C GLY D 188 1.29 -21.91 -12.21
N SER D 189 0.62 -23.05 -12.11
CA SER D 189 -0.49 -23.23 -11.16
C SER D 189 0.10 -23.58 -9.79
N ARG D 190 0.66 -22.56 -9.14
CA ARG D 190 1.23 -22.69 -7.81
C ARG D 190 0.69 -21.58 -6.93
N LEU D 191 -0.15 -21.94 -5.97
CA LEU D 191 -0.74 -21.01 -5.04
C LEU D 191 -0.43 -21.45 -3.61
N ASN D 192 -0.46 -20.47 -2.69
CA ASN D 192 -0.10 -20.76 -1.31
C ASN D 192 -1.21 -21.50 -0.57
N GLN D 193 -2.47 -21.18 -0.87
CA GLN D 193 -3.60 -21.74 -0.13
C GLN D 193 -4.73 -22.13 -1.08
N TYR D 194 -4.38 -22.74 -2.21
CA TYR D 194 -5.40 -23.19 -3.16
C TYR D 194 -4.83 -24.29 -4.03
N HIS D 195 -5.70 -25.21 -4.43
CA HIS D 195 -5.37 -26.27 -5.38
C HIS D 195 -6.17 -26.04 -6.66
N LEU D 196 -5.49 -26.04 -7.80
CA LEU D 196 -6.14 -25.86 -9.10
C LEU D 196 -6.64 -27.22 -9.56
N MET D 197 -7.89 -27.55 -9.22
CA MET D 197 -8.43 -28.86 -9.54
C MET D 197 -8.58 -29.05 -11.05
N GLY D 198 -9.01 -28.02 -11.76
CA GLY D 198 -9.23 -28.15 -13.18
C GLY D 198 -9.82 -26.89 -13.76
N GLN D 199 -10.10 -26.94 -15.05
CA GLN D 199 -10.59 -25.80 -15.81
C GLN D 199 -11.75 -26.22 -16.69
N THR D 200 -12.63 -25.27 -16.99
CA THR D 200 -13.76 -25.51 -17.86
C THR D 200 -14.06 -24.23 -18.63
N VAL D 201 -14.82 -24.38 -19.72
CA VAL D 201 -15.17 -23.27 -20.59
C VAL D 201 -16.68 -23.27 -20.82
N GLY D 202 -17.20 -22.11 -21.15
CA GLY D 202 -18.63 -21.97 -21.41
C GLY D 202 -18.90 -20.73 -22.22
N THR D 203 -19.98 -20.76 -23.00
CA THR D 203 -20.37 -19.64 -23.85
C THR D 203 -21.86 -19.38 -23.68
N GLU D 204 -22.23 -18.10 -23.82
CA GLU D 204 -23.61 -17.70 -23.66
C GLU D 204 -23.83 -16.37 -24.35
N ASN D 205 -25.09 -16.06 -24.64
CA ASN D 205 -25.49 -14.79 -25.22
C ASN D 205 -26.18 -13.95 -24.16
N ILE D 206 -25.91 -12.64 -24.19
CA ILE D 206 -26.51 -11.70 -23.26
C ILE D 206 -27.16 -10.58 -24.07
N SER D 207 -28.39 -10.24 -23.72
CA SER D 207 -29.12 -9.17 -24.39
C SER D 207 -29.05 -7.91 -23.54
N THR D 208 -28.70 -6.80 -24.18
CA THR D 208 -28.55 -5.52 -23.50
C THR D 208 -29.20 -4.44 -24.37
N SER D 209 -29.02 -3.18 -23.97
CA SER D 209 -29.59 -2.08 -24.71
C SER D 209 -29.00 -1.97 -26.11
N THR D 210 -27.69 -2.21 -26.23
CA THR D 210 -26.99 -2.06 -27.50
C THR D 210 -27.05 -3.30 -28.37
N GLY D 211 -27.68 -4.37 -27.90
CA GLY D 211 -27.85 -5.59 -28.67
C GLY D 211 -27.25 -6.79 -27.98
N GLU D 212 -27.32 -7.92 -28.67
CA GLU D 212 -26.81 -9.18 -28.14
C GLU D 212 -25.30 -9.27 -28.36
N TYR D 213 -24.60 -9.74 -27.33
CA TYR D 213 -23.16 -9.93 -27.37
C TYR D 213 -22.83 -11.33 -26.89
N THR D 214 -22.00 -12.04 -27.66
CA THR D 214 -21.52 -13.34 -27.24
C THR D 214 -20.54 -13.18 -26.09
N ILE D 215 -20.55 -14.16 -25.18
CA ILE D 215 -19.69 -14.14 -24.00
C ILE D 215 -18.95 -15.46 -23.91
N MET D 216 -17.65 -15.39 -23.64
CA MET D 216 -16.81 -16.57 -23.43
C MET D 216 -16.39 -16.58 -21.97
N THR D 217 -16.69 -17.68 -21.27
CA THR D 217 -16.43 -17.79 -19.85
C THR D 217 -15.52 -19.00 -19.60
N ALA D 218 -14.45 -18.77 -18.84
CA ALA D 218 -13.54 -19.83 -18.42
C ALA D 218 -13.59 -19.92 -16.91
N HIS D 219 -13.93 -21.09 -16.39
CA HIS D 219 -14.08 -21.32 -14.95
C HIS D 219 -12.91 -22.15 -14.45
N PHE D 220 -12.29 -21.69 -13.37
CA PHE D 220 -11.22 -22.41 -12.70
C PHE D 220 -11.74 -22.94 -11.38
N HIS D 221 -11.64 -24.25 -11.18
CA HIS D 221 -12.11 -24.90 -9.96
C HIS D 221 -10.98 -24.89 -8.94
N LEU D 222 -11.22 -24.21 -7.80
CA LEU D 222 -10.22 -24.07 -6.75
C LEU D 222 -10.68 -24.82 -5.52
N LYS D 223 -9.85 -25.73 -5.04
CA LYS D 223 -10.08 -26.47 -3.80
C LYS D 223 -9.12 -25.93 -2.75
N ARG D 224 -9.65 -25.15 -1.81
CA ARG D 224 -8.81 -24.55 -0.78
C ARG D 224 -8.11 -25.66 0.02
N LYS D 225 -6.81 -25.50 0.21
CA LYS D 225 -6.02 -26.47 0.96
C LYS D 225 -6.00 -26.05 2.42
N ILE D 226 -6.43 -26.95 3.29
CA ILE D 226 -6.50 -26.69 4.71
C ILE D 226 -5.17 -27.07 5.35
N GLY D 227 -4.87 -26.45 6.49
CA GLY D 227 -3.64 -26.70 7.20
C GLY D 227 -3.02 -25.42 7.70
N TYR D 228 -3.16 -24.33 6.95
CA TYR D 228 -2.71 -23.03 7.43
C TYR D 228 -3.57 -22.55 8.59
N PHE D 229 -4.90 -22.71 8.46
CA PHE D 229 -5.78 -22.30 9.54
C PHE D 229 -5.72 -23.26 10.71
N VAL D 230 -5.36 -24.52 10.45
CA VAL D 230 -5.19 -25.49 11.54
C VAL D 230 -4.10 -25.02 12.48
N ILE D 231 -2.97 -24.56 11.93
CA ILE D 231 -1.88 -24.03 12.73
C ILE D 231 -2.16 -22.63 13.24
N GLN D 232 -3.18 -21.96 12.70
CA GLN D 232 -3.44 -20.57 13.02
C GLN D 232 -4.63 -20.39 13.96
N THR D 233 -5.73 -21.09 13.70
CA THR D 233 -6.97 -20.89 14.44
C THR D 233 -7.42 -22.13 15.19
N TYR D 234 -7.54 -23.27 14.51
CA TYR D 234 -8.12 -24.45 15.15
C TYR D 234 -7.30 -24.92 16.34
N LEU D 235 -6.00 -25.12 16.13
CA LEU D 235 -5.17 -25.65 17.21
C LEU D 235 -5.18 -24.76 18.44
N PRO D 236 -4.98 -23.45 18.34
CA PRO D 236 -5.11 -22.61 19.55
C PRO D 236 -6.46 -22.77 20.24
N CYS D 237 -7.53 -22.88 19.45
CA CYS D 237 -8.85 -23.14 20.04
C CYS D 237 -8.89 -24.51 20.70
N ILE D 238 -8.30 -25.52 20.05
CA ILE D 238 -8.31 -26.87 20.60
C ILE D 238 -7.56 -26.91 21.92
N MET D 239 -6.34 -26.37 21.93
CA MET D 239 -5.56 -26.36 23.16
C MET D 239 -6.19 -25.45 24.21
N THR D 240 -6.82 -24.35 23.77
CA THR D 240 -7.49 -23.46 24.71
C THR D 240 -8.60 -24.18 25.46
N VAL D 241 -9.41 -24.97 24.74
CA VAL D 241 -10.46 -25.74 25.40
C VAL D 241 -9.85 -26.72 26.39
N ILE D 242 -8.79 -27.42 25.98
CA ILE D 242 -8.13 -28.37 26.87
C ILE D 242 -7.60 -27.65 28.11
N LEU D 243 -7.06 -26.44 27.92
CA LEU D 243 -6.54 -25.69 29.06
C LEU D 243 -7.64 -25.39 30.07
N SER D 244 -8.82 -25.00 29.60
CA SER D 244 -9.91 -24.67 30.51
C SER D 244 -10.33 -25.89 31.32
N GLN D 245 -10.39 -27.05 30.67
CA GLN D 245 -10.82 -28.27 31.35
C GLN D 245 -9.88 -28.66 32.48
N VAL D 246 -8.65 -28.14 32.49
CA VAL D 246 -7.72 -28.45 33.56
C VAL D 246 -8.27 -27.95 34.89
N SER D 247 -9.03 -26.84 34.87
CA SER D 247 -9.60 -26.32 36.11
C SER D 247 -10.50 -27.34 36.79
N PHE D 248 -11.08 -28.26 36.01
CA PHE D 248 -11.92 -29.29 36.60
C PHE D 248 -11.14 -30.24 37.49
N TRP D 249 -9.83 -30.33 37.31
CA TRP D 249 -8.98 -31.19 38.13
C TRP D 249 -8.45 -30.48 39.37
N LEU D 250 -8.84 -29.23 39.60
CA LEU D 250 -8.38 -28.46 40.74
C LEU D 250 -9.42 -28.48 41.85
N ASN D 251 -8.95 -28.27 43.07
CA ASN D 251 -9.84 -28.28 44.22
C ASN D 251 -10.82 -27.11 44.17
N ARG D 252 -12.02 -27.35 44.69
CA ARG D 252 -13.05 -26.31 44.66
C ARG D 252 -12.63 -25.09 45.47
N GLU D 253 -12.03 -25.32 46.65
CA GLU D 253 -11.67 -24.20 47.50
C GLU D 253 -10.64 -23.28 46.86
N SER D 254 -9.88 -23.78 45.88
CA SER D 254 -8.90 -22.96 45.16
C SER D 254 -9.64 -22.05 44.18
N VAL D 255 -10.38 -21.10 44.75
CA VAL D 255 -11.24 -20.23 43.95
C VAL D 255 -10.39 -19.38 43.01
N ALA D 256 -9.32 -18.79 43.53
CA ALA D 256 -8.51 -17.88 42.71
C ALA D 256 -7.87 -18.62 41.53
N ALA D 257 -7.35 -19.82 41.78
CA ALA D 257 -6.65 -20.55 40.73
C ALA D 257 -7.59 -20.89 39.58
N ARG D 258 -8.73 -21.51 39.88
CA ARG D 258 -9.67 -21.87 38.84
C ARG D 258 -10.25 -20.64 38.17
N THR D 259 -10.32 -19.52 38.88
CA THR D 259 -10.84 -18.29 38.30
C THR D 259 -9.98 -17.83 37.12
N VAL D 260 -8.66 -17.90 37.28
CA VAL D 260 -7.76 -17.44 36.22
C VAL D 260 -7.95 -18.29 34.97
N PHE D 261 -8.07 -19.61 35.13
CA PHE D 261 -8.24 -20.48 33.98
C PHE D 261 -9.43 -20.06 33.13
N GLY D 262 -10.60 -19.88 33.77
CA GLY D 262 -11.78 -19.51 33.01
C GLY D 262 -11.66 -18.14 32.38
N VAL D 263 -11.18 -17.16 33.14
CA VAL D 263 -11.09 -15.80 32.63
C VAL D 263 -10.10 -15.72 31.47
N THR D 264 -8.91 -16.26 31.66
CA THR D 264 -7.89 -16.18 30.61
C THR D 264 -8.32 -16.90 29.35
N THR D 265 -8.87 -18.11 29.50
CA THR D 265 -9.25 -18.90 28.33
C THR D 265 -10.35 -18.21 27.53
N VAL D 266 -11.36 -17.65 28.22
CA VAL D 266 -12.46 -17.00 27.52
C VAL D 266 -11.95 -15.81 26.72
N LEU D 267 -11.11 -14.98 27.34
CA LEU D 267 -10.51 -13.86 26.63
C LEU D 267 -9.63 -14.35 25.49
N THR D 268 -8.88 -15.44 25.72
CA THR D 268 -8.05 -15.99 24.66
C THR D 268 -8.89 -16.39 23.46
N MET D 269 -10.03 -17.04 23.69
CA MET D 269 -10.93 -17.37 22.58
C MET D 269 -11.46 -16.10 21.93
N THR D 270 -11.80 -15.09 22.74
CA THR D 270 -12.35 -13.86 22.19
C THR D 270 -11.37 -13.20 21.22
N THR D 271 -10.10 -13.07 21.63
CA THR D 271 -9.12 -12.42 20.76
C THR D 271 -8.88 -13.23 19.49
N LEU D 272 -8.92 -14.56 19.60
CA LEU D 272 -8.75 -15.40 18.41
C LEU D 272 -9.86 -15.14 17.40
N SER D 273 -11.10 -14.98 17.89
CA SER D 273 -12.21 -14.71 16.99
C SER D 273 -11.98 -13.43 16.20
N ILE D 274 -11.53 -12.38 16.88
CA ILE D 274 -11.26 -11.11 16.19
C ILE D 274 -10.05 -11.27 15.27
N SER D 275 -8.97 -11.87 15.79
CA SER D 275 -7.75 -11.99 15.01
C SER D 275 -7.98 -12.87 13.77
N ALA D 276 -8.75 -13.94 13.92
CA ALA D 276 -8.98 -14.84 12.80
C ALA D 276 -9.65 -14.13 11.63
N ARG D 277 -10.66 -13.30 11.93
CA ARG D 277 -11.40 -12.61 10.88
C ARG D 277 -10.67 -11.39 10.34
N ASN D 278 -9.56 -10.98 10.97
CA ASN D 278 -8.81 -9.84 10.45
C ASN D 278 -8.31 -10.12 9.04
N SER D 279 -7.76 -11.31 8.81
CA SER D 279 -7.34 -11.70 7.47
C SER D 279 -8.54 -12.06 6.60
N LEU D 280 -9.60 -12.59 7.20
CA LEU D 280 -10.77 -12.98 6.43
C LEU D 280 -11.50 -11.73 5.93
N PRO D 281 -12.15 -11.81 4.76
CA PRO D 281 -12.91 -10.65 4.28
C PRO D 281 -14.08 -10.33 5.20
N LYS D 282 -14.47 -9.06 5.19
CA LYS D 282 -15.54 -8.56 6.06
C LYS D 282 -16.89 -8.96 5.46
N VAL D 283 -17.16 -10.26 5.50
CA VAL D 283 -18.40 -10.82 5.00
C VAL D 283 -19.45 -10.77 6.10
N ALA D 284 -20.67 -10.42 5.73
CA ALA D 284 -21.77 -10.26 6.69
C ALA D 284 -22.56 -11.56 6.84
N TYR D 285 -21.86 -12.66 7.11
CA TYR D 285 -22.52 -13.92 7.41
C TYR D 285 -21.52 -14.85 8.08
N ALA D 286 -22.03 -15.89 8.71
CA ALA D 286 -21.23 -16.80 9.51
C ALA D 286 -20.62 -17.90 8.64
N THR D 287 -19.35 -18.18 8.89
CA THR D 287 -18.64 -19.28 8.24
C THR D 287 -18.59 -20.49 9.15
N ALA D 288 -18.15 -21.62 8.58
CA ALA D 288 -18.00 -22.83 9.37
C ALA D 288 -17.00 -22.63 10.50
N MET D 289 -15.92 -21.89 10.23
CA MET D 289 -14.93 -21.61 11.26
C MET D 289 -15.56 -20.84 12.41
N ASP D 290 -16.43 -19.88 12.10
CA ASP D 290 -17.07 -19.09 13.14
C ASP D 290 -17.89 -19.99 14.07
N TRP D 291 -18.64 -20.93 13.50
CA TRP D 291 -19.40 -21.86 14.32
C TRP D 291 -18.48 -22.69 15.20
N PHE D 292 -17.35 -23.15 14.65
CA PHE D 292 -16.38 -23.89 15.45
C PHE D 292 -15.86 -23.03 16.60
N ILE D 293 -15.58 -21.76 16.32
CA ILE D 293 -15.12 -20.87 17.38
C ILE D 293 -16.18 -20.71 18.45
N ALA D 294 -17.44 -20.56 18.05
CA ALA D 294 -18.52 -20.38 19.02
C ALA D 294 -18.62 -21.59 19.94
N VAL D 295 -18.53 -22.79 19.38
CA VAL D 295 -18.60 -24.00 20.20
C VAL D 295 -17.45 -24.01 21.21
N CYS D 296 -16.24 -23.72 20.74
CA CYS D 296 -15.10 -23.66 21.64
C CYS D 296 -15.31 -22.59 22.71
N TYR D 297 -15.92 -21.47 22.32
CA TYR D 297 -16.24 -20.43 23.30
C TYR D 297 -17.21 -20.95 24.35
N ALA D 298 -18.20 -21.73 23.92
CA ALA D 298 -19.19 -22.26 24.86
C ALA D 298 -18.53 -23.19 25.87
N PHE D 299 -17.64 -24.07 25.42
CA PHE D 299 -16.97 -24.99 26.33
C PHE D 299 -16.22 -24.24 27.42
N VAL D 300 -15.36 -23.29 27.04
CA VAL D 300 -14.62 -22.52 28.02
C VAL D 300 -15.58 -21.69 28.87
N PHE D 301 -16.55 -21.05 28.22
CA PHE D 301 -17.53 -20.26 28.98
C PHE D 301 -18.33 -21.14 29.92
N SER D 302 -18.79 -22.30 29.43
CA SER D 302 -19.57 -23.20 30.27
C SER D 302 -18.72 -23.73 31.43
N ALA D 303 -17.45 -24.04 31.16
CA ALA D 303 -16.57 -24.50 32.22
C ALA D 303 -16.54 -23.50 33.37
N LEU D 304 -16.47 -22.21 33.04
CA LEU D 304 -16.49 -21.18 34.08
C LEU D 304 -17.79 -21.23 34.86
N LEU D 305 -18.91 -21.42 34.17
CA LEU D 305 -20.20 -21.50 34.85
C LEU D 305 -20.22 -22.68 35.82
N GLU D 306 -19.69 -23.82 35.41
CA GLU D 306 -19.68 -24.98 36.28
C GLU D 306 -18.94 -24.69 37.57
N PHE D 307 -17.78 -24.04 37.48
CA PHE D 307 -17.05 -23.67 38.68
C PHE D 307 -17.84 -22.68 39.53
N ALA D 308 -18.43 -21.67 38.88
CA ALA D 308 -19.22 -20.68 39.61
C ALA D 308 -20.42 -21.33 40.29
N PHE D 309 -21.13 -22.17 39.56
CA PHE D 309 -22.28 -22.86 40.15
C PHE D 309 -21.84 -23.77 41.29
N VAL D 310 -20.75 -24.51 41.10
CA VAL D 310 -20.25 -25.38 42.16
C VAL D 310 -19.83 -24.55 43.36
N ASN D 311 -19.09 -23.46 43.12
CA ASN D 311 -18.63 -22.63 44.22
C ASN D 311 -19.80 -21.99 44.96
N TYR D 312 -20.93 -21.82 44.29
CA TYR D 312 -22.09 -21.21 44.94
C TYR D 312 -22.78 -22.19 45.88
N ILE D 313 -22.80 -23.48 45.54
CA ILE D 313 -23.49 -24.49 46.32
C ILE D 313 -22.52 -25.39 47.08
N THR D 314 -21.25 -25.01 47.17
CA THR D 314 -20.28 -25.81 47.90
C THR D 314 -20.55 -25.82 49.40
N LYS D 315 -21.45 -24.96 49.88
CA LYS D 315 -21.80 -24.92 51.29
C LYS D 315 -23.05 -25.74 51.59
N SER D 316 -24.15 -25.46 50.89
CA SER D 316 -25.42 -26.10 51.20
C SER D 316 -25.34 -27.62 50.97
N GLN D 317 -24.90 -28.02 49.79
CA GLN D 317 -24.87 -29.44 49.40
C GLN D 317 -23.51 -29.75 48.79
N PRO D 318 -22.46 -29.86 49.63
CA PRO D 318 -21.14 -30.22 49.07
C PRO D 318 -21.12 -31.54 48.34
N ALA D 319 -21.96 -32.50 48.76
CA ALA D 319 -21.92 -33.83 48.15
C ALA D 319 -22.20 -33.75 46.65
N ARG D 320 -23.28 -33.06 46.27
CA ARG D 320 -23.61 -32.95 44.85
C ARG D 320 -22.56 -32.13 44.11
N ALA D 321 -21.98 -31.13 44.77
CA ALA D 321 -20.96 -30.31 44.11
C ALA D 321 -19.76 -31.16 43.70
N ALA D 322 -19.30 -32.05 44.59
CA ALA D 322 -18.17 -32.91 44.25
C ALA D 322 -18.50 -33.82 43.09
N LYS D 323 -19.72 -34.35 43.05
CA LYS D 323 -20.12 -35.21 41.93
C LYS D 323 -20.03 -34.47 40.61
N ILE D 324 -20.48 -33.21 40.58
CA ILE D 324 -20.44 -32.44 39.34
C ILE D 324 -19.00 -32.24 38.90
N ASP D 325 -18.11 -31.90 39.83
CA ASP D 325 -16.72 -31.67 39.47
C ASP D 325 -16.08 -32.92 38.89
N LYS D 326 -16.23 -34.05 39.57
CA LYS D 326 -15.69 -35.30 39.04
C LYS D 326 -16.34 -35.68 37.72
N MET D 327 -17.66 -35.55 37.65
CA MET D 327 -18.37 -35.84 36.40
C MET D 327 -17.96 -34.89 35.29
N SER D 328 -17.71 -33.62 35.63
CA SER D 328 -17.37 -32.63 34.63
C SER D 328 -16.07 -32.98 33.92
N ARG D 329 -15.10 -33.53 34.65
CA ARG D 329 -13.81 -33.83 34.05
C ARG D 329 -13.94 -34.78 32.88
N ILE D 330 -14.99 -35.59 32.85
CA ILE D 330 -15.18 -36.61 31.82
C ILE D 330 -16.15 -36.14 30.75
N VAL D 331 -17.22 -35.44 31.13
CA VAL D 331 -18.26 -35.07 30.18
C VAL D 331 -17.69 -34.12 29.13
N PHE D 332 -17.03 -33.05 29.56
CA PHE D 332 -16.59 -32.03 28.61
C PHE D 332 -15.61 -32.55 27.58
N PRO D 333 -14.54 -33.26 27.94
CA PRO D 333 -13.63 -33.77 26.90
C PRO D 333 -14.34 -34.65 25.87
N ILE D 334 -15.27 -35.49 26.31
CA ILE D 334 -15.99 -36.35 25.38
C ILE D 334 -16.84 -35.51 24.44
N LEU D 335 -17.56 -34.51 24.98
CA LEU D 335 -18.40 -33.67 24.14
C LEU D 335 -17.55 -32.91 23.12
N PHE D 336 -16.43 -32.35 23.55
CA PHE D 336 -15.55 -31.66 22.61
C PHE D 336 -15.00 -32.62 21.56
N GLY D 337 -14.57 -33.81 22.00
CA GLY D 337 -14.11 -34.80 21.03
C GLY D 337 -15.22 -35.26 20.12
N THR D 338 -16.41 -35.49 20.67
CA THR D 338 -17.54 -35.92 19.86
C THR D 338 -17.92 -34.85 18.84
N PHE D 339 -17.91 -33.57 19.26
CA PHE D 339 -18.28 -32.50 18.34
C PHE D 339 -17.33 -32.44 17.15
N ASN D 340 -16.03 -32.60 17.39
CA ASN D 340 -15.06 -32.46 16.30
C ASN D 340 -15.32 -33.50 15.22
N LEU D 341 -15.60 -34.74 15.59
CA LEU D 341 -15.84 -35.77 14.59
C LEU D 341 -17.04 -35.40 13.72
N VAL D 342 -18.11 -34.91 14.33
CA VAL D 342 -19.25 -34.44 13.55
C VAL D 342 -18.85 -33.28 12.66
N TYR D 343 -18.09 -32.33 13.22
CA TYR D 343 -17.70 -31.15 12.46
C TYR D 343 -16.87 -31.53 11.23
N TRP D 344 -15.70 -32.11 11.45
CA TRP D 344 -14.80 -32.40 10.34
C TRP D 344 -15.43 -33.38 9.36
N ALA D 345 -16.08 -34.43 9.86
CA ALA D 345 -16.72 -35.39 8.97
C ALA D 345 -17.82 -34.73 8.14
N THR D 346 -18.53 -33.77 8.74
CA THR D 346 -19.63 -33.12 8.03
C THR D 346 -19.12 -32.38 6.80
N TYR D 347 -18.01 -31.67 6.92
CA TYR D 347 -17.48 -30.90 5.80
C TYR D 347 -16.54 -31.71 4.92
N LEU D 348 -15.84 -32.69 5.48
CA LEU D 348 -14.93 -33.54 4.71
C LEU D 348 -15.69 -34.75 4.14
N ASN D 349 -16.66 -34.44 3.28
CA ASN D 349 -17.49 -35.46 2.67
C ASN D 349 -18.41 -34.85 1.62
N ASN E 14 33.45 17.39 -40.72
CA ASN E 14 34.04 16.13 -40.27
C ASN E 14 33.05 15.33 -39.45
N ILE E 15 31.92 15.95 -39.08
CA ILE E 15 30.88 15.30 -38.32
C ILE E 15 29.77 14.86 -39.27
N THR E 16 29.58 15.61 -40.35
CA THR E 16 28.54 15.26 -41.32
C THR E 16 28.74 13.86 -41.87
N ILE E 17 29.98 13.38 -41.89
CA ILE E 17 30.25 12.03 -42.38
C ILE E 17 29.45 11.01 -41.57
N PHE E 18 29.39 11.19 -40.25
CA PHE E 18 28.62 10.27 -39.42
C PHE E 18 27.14 10.30 -39.79
N THR E 19 26.59 11.50 -40.02
CA THR E 19 25.17 11.61 -40.32
C THR E 19 24.81 10.90 -41.62
N ARG E 20 25.67 11.04 -42.64
CA ARG E 20 25.37 10.41 -43.92
C ARG E 20 25.32 8.89 -43.78
N ILE E 21 26.25 8.32 -43.01
CA ILE E 21 26.30 6.87 -42.86
C ILE E 21 25.01 6.36 -42.22
N LEU E 22 24.55 7.03 -41.16
CA LEU E 22 23.33 6.59 -40.49
C LEU E 22 22.14 6.60 -41.46
N ASP E 23 22.03 7.65 -42.27
CA ASP E 23 20.95 7.70 -43.25
C ASP E 23 21.06 6.54 -44.24
N GLY E 24 22.28 6.23 -44.67
CA GLY E 24 22.46 5.10 -45.58
C GLY E 24 22.03 3.79 -44.98
N LEU E 25 22.35 3.57 -43.70
CA LEU E 25 21.97 2.32 -43.04
C LEU E 25 20.45 2.17 -43.02
N LEU E 26 19.73 3.23 -42.67
CA LEU E 26 18.28 3.19 -42.63
C LEU E 26 17.65 3.24 -44.03
N ASP E 27 18.43 3.57 -45.05
CA ASP E 27 17.91 3.62 -46.42
C ASP E 27 17.54 2.21 -46.87
N GLY E 28 16.24 1.96 -47.02
CA GLY E 28 15.78 0.65 -47.44
C GLY E 28 15.88 -0.42 -46.37
N TYR E 29 15.90 -0.03 -45.10
CA TYR E 29 15.99 -0.97 -43.99
C TYR E 29 14.62 -1.16 -43.37
N ASP E 30 14.20 -2.41 -43.24
CA ASP E 30 12.91 -2.76 -42.66
C ASP E 30 13.16 -3.38 -41.29
N ASN E 31 12.60 -2.75 -40.25
CA ASN E 31 12.76 -3.24 -38.89
C ASN E 31 11.81 -4.38 -38.56
N ARG E 32 10.83 -4.66 -39.41
CA ARG E 32 9.89 -5.75 -39.16
C ARG E 32 10.44 -7.11 -39.55
N LEU E 33 11.61 -7.16 -40.17
CA LEU E 33 12.23 -8.42 -40.60
C LEU E 33 13.51 -8.64 -39.83
N ARG E 34 13.63 -9.82 -39.21
CA ARG E 34 14.84 -10.14 -38.48
C ARG E 34 16.01 -10.31 -39.46
N PRO E 35 17.24 -10.03 -39.00
CA PRO E 35 18.39 -10.17 -39.89
C PRO E 35 18.58 -11.62 -40.32
N GLY E 36 19.08 -11.80 -41.54
CA GLY E 36 19.32 -13.14 -42.07
C GLY E 36 18.07 -13.97 -42.17
N LEU E 37 16.94 -13.34 -42.51
CA LEU E 37 15.69 -14.07 -42.62
C LEU E 37 15.71 -14.97 -43.85
N GLY E 38 15.26 -16.21 -43.67
CA GLY E 38 15.23 -17.15 -44.77
C GLY E 38 16.60 -17.54 -45.30
N GLU E 39 17.66 -17.27 -44.54
CA GLU E 39 19.01 -17.60 -44.98
C GLU E 39 19.75 -18.39 -43.91
N ARG E 40 19.41 -18.18 -42.66
CA ARG E 40 20.08 -18.81 -41.52
C ARG E 40 19.24 -18.55 -40.29
N ILE E 41 19.76 -18.95 -39.12
CA ILE E 41 19.10 -18.73 -37.84
C ILE E 41 19.84 -17.61 -37.12
N THR E 42 19.09 -16.61 -36.67
CA THR E 42 19.68 -15.49 -35.97
C THR E 42 20.20 -15.94 -34.61
N GLN E 43 21.45 -15.60 -34.30
CA GLN E 43 22.09 -15.98 -33.06
C GLN E 43 22.22 -14.74 -32.17
N VAL E 44 21.81 -14.87 -30.92
CA VAL E 44 21.82 -13.77 -29.96
C VAL E 44 22.64 -14.19 -28.75
N ARG E 45 23.57 -13.34 -28.34
CA ARG E 45 24.38 -13.55 -27.15
C ARG E 45 23.92 -12.58 -26.06
N THR E 46 23.68 -13.12 -24.87
CA THR E 46 23.16 -12.35 -23.75
C THR E 46 24.16 -12.34 -22.62
N ASP E 47 24.45 -11.15 -22.10
CA ASP E 47 25.28 -10.97 -20.92
C ASP E 47 24.55 -10.02 -19.96
N MET E 48 24.57 -10.37 -18.68
CA MET E 48 23.80 -9.66 -17.67
C MET E 48 24.74 -9.07 -16.63
N TYR E 49 24.49 -7.82 -16.25
CA TYR E 49 25.22 -7.14 -15.18
C TYR E 49 24.19 -6.64 -14.17
N VAL E 50 24.20 -7.21 -12.98
CA VAL E 50 23.22 -6.88 -11.95
C VAL E 50 23.67 -5.59 -11.26
N ASN E 51 22.98 -4.49 -11.55
CA ASN E 51 23.28 -3.23 -10.88
C ASN E 51 23.02 -3.33 -9.38
N SER E 52 21.92 -3.97 -9.00
CA SER E 52 21.57 -4.13 -7.59
C SER E 52 20.50 -5.19 -7.47
N PHE E 53 20.68 -6.11 -6.54
CA PHE E 53 19.69 -7.17 -6.26
C PHE E 53 18.74 -6.63 -5.20
N GLY E 54 17.54 -6.25 -5.62
CA GLY E 54 16.60 -5.60 -4.73
C GLY E 54 16.10 -6.54 -3.65
N PRO E 55 15.22 -6.01 -2.79
CA PRO E 55 14.71 -6.81 -1.67
C PRO E 55 13.84 -7.97 -2.17
N VAL E 56 13.80 -9.03 -1.37
CA VAL E 56 13.01 -10.21 -1.66
C VAL E 56 11.81 -10.19 -0.73
N SER E 57 10.61 -10.04 -1.31
CA SER E 57 9.38 -10.03 -0.53
C SER E 57 8.91 -11.47 -0.34
N ASP E 58 9.16 -12.00 0.87
CA ASP E 58 8.75 -13.38 1.14
C ASP E 58 7.24 -13.51 1.08
N THR E 59 6.50 -12.54 1.62
CA THR E 59 5.04 -12.62 1.62
C THR E 59 4.50 -12.69 0.20
N GLU E 60 5.05 -11.87 -0.70
CA GLU E 60 4.62 -11.84 -2.09
C GLU E 60 5.33 -12.87 -2.96
N MET E 61 6.29 -13.61 -2.40
CA MET E 61 7.00 -14.66 -3.14
C MET E 61 7.60 -14.11 -4.42
N GLU E 62 8.25 -12.95 -4.30
CA GLU E 62 8.86 -12.30 -5.46
C GLU E 62 10.08 -11.53 -4.97
N TYR E 63 10.80 -10.94 -5.92
CA TYR E 63 11.98 -10.15 -5.62
C TYR E 63 12.15 -9.07 -6.67
N THR E 64 12.93 -8.05 -6.32
CA THR E 64 13.24 -6.95 -7.22
C THR E 64 14.72 -7.00 -7.60
N ILE E 65 15.02 -6.72 -8.86
CA ILE E 65 16.38 -6.76 -9.37
C ILE E 65 16.55 -5.64 -10.39
N ASP E 66 17.70 -4.96 -10.33
CA ASP E 66 18.07 -3.95 -11.30
C ASP E 66 19.29 -4.44 -12.06
N ILE E 67 19.17 -4.55 -13.38
CA ILE E 67 20.20 -5.13 -14.22
C ILE E 67 20.40 -4.28 -15.47
N PHE E 68 21.59 -4.41 -16.06
CA PHE E 68 21.87 -3.83 -17.38
C PHE E 68 21.88 -4.99 -18.38
N PHE E 69 20.68 -5.36 -18.81
CA PHE E 69 20.53 -6.47 -19.74
C PHE E 69 21.13 -6.10 -21.09
N ALA E 70 21.96 -6.99 -21.63
CA ALA E 70 22.68 -6.74 -22.86
C ALA E 70 22.49 -7.90 -23.83
N GLN E 71 22.36 -7.55 -25.12
CA GLN E 71 22.21 -8.53 -26.18
C GLN E 71 23.16 -8.18 -27.31
N THR E 72 23.59 -9.22 -28.04
CA THR E 72 24.48 -9.05 -29.17
C THR E 72 24.05 -9.98 -30.29
N TRP E 73 24.09 -9.47 -31.52
CA TRP E 73 23.73 -10.27 -32.67
C TRP E 73 24.32 -9.62 -33.91
N LYS E 74 24.24 -10.34 -35.03
CA LYS E 74 24.85 -9.94 -36.29
C LYS E 74 23.78 -9.49 -37.27
N ASP E 75 24.00 -8.35 -37.92
CA ASP E 75 23.09 -7.84 -38.93
C ASP E 75 23.93 -7.36 -40.11
N GLU E 76 23.81 -8.04 -41.25
CA GLU E 76 24.58 -7.67 -42.43
C GLU E 76 24.13 -6.34 -43.00
N ARG E 77 22.84 -6.01 -42.84
CA ARG E 77 22.32 -4.77 -43.40
C ARG E 77 22.99 -3.53 -42.81
N LEU E 78 23.62 -3.67 -41.64
CA LEU E 78 24.21 -2.54 -40.94
C LEU E 78 25.71 -2.41 -41.20
N ARG E 79 26.26 -3.21 -42.10
CA ARG E 79 27.67 -3.09 -42.44
C ARG E 79 27.95 -1.72 -43.04
N PHE E 80 29.07 -1.11 -42.62
CA PHE E 80 29.42 0.22 -43.06
C PHE E 80 30.93 0.36 -43.06
N LYS E 81 31.41 1.36 -43.80
CA LYS E 81 32.83 1.68 -43.88
C LYS E 81 33.02 3.15 -43.55
N GLY E 82 33.95 3.44 -42.65
CA GLY E 82 34.24 4.79 -42.25
C GLY E 82 35.44 4.90 -41.34
N PRO E 83 35.88 6.13 -41.07
CA PRO E 83 37.05 6.31 -40.20
C PRO E 83 36.86 5.75 -38.81
N MET E 84 35.65 5.78 -38.28
CA MET E 84 35.37 5.31 -36.92
C MET E 84 34.85 3.88 -36.98
N GLN E 85 35.44 3.01 -36.16
CA GLN E 85 35.07 1.60 -36.15
C GLN E 85 33.87 1.29 -35.26
N ARG E 86 33.38 2.27 -34.51
CA ARG E 86 32.23 2.06 -33.62
C ARG E 86 31.33 3.29 -33.67
N LEU E 87 30.06 3.07 -33.37
CA LEU E 87 29.04 4.12 -33.42
C LEU E 87 28.22 4.10 -32.14
N PRO E 88 28.77 4.61 -31.04
CA PRO E 88 27.97 4.74 -29.82
C PRO E 88 26.75 5.63 -30.07
N LEU E 89 25.62 5.24 -29.48
CA LEU E 89 24.37 5.94 -29.72
C LEU E 89 23.51 5.82 -28.45
N ASN E 90 22.23 6.15 -28.59
CA ASN E 90 21.30 6.15 -27.48
C ASN E 90 19.97 5.59 -27.98
N ASN E 91 18.92 5.79 -27.18
CA ASN E 91 17.61 5.22 -27.49
C ASN E 91 17.02 5.77 -28.78
N LEU E 92 17.54 6.90 -29.29
CA LEU E 92 16.93 7.53 -30.45
C LEU E 92 16.87 6.58 -31.63
N LEU E 93 17.96 5.85 -31.90
CA LEU E 93 18.02 4.93 -33.02
C LEU E 93 17.56 3.52 -32.66
N ALA E 94 17.24 3.27 -31.39
CA ALA E 94 16.86 1.92 -30.97
C ALA E 94 15.60 1.46 -31.69
N SER E 95 14.60 2.34 -31.80
CA SER E 95 13.33 1.96 -32.40
C SER E 95 13.37 1.95 -33.93
N LYS E 96 14.43 2.47 -34.53
CA LYS E 96 14.51 2.55 -35.99
C LYS E 96 14.95 1.25 -36.63
N ILE E 97 15.41 0.26 -35.87
CA ILE E 97 15.92 -0.98 -36.41
C ILE E 97 15.32 -2.16 -35.66
N TRP E 98 15.48 -3.34 -36.25
CA TRP E 98 14.91 -4.55 -35.67
C TRP E 98 15.61 -4.90 -34.36
N THR E 99 14.82 -5.32 -33.38
CA THR E 99 15.33 -5.82 -32.11
C THR E 99 14.52 -7.02 -31.69
N PRO E 100 15.13 -7.95 -30.94
CA PRO E 100 14.38 -9.13 -30.52
C PRO E 100 13.25 -8.78 -29.55
N ASP E 101 12.20 -9.58 -29.59
CA ASP E 101 11.05 -9.40 -28.71
C ASP E 101 11.25 -10.14 -27.39
N THR E 102 12.38 -9.90 -26.74
CA THR E 102 12.70 -10.59 -25.51
C THR E 102 11.72 -10.21 -24.41
N PHE E 103 11.31 -11.21 -23.63
CA PHE E 103 10.42 -10.99 -22.50
C PHE E 103 10.78 -12.00 -21.40
N PHE E 104 10.34 -11.69 -20.19
CA PHE E 104 10.61 -12.51 -19.02
C PHE E 104 9.37 -13.33 -18.67
N HIS E 105 9.50 -14.65 -18.73
CA HIS E 105 8.35 -15.51 -18.47
C HIS E 105 7.83 -15.33 -17.06
N ASN E 106 8.73 -15.28 -16.08
CA ASN E 106 8.36 -15.11 -14.68
C ASN E 106 8.34 -13.66 -14.24
N GLY E 107 8.64 -12.72 -15.13
CA GLY E 107 8.56 -11.31 -14.78
C GLY E 107 7.12 -10.85 -14.71
N LYS E 108 6.65 -10.58 -13.50
CA LYS E 108 5.25 -10.19 -13.32
C LYS E 108 5.00 -8.75 -13.72
N LYS E 109 5.96 -7.86 -13.51
CA LYS E 109 5.79 -6.46 -13.88
C LYS E 109 7.18 -5.86 -14.08
N SER E 110 7.57 -5.70 -15.35
CA SER E 110 8.86 -5.15 -15.72
C SER E 110 8.65 -3.77 -16.33
N PHE E 111 9.28 -2.76 -15.74
CA PHE E 111 9.20 -1.39 -16.22
C PHE E 111 10.60 -0.81 -16.31
N ALA E 112 10.92 -0.17 -17.43
CA ALA E 112 12.22 0.44 -17.64
C ALA E 112 12.25 1.83 -17.02
N HIS E 113 13.45 2.41 -16.98
CA HIS E 113 13.67 3.74 -16.43
C HIS E 113 13.83 4.72 -17.58
N TRP E 114 13.02 5.78 -17.57
CA TRP E 114 13.02 6.77 -18.64
C TRP E 114 13.66 8.10 -18.23
N MET E 115 13.98 8.28 -16.95
CA MET E 115 14.55 9.51 -16.45
C MET E 115 16.04 9.29 -16.15
N THR E 116 16.89 10.23 -16.56
CA THR E 116 16.56 11.45 -17.30
C THR E 116 16.20 11.13 -18.75
N THR E 117 16.84 10.10 -19.29
CA THR E 117 16.62 9.63 -20.64
C THR E 117 16.46 8.12 -20.63
N PRO E 118 15.62 7.56 -21.52
CA PRO E 118 15.53 6.09 -21.60
C PRO E 118 16.90 5.43 -21.65
N ASN E 119 17.21 4.63 -20.63
CA ASN E 119 18.53 4.05 -20.47
C ASN E 119 18.69 2.93 -21.49
N ARG E 120 19.13 3.30 -22.69
CA ARG E 120 19.38 2.34 -23.75
C ARG E 120 20.64 2.74 -24.50
N MET E 121 21.48 1.75 -24.80
CA MET E 121 22.71 1.97 -25.55
C MET E 121 22.67 1.11 -26.81
N LEU E 122 23.12 1.70 -27.92
CA LEU E 122 23.16 1.02 -29.21
C LEU E 122 24.52 1.28 -29.84
N ARG E 123 25.24 0.21 -30.15
CA ARG E 123 26.56 0.31 -30.75
C ARG E 123 26.62 -0.60 -31.97
N ILE E 124 27.35 -0.15 -33.00
CA ILE E 124 27.46 -0.88 -34.25
C ILE E 124 28.90 -0.81 -34.73
N TRP E 125 29.40 -1.92 -35.28
CA TRP E 125 30.73 -2.01 -35.86
C TRP E 125 30.63 -2.23 -37.36
N ASN E 126 31.78 -2.14 -38.02
CA ASN E 126 31.80 -2.25 -39.48
C ASN E 126 31.29 -3.62 -39.92
N ASP E 127 31.66 -4.68 -39.20
CA ASP E 127 31.22 -6.02 -39.58
C ASP E 127 29.72 -6.18 -39.50
N GLY E 128 29.02 -5.28 -38.82
CA GLY E 128 27.59 -5.38 -38.63
C GLY E 128 27.16 -5.90 -37.27
N ARG E 129 28.10 -6.15 -36.37
CA ARG E 129 27.74 -6.58 -35.02
C ARG E 129 27.02 -5.46 -34.28
N VAL E 130 26.04 -5.84 -33.47
CA VAL E 130 25.19 -4.89 -32.77
C VAL E 130 25.21 -5.22 -31.28
N LEU E 131 25.28 -4.19 -30.44
CA LEU E 131 25.21 -4.32 -29.00
C LEU E 131 24.08 -3.43 -28.50
N TYR E 132 23.16 -4.02 -27.73
CA TYR E 132 21.95 -3.33 -27.27
C TYR E 132 21.78 -3.62 -25.78
N THR E 133 22.34 -2.75 -24.95
CA THR E 133 22.25 -2.88 -23.51
C THR E 133 21.05 -2.07 -23.02
N LEU E 134 20.24 -2.69 -22.16
CA LEU E 134 19.01 -2.10 -21.66
C LEU E 134 18.92 -2.27 -20.16
N ARG E 135 18.52 -1.20 -19.48
CA ARG E 135 18.32 -1.24 -18.04
C ARG E 135 16.88 -1.62 -17.74
N LEU E 136 16.68 -2.41 -16.69
CA LEU E 136 15.35 -2.90 -16.34
C LEU E 136 15.26 -3.10 -14.84
N THR E 137 14.02 -3.11 -14.35
CA THR E 137 13.70 -3.47 -12.97
C THR E 137 12.58 -4.49 -13.01
N ILE E 138 12.83 -5.68 -12.48
CA ILE E 138 11.94 -6.82 -12.64
C ILE E 138 11.42 -7.23 -11.27
N SER E 139 10.11 -7.30 -11.14
CA SER E 139 9.47 -7.85 -9.95
C SER E 139 9.11 -9.32 -10.17
N ALA E 140 10.13 -10.10 -10.50
CA ALA E 140 9.92 -11.50 -10.83
C ALA E 140 9.55 -12.30 -9.59
N GLU E 141 8.81 -13.38 -9.81
CA GLU E 141 8.37 -14.26 -8.73
C GLU E 141 9.43 -15.32 -8.48
N CYS E 142 9.64 -15.64 -7.20
CA CYS E 142 10.59 -16.65 -6.77
C CYS E 142 9.87 -17.67 -5.89
N PRO E 143 9.30 -18.72 -6.46
CA PRO E 143 8.69 -19.77 -5.63
C PRO E 143 9.74 -20.38 -4.71
N MET E 144 9.31 -20.67 -3.48
CA MET E 144 10.21 -21.18 -2.45
C MET E 144 9.54 -22.32 -1.70
N ASP E 145 10.31 -23.36 -1.41
CA ASP E 145 9.85 -24.51 -0.62
C ASP E 145 10.34 -24.31 0.80
N LEU E 146 9.47 -23.79 1.66
CA LEU E 146 9.83 -23.47 3.04
C LEU E 146 9.68 -24.68 3.96
N GLU E 147 10.27 -25.81 3.55
CA GLU E 147 10.24 -27.00 4.39
C GLU E 147 11.25 -26.90 5.53
N ASP E 148 12.39 -26.27 5.27
CA ASP E 148 13.45 -26.10 6.27
C ASP E 148 13.57 -24.65 6.73
N PHE E 149 12.52 -23.86 6.56
CA PHE E 149 12.57 -22.46 6.96
C PHE E 149 12.83 -22.37 8.46
N PRO E 150 13.67 -21.42 8.91
CA PRO E 150 14.43 -20.42 8.14
C PRO E 150 15.73 -20.95 7.55
N MET E 151 16.23 -22.11 7.99
CA MET E 151 17.47 -22.66 7.45
C MET E 151 17.19 -23.29 6.10
N ASP E 152 17.00 -22.42 5.11
CA ASP E 152 16.67 -22.84 3.75
C ASP E 152 17.59 -22.16 2.76
N GLU E 153 17.86 -22.85 1.65
CA GLU E 153 18.64 -22.32 0.55
C GLU E 153 17.71 -22.19 -0.65
N GLN E 154 17.36 -20.96 -0.99
CA GLN E 154 16.41 -20.68 -2.06
C GLN E 154 17.14 -20.43 -3.37
N ASN E 155 16.53 -20.88 -4.46
CA ASN E 155 17.10 -20.76 -5.81
C ASN E 155 16.12 -19.94 -6.64
N CYS E 156 16.26 -18.62 -6.60
CA CYS E 156 15.37 -17.75 -7.35
C CYS E 156 15.83 -17.69 -8.80
N PRO E 157 15.02 -18.10 -9.77
CA PRO E 157 15.43 -18.08 -11.16
C PRO E 157 15.04 -16.79 -11.87
N LEU E 158 15.53 -16.67 -13.11
CA LEU E 158 15.16 -15.56 -13.98
C LEU E 158 15.11 -16.11 -15.40
N LYS E 159 13.89 -16.28 -15.92
CA LYS E 159 13.68 -16.90 -17.22
C LYS E 159 13.23 -15.85 -18.22
N PHE E 160 13.86 -15.85 -19.40
CA PHE E 160 13.47 -14.94 -20.47
C PHE E 160 13.71 -15.63 -21.81
N GLY E 161 13.02 -15.12 -22.82
CA GLY E 161 13.13 -15.70 -24.16
C GLY E 161 12.26 -14.94 -25.13
N SER E 162 12.28 -15.41 -26.37
CA SER E 162 11.49 -14.77 -27.42
C SER E 162 10.01 -15.07 -27.22
N TYR E 163 9.17 -14.10 -27.61
CA TYR E 163 7.73 -14.23 -27.52
C TYR E 163 7.10 -14.66 -28.84
N ALA E 164 7.71 -14.33 -29.97
CA ALA E 164 7.14 -14.64 -31.28
C ALA E 164 8.08 -15.38 -32.20
N TYR E 165 9.38 -15.47 -31.89
CA TYR E 165 10.33 -16.14 -32.76
C TYR E 165 10.67 -17.50 -32.18
N PRO E 166 10.27 -18.61 -32.81
CA PRO E 166 10.57 -19.93 -32.25
C PRO E 166 12.05 -20.23 -32.21
N ASN E 167 12.41 -21.39 -31.66
CA ASN E 167 13.81 -21.79 -31.56
C ASN E 167 14.44 -21.99 -32.93
N SER E 168 13.64 -22.18 -33.98
CA SER E 168 14.17 -22.38 -35.32
C SER E 168 14.60 -21.10 -36.00
N GLU E 169 14.22 -19.94 -35.45
CA GLU E 169 14.55 -18.65 -36.04
C GLU E 169 15.50 -17.84 -35.17
N VAL E 170 15.26 -17.77 -33.87
CA VAL E 170 16.07 -17.00 -32.94
C VAL E 170 16.54 -17.92 -31.82
N VAL E 171 17.84 -17.86 -31.52
CA VAL E 171 18.44 -18.68 -30.49
C VAL E 171 19.21 -17.78 -29.54
N TYR E 172 19.00 -17.97 -28.23
CA TYR E 172 19.72 -17.24 -27.21
C TYR E 172 20.77 -18.15 -26.59
N VAL E 173 21.99 -17.62 -26.46
CA VAL E 173 23.10 -18.37 -25.87
C VAL E 173 23.92 -17.42 -25.01
N TRP E 174 24.31 -17.89 -23.82
CA TRP E 174 25.18 -17.10 -22.97
C TRP E 174 26.56 -16.97 -23.60
N THR E 175 27.17 -15.80 -23.41
CA THR E 175 28.47 -15.51 -24.00
C THR E 175 29.57 -15.98 -23.06
N ASN E 176 30.57 -16.66 -23.62
CA ASN E 176 31.71 -17.16 -22.84
C ASN E 176 31.17 -18.11 -21.77
N GLY E 177 31.82 -18.13 -20.59
CA GLY E 177 31.41 -19.00 -19.51
C GLY E 177 30.35 -18.36 -18.63
N SER E 178 30.00 -19.10 -17.56
CA SER E 178 28.99 -18.62 -16.64
C SER E 178 29.48 -17.40 -15.86
N THR E 179 30.76 -17.37 -15.52
CA THR E 179 31.29 -16.27 -14.71
C THR E 179 31.13 -14.94 -15.44
N LYS E 180 31.51 -14.91 -16.71
CA LYS E 180 31.39 -13.68 -17.49
C LYS E 180 29.96 -13.40 -17.94
N SER E 181 29.13 -14.43 -18.06
CA SER E 181 27.76 -14.24 -18.51
C SER E 181 26.98 -13.36 -17.54
N VAL E 182 27.13 -13.61 -16.24
CA VAL E 182 26.42 -12.86 -15.21
C VAL E 182 27.46 -12.20 -14.31
N VAL E 183 27.30 -10.90 -14.09
CA VAL E 183 28.18 -10.11 -13.25
C VAL E 183 27.33 -9.39 -12.22
N VAL E 184 27.75 -9.47 -10.95
CA VAL E 184 27.02 -8.87 -9.84
C VAL E 184 27.93 -7.85 -9.17
N ALA E 185 27.43 -6.62 -9.02
CA ALA E 185 28.18 -5.59 -8.34
C ALA E 185 28.35 -5.94 -6.87
N GLU E 186 29.51 -5.57 -6.31
CA GLU E 186 29.81 -5.91 -4.93
C GLU E 186 28.81 -5.27 -3.98
N ASP E 187 28.50 -4.00 -4.19
CA ASP E 187 27.54 -3.31 -3.33
C ASP E 187 26.10 -3.56 -3.74
N GLY E 188 25.88 -4.05 -4.96
CA GLY E 188 24.51 -4.30 -5.40
C GLY E 188 23.87 -5.45 -4.63
N SER E 189 24.63 -6.51 -4.37
CA SER E 189 24.10 -7.70 -3.70
C SER E 189 24.10 -7.46 -2.19
N ARG E 190 23.16 -6.64 -1.76
CA ARG E 190 22.97 -6.31 -0.34
C ARG E 190 21.51 -6.51 0.01
N LEU E 191 21.23 -7.53 0.82
CA LEU E 191 19.87 -7.83 1.27
C LEU E 191 19.86 -7.88 2.79
N ASN E 192 18.67 -7.66 3.36
CA ASN E 192 18.54 -7.60 4.80
C ASN E 192 18.59 -8.99 5.44
N GLN E 193 18.02 -9.99 4.77
CA GLN E 193 17.88 -11.32 5.34
C GLN E 193 18.22 -12.39 4.31
N TYR E 194 19.27 -12.17 3.52
CA TYR E 194 19.68 -13.16 2.52
C TYR E 194 21.14 -12.94 2.17
N HIS E 195 21.82 -14.04 1.86
CA HIS E 195 23.19 -14.02 1.37
C HIS E 195 23.19 -14.52 -0.07
N LEU E 196 23.82 -13.75 -0.96
CA LEU E 196 23.92 -14.13 -2.37
C LEU E 196 25.14 -15.04 -2.53
N MET E 197 24.90 -16.34 -2.40
CA MET E 197 26.00 -17.30 -2.46
C MET E 197 26.66 -17.33 -3.83
N GLY E 198 25.86 -17.26 -4.90
CA GLY E 198 26.42 -17.34 -6.24
C GLY E 198 25.32 -17.34 -7.27
N GLN E 199 25.75 -17.46 -8.53
CA GLN E 199 24.86 -17.40 -9.67
C GLN E 199 25.19 -18.52 -10.65
N THR E 200 24.18 -18.93 -11.41
CA THR E 200 24.35 -19.96 -12.42
C THR E 200 23.41 -19.67 -13.57
N VAL E 201 23.68 -20.29 -14.72
CA VAL E 201 22.90 -20.10 -15.93
C VAL E 201 22.52 -21.45 -16.50
N GLY E 202 21.45 -21.47 -17.27
CA GLY E 202 20.98 -22.68 -17.90
C GLY E 202 20.08 -22.37 -19.07
N THR E 203 20.05 -23.29 -20.04
CA THR E 203 19.25 -23.13 -21.25
C THR E 203 18.49 -24.41 -21.52
N GLU E 204 17.30 -24.27 -22.11
CA GLU E 204 16.45 -25.41 -22.41
C GLU E 204 15.46 -25.01 -23.48
N ASN E 205 14.91 -26.03 -24.14
CA ASN E 205 13.87 -25.86 -25.15
C ASN E 205 12.53 -26.30 -24.58
N ILE E 206 11.48 -25.56 -24.91
CA ILE E 206 10.12 -25.86 -24.47
C ILE E 206 9.23 -25.95 -25.70
N SER E 207 8.42 -26.99 -25.78
CA SER E 207 7.48 -27.20 -26.87
C SER E 207 6.10 -26.75 -26.44
N THR E 208 5.46 -25.93 -27.27
CA THR E 208 4.13 -25.40 -26.98
C THR E 208 3.29 -25.49 -28.24
N SER E 209 2.10 -24.90 -28.19
CA SER E 209 1.20 -24.93 -29.35
C SER E 209 1.80 -24.17 -30.52
N THR E 210 2.46 -23.05 -30.26
CA THR E 210 2.99 -22.19 -31.31
C THR E 210 4.38 -22.61 -31.77
N GLY E 211 4.96 -23.65 -31.17
CA GLY E 211 6.26 -24.16 -31.58
C GLY E 211 7.25 -24.15 -30.45
N GLU E 212 8.48 -24.56 -30.77
CA GLU E 212 9.56 -24.62 -29.80
C GLU E 212 10.17 -23.24 -29.61
N TYR E 213 10.44 -22.89 -28.34
CA TYR E 213 11.09 -21.63 -27.99
C TYR E 213 12.25 -21.91 -27.07
N THR E 214 13.40 -21.32 -27.38
CA THR E 214 14.55 -21.42 -26.49
C THR E 214 14.32 -20.59 -25.24
N ILE E 215 14.85 -21.07 -24.11
CA ILE E 215 14.66 -20.42 -22.82
C ILE E 215 16.04 -20.25 -22.18
N MET E 216 16.29 -19.05 -21.64
CA MET E 216 17.51 -18.76 -20.90
C MET E 216 17.13 -18.54 -19.44
N THR E 217 17.75 -19.32 -18.55
CA THR E 217 17.44 -19.28 -17.13
C THR E 217 18.68 -18.94 -16.34
N ALA E 218 18.56 -17.96 -15.44
CA ALA E 218 19.61 -17.57 -14.53
C ALA E 218 19.14 -17.83 -13.12
N HIS E 219 19.89 -18.64 -12.37
CA HIS E 219 19.53 -19.02 -11.02
C HIS E 219 20.45 -18.32 -10.02
N PHE E 220 19.84 -17.71 -9.00
CA PHE E 220 20.57 -17.07 -7.92
C PHE E 220 20.41 -17.91 -6.67
N HIS E 221 21.53 -18.33 -6.08
CA HIS E 221 21.51 -19.15 -4.88
C HIS E 221 21.48 -18.23 -3.66
N LEU E 222 20.43 -18.34 -2.87
CA LEU E 222 20.24 -17.48 -1.70
C LEU E 222 20.31 -18.34 -0.44
N LYS E 223 21.20 -17.96 0.48
CA LYS E 223 21.34 -18.61 1.78
C LYS E 223 20.78 -17.66 2.82
N ARG E 224 19.59 -17.96 3.33
CA ARG E 224 18.98 -17.08 4.32
C ARG E 224 19.88 -16.96 5.54
N LYS E 225 20.07 -15.72 5.98
CA LYS E 225 20.91 -15.44 7.15
C LYS E 225 20.03 -15.45 8.40
N ILE E 226 20.38 -16.28 9.35
CA ILE E 226 19.61 -16.42 10.59
C ILE E 226 20.14 -15.41 11.59
N GLY E 227 19.28 -15.04 12.54
CA GLY E 227 19.63 -14.09 13.57
C GLY E 227 18.52 -13.10 13.81
N TYR E 228 17.78 -12.73 12.76
CA TYR E 228 16.62 -11.89 12.94
C TYR E 228 15.51 -12.64 13.66
N PHE E 229 15.27 -13.90 13.28
CA PHE E 229 14.25 -14.69 13.95
C PHE E 229 14.71 -15.14 15.33
N VAL E 230 16.02 -15.25 15.54
CA VAL E 230 16.53 -15.58 16.87
C VAL E 230 16.12 -14.51 17.87
N ILE E 231 16.28 -13.23 17.49
CA ILE E 231 15.87 -12.13 18.34
C ILE E 231 14.36 -11.92 18.34
N GLN E 232 13.64 -12.53 17.41
CA GLN E 232 12.21 -12.30 17.24
C GLN E 232 11.36 -13.44 17.77
N THR E 233 11.73 -14.69 17.47
CA THR E 233 10.89 -15.84 17.80
C THR E 233 11.58 -16.81 18.75
N TYR E 234 12.79 -17.26 18.42
CA TYR E 234 13.42 -18.33 19.21
C TYR E 234 13.66 -17.88 20.64
N LEU E 235 14.33 -16.73 20.82
CA LEU E 235 14.66 -16.29 22.17
C LEU E 235 13.44 -16.13 23.05
N PRO E 236 12.38 -15.43 22.63
CA PRO E 236 11.17 -15.39 23.48
C PRO E 236 10.65 -16.77 23.84
N CYS E 237 10.70 -17.70 22.89
CA CYS E 237 10.30 -19.07 23.20
C CYS E 237 11.27 -19.70 24.19
N ILE E 238 12.56 -19.47 24.02
CA ILE E 238 13.56 -20.05 24.92
C ILE E 238 13.35 -19.53 26.34
N MET E 239 13.26 -18.21 26.48
CA MET E 239 13.05 -17.63 27.81
C MET E 239 11.67 -17.99 28.36
N THR E 240 10.67 -18.11 27.49
CA THR E 240 9.34 -18.50 27.93
C THR E 240 9.37 -19.89 28.57
N VAL E 241 10.06 -20.84 27.96
CA VAL E 241 10.18 -22.17 28.53
C VAL E 241 10.88 -22.10 29.88
N ILE E 242 11.97 -21.33 29.95
CA ILE E 242 12.69 -21.18 31.21
C ILE E 242 11.79 -20.58 32.27
N LEU E 243 10.96 -19.61 31.88
CA LEU E 243 10.06 -18.98 32.84
C LEU E 243 9.09 -20.00 33.43
N SER E 244 8.53 -20.88 32.60
CA SER E 244 7.59 -21.87 33.09
C SER E 244 8.25 -22.81 34.09
N GLN E 245 9.47 -23.23 33.81
CA GLN E 245 10.17 -24.16 34.69
C GLN E 245 10.40 -23.58 36.08
N VAL E 246 10.33 -22.25 36.23
CA VAL E 246 10.50 -21.64 37.53
C VAL E 246 9.42 -22.12 38.49
N SER E 247 8.22 -22.39 37.97
CA SER E 247 7.14 -22.87 38.82
C SER E 247 7.52 -24.17 39.54
N PHE E 248 8.42 -24.95 38.95
CA PHE E 248 8.85 -26.19 39.59
C PHE E 248 9.62 -25.93 40.88
N TRP E 249 10.17 -24.73 41.05
CA TRP E 249 10.89 -24.37 42.26
C TRP E 249 9.99 -23.76 43.33
N LEU E 250 8.70 -23.68 43.09
CA LEU E 250 7.75 -23.10 44.03
C LEU E 250 7.05 -24.20 44.82
N ASN E 251 6.58 -23.83 46.01
CA ASN E 251 5.91 -24.80 46.86
C ASN E 251 4.59 -25.25 46.24
N ARG E 252 4.23 -26.52 46.50
CA ARG E 252 3.01 -27.06 45.93
C ARG E 252 1.78 -26.32 46.42
N GLU E 253 1.75 -25.99 47.73
CA GLU E 253 0.57 -25.33 48.29
C GLU E 253 0.31 -23.97 47.66
N SER E 254 1.34 -23.35 47.08
CA SER E 254 1.18 -22.05 46.41
C SER E 254 0.49 -22.28 45.06
N VAL E 255 -0.78 -22.67 45.14
CA VAL E 255 -1.53 -23.04 43.94
C VAL E 255 -1.68 -21.82 43.02
N ALA E 256 -2.05 -20.68 43.58
CA ALA E 256 -2.30 -19.50 42.76
C ALA E 256 -1.04 -19.05 42.04
N ALA E 257 0.10 -19.04 42.74
CA ALA E 257 1.33 -18.54 42.14
C ALA E 257 1.75 -19.41 40.95
N ARG E 258 1.83 -20.72 41.14
CA ARG E 258 2.23 -21.60 40.05
C ARG E 258 1.20 -21.59 38.94
N THR E 259 -0.07 -21.32 39.25
CA THR E 259 -1.11 -21.27 38.23
C THR E 259 -0.82 -20.17 37.22
N VAL E 260 -0.40 -19.00 37.70
CA VAL E 260 -0.14 -17.87 36.79
C VAL E 260 0.99 -18.22 35.83
N PHE E 261 2.06 -18.84 36.34
CA PHE E 261 3.19 -19.18 35.48
C PHE E 261 2.73 -20.02 34.29
N GLY E 262 1.99 -21.10 34.55
CA GLY E 262 1.56 -21.96 33.46
C GLY E 262 0.62 -21.26 32.51
N VAL E 263 -0.36 -20.54 33.04
CA VAL E 263 -1.35 -19.88 32.19
C VAL E 263 -0.70 -18.82 31.33
N THR E 264 0.09 -17.94 31.96
CA THR E 264 0.69 -16.84 31.20
C THR E 264 1.66 -17.36 30.14
N THR E 265 2.49 -18.35 30.50
CA THR E 265 3.48 -18.85 29.55
C THR E 265 2.81 -19.50 28.35
N VAL E 266 1.77 -20.31 28.58
CA VAL E 266 1.10 -20.99 27.48
C VAL E 266 0.49 -19.98 26.52
N LEU E 267 -0.20 -18.97 27.05
CA LEU E 267 -0.74 -17.92 26.21
C LEU E 267 0.38 -17.16 25.50
N THR E 268 1.48 -16.91 26.21
CA THR E 268 2.62 -16.22 25.60
C THR E 268 3.12 -17.00 24.39
N MET E 269 3.27 -18.32 24.52
CA MET E 269 3.65 -19.13 23.38
C MET E 269 2.61 -19.07 22.28
N THR E 270 1.32 -19.09 22.65
CA THR E 270 0.26 -19.07 21.66
C THR E 270 0.33 -17.81 20.80
N THR E 271 0.48 -16.65 21.44
CA THR E 271 0.51 -15.40 20.69
C THR E 271 1.76 -15.33 19.80
N LEU E 272 2.88 -15.87 20.28
CA LEU E 272 4.09 -15.89 19.46
C LEU E 272 3.88 -16.70 18.18
N SER E 273 3.18 -17.83 18.30
CA SER E 273 2.91 -18.65 17.11
C SER E 273 2.14 -17.86 16.07
N ILE E 274 1.10 -17.14 16.50
CA ILE E 274 0.33 -16.33 15.56
C ILE E 274 1.16 -15.17 15.04
N SER E 275 1.84 -14.47 15.95
CA SER E 275 2.62 -13.29 15.55
C SER E 275 3.75 -13.68 14.60
N ALA E 276 4.41 -14.81 14.87
CA ALA E 276 5.53 -15.23 14.04
C ALA E 276 5.11 -15.45 12.60
N ARG E 277 3.96 -16.09 12.39
CA ARG E 277 3.49 -16.39 11.04
C ARG E 277 2.84 -15.19 10.37
N ASN E 278 2.60 -14.10 11.09
CA ASN E 278 2.01 -12.92 10.45
C ASN E 278 2.92 -12.39 9.35
N SER E 279 4.22 -12.30 9.62
CA SER E 279 5.17 -11.91 8.59
C SER E 279 5.43 -13.04 7.59
N LEU E 280 5.35 -14.28 8.05
CA LEU E 280 5.60 -15.42 7.17
C LEU E 280 4.45 -15.56 6.18
N PRO E 281 4.73 -16.05 4.97
CA PRO E 281 3.65 -16.26 3.99
C PRO E 281 2.67 -17.32 4.47
N LYS E 282 1.42 -17.19 4.01
CA LYS E 282 0.35 -18.10 4.41
C LYS E 282 0.49 -19.42 3.65
N VAL E 283 1.53 -20.16 4.00
CA VAL E 283 1.82 -21.45 3.40
C VAL E 283 1.06 -22.53 4.16
N ALA E 284 0.49 -23.48 3.42
CA ALA E 284 -0.32 -24.55 4.01
C ALA E 284 0.52 -25.77 4.34
N TYR E 285 1.62 -25.57 5.07
CA TYR E 285 2.41 -26.69 5.55
C TYR E 285 3.30 -26.19 6.67
N ALA E 286 3.83 -27.14 7.44
CA ALA E 286 4.60 -26.83 8.64
C ALA E 286 6.06 -26.58 8.30
N THR E 287 6.63 -25.55 8.92
CA THR E 287 8.04 -25.23 8.80
C THR E 287 8.81 -25.75 10.01
N ALA E 288 10.14 -25.69 9.92
CA ALA E 288 10.96 -26.10 11.04
C ALA E 288 10.70 -25.24 12.26
N MET E 289 10.50 -23.94 12.05
CA MET E 289 10.18 -23.05 13.17
C MET E 289 8.89 -23.48 13.86
N ASP E 290 7.89 -23.87 13.08
CA ASP E 290 6.62 -24.30 13.67
C ASP E 290 6.82 -25.49 14.58
N TRP E 291 7.63 -26.47 14.16
CA TRP E 291 7.91 -27.62 15.01
C TRP E 291 8.62 -27.19 16.29
N PHE E 292 9.56 -26.25 16.17
CA PHE E 292 10.23 -25.74 17.36
C PHE E 292 9.24 -25.08 18.30
N ILE E 293 8.30 -24.31 17.75
CA ILE E 293 7.28 -23.67 18.57
C ILE E 293 6.43 -24.72 19.28
N ALA E 294 6.05 -25.77 18.54
CA ALA E 294 5.21 -26.81 19.14
C ALA E 294 5.91 -27.46 20.33
N VAL E 295 7.20 -27.77 20.18
CA VAL E 295 7.95 -28.38 21.27
C VAL E 295 7.96 -27.45 22.48
N CYS E 296 8.26 -26.17 22.25
CA CYS E 296 8.23 -25.21 23.33
C CYS E 296 6.85 -25.12 23.96
N TYR E 297 5.80 -25.22 23.14
CA TYR E 297 4.44 -25.24 23.66
C TYR E 297 4.22 -26.46 24.55
N ALA E 298 4.76 -27.61 24.15
CA ALA E 298 4.58 -28.82 24.94
C ALA E 298 5.24 -28.70 26.31
N PHE E 299 6.46 -28.14 26.35
CA PHE E 299 7.15 -27.99 27.63
C PHE E 299 6.34 -27.15 28.60
N VAL E 300 5.90 -25.96 28.16
CA VAL E 300 5.11 -25.11 29.04
C VAL E 300 3.77 -25.77 29.36
N PHE E 301 3.13 -26.36 28.34
CA PHE E 301 1.87 -27.05 28.58
C PHE E 301 2.06 -28.23 29.50
N SER E 302 3.10 -29.03 29.27
CA SER E 302 3.36 -30.18 30.13
C SER E 302 3.67 -29.74 31.56
N ALA E 303 4.43 -28.66 31.71
CA ALA E 303 4.75 -28.15 33.04
C ALA E 303 3.47 -27.87 33.82
N LEU E 304 2.46 -27.29 33.15
CA LEU E 304 1.18 -27.04 33.82
C LEU E 304 0.54 -28.35 34.25
N LEU E 305 0.61 -29.37 33.39
CA LEU E 305 0.03 -30.67 33.74
C LEU E 305 0.71 -31.25 34.98
N GLU E 306 2.04 -31.14 35.04
CA GLU E 306 2.76 -31.66 36.20
C GLU E 306 2.27 -31.03 37.49
N PHE E 307 2.09 -29.71 37.49
CA PHE E 307 1.57 -29.03 38.67
C PHE E 307 0.14 -29.50 38.97
N ALA E 308 -0.70 -29.59 37.94
CA ALA E 308 -2.08 -30.02 38.16
C ALA E 308 -2.13 -31.45 38.67
N PHE E 309 -1.34 -32.33 38.07
CA PHE E 309 -1.30 -33.72 38.54
C PHE E 309 -0.78 -33.80 39.97
N VAL E 310 0.28 -33.06 40.27
CA VAL E 310 0.83 -33.04 41.63
C VAL E 310 -0.20 -32.48 42.60
N ASN E 311 -0.84 -31.37 42.24
CA ASN E 311 -1.82 -30.76 43.11
C ASN E 311 -3.01 -31.69 43.35
N TYR E 312 -3.28 -32.59 42.40
CA TYR E 312 -4.41 -33.50 42.56
C TYR E 312 -4.10 -34.62 43.54
N ILE E 313 -2.85 -35.07 43.60
CA ILE E 313 -2.45 -36.18 44.46
C ILE E 313 -1.62 -35.72 45.64
N THR E 314 -1.60 -34.41 45.92
CA THR E 314 -0.85 -33.91 47.06
C THR E 314 -1.45 -34.35 48.39
N LYS E 315 -2.67 -34.89 48.37
CA LYS E 315 -3.32 -35.38 49.59
C LYS E 315 -3.09 -36.87 49.80
N SER E 316 -3.43 -37.70 48.81
CA SER E 316 -3.36 -39.14 48.99
C SER E 316 -1.93 -39.60 49.23
N GLN E 317 -1.01 -39.21 48.36
CA GLN E 317 0.38 -39.66 48.42
C GLN E 317 1.30 -38.46 48.27
N PRO E 318 1.44 -37.64 49.31
CA PRO E 318 2.34 -36.49 49.23
C PRO E 318 3.78 -36.89 48.94
N ALA E 319 4.22 -38.05 49.41
CA ALA E 319 5.61 -38.46 49.24
C ALA E 319 5.99 -38.51 47.75
N ARG E 320 5.18 -39.19 46.94
CA ARG E 320 5.49 -39.28 45.51
C ARG E 320 5.35 -37.92 44.84
N ALA E 321 4.43 -37.09 45.29
CA ALA E 321 4.26 -35.77 44.70
C ALA E 321 5.52 -34.93 44.85
N ALA E 322 6.13 -34.95 46.03
CA ALA E 322 7.36 -34.19 46.25
C ALA E 322 8.49 -34.70 45.36
N LYS E 323 8.58 -36.01 45.17
CA LYS E 323 9.61 -36.57 44.30
C LYS E 323 9.45 -36.05 42.88
N ILE E 324 8.22 -36.00 42.39
CA ILE E 324 7.99 -35.52 41.02
C ILE E 324 8.42 -34.07 40.89
N ASP E 325 8.07 -33.23 41.87
CA ASP E 325 8.42 -31.82 41.81
C ASP E 325 9.94 -31.64 41.77
N LYS E 326 10.65 -32.29 42.70
CA LYS E 326 12.10 -32.18 42.71
C LYS E 326 12.70 -32.77 41.44
N MET E 327 12.20 -33.93 41.00
CA MET E 327 12.69 -34.54 39.78
C MET E 327 12.36 -33.66 38.57
N SER E 328 11.21 -33.01 38.58
CA SER E 328 10.79 -32.20 37.43
C SER E 328 11.76 -31.06 37.19
N ARG E 329 12.29 -30.45 38.26
CA ARG E 329 13.17 -29.31 38.10
C ARG E 329 14.39 -29.65 37.25
N ILE E 330 14.79 -30.91 37.22
CA ILE E 330 15.99 -31.34 36.52
C ILE E 330 15.65 -31.93 35.15
N VAL E 331 14.56 -32.70 35.05
CA VAL E 331 14.26 -33.40 33.81
C VAL E 331 13.97 -32.41 32.69
N PHE E 332 13.09 -31.44 32.95
CA PHE E 332 12.65 -30.55 31.87
C PHE E 332 13.78 -29.73 31.30
N PRO E 333 14.61 -29.04 32.09
CA PRO E 333 15.71 -28.28 31.50
C PRO E 333 16.63 -29.13 30.64
N ILE E 334 16.93 -30.35 31.06
CA ILE E 334 17.80 -31.23 30.27
C ILE E 334 17.12 -31.59 28.96
N LEU E 335 15.84 -31.94 29.00
CA LEU E 335 15.12 -32.29 27.78
C LEU E 335 15.10 -31.11 26.81
N PHE E 336 14.79 -29.92 27.31
CA PHE E 336 14.79 -28.73 26.46
C PHE E 336 16.18 -28.47 25.89
N GLY E 337 17.21 -28.56 26.73
CA GLY E 337 18.57 -28.40 26.25
C GLY E 337 18.96 -29.48 25.27
N THR E 338 18.58 -30.73 25.56
CA THR E 338 18.89 -31.83 24.67
C THR E 338 18.20 -31.66 23.32
N PHE E 339 16.94 -31.22 23.34
CA PHE E 339 16.20 -31.05 22.09
C PHE E 339 16.87 -30.01 21.20
N ASN E 340 17.33 -28.90 21.77
CA ASN E 340 17.90 -27.84 20.96
C ASN E 340 19.12 -28.33 20.18
N LEU E 341 19.99 -29.10 20.83
CA LEU E 341 21.18 -29.59 20.15
C LEU E 341 20.79 -30.45 18.94
N VAL E 342 19.80 -31.32 19.11
CA VAL E 342 19.32 -32.11 17.98
C VAL E 342 18.73 -31.19 16.91
N TYR E 343 17.94 -30.21 17.33
CA TYR E 343 17.29 -29.31 16.38
C TYR E 343 18.31 -28.54 15.55
N TRP E 344 19.12 -27.71 16.21
CA TRP E 344 20.05 -26.86 15.47
C TRP E 344 21.06 -27.68 14.69
N ALA E 345 21.60 -28.73 15.31
CA ALA E 345 22.57 -29.58 14.61
C ALA E 345 21.93 -30.24 13.39
N THR E 346 20.66 -30.62 13.50
CA THR E 346 19.99 -31.29 12.40
C THR E 346 19.94 -30.41 11.15
N TYR E 347 19.62 -29.12 11.33
CA TYR E 347 19.51 -28.21 10.20
C TYR E 347 20.83 -27.55 9.83
N LEU E 348 21.70 -27.34 10.81
CA LEU E 348 23.02 -26.73 10.55
C LEU E 348 24.04 -27.81 10.20
N ASN E 349 23.78 -28.49 9.08
CA ASN E 349 24.64 -29.56 8.61
C ASN E 349 24.19 -30.05 7.24
#